data_5NV4
#
_entry.id   5NV4
#
_cell.length_a   78.226
_cell.length_b   142.162
_cell.length_c   186.087
_cell.angle_alpha   90.00
_cell.angle_beta   90.00
_cell.angle_gamma   90.00
#
_symmetry.space_group_name_H-M   'P 21 21 21'
#
loop_
_entity.id
_entity.type
_entity.pdbx_description
1 polymer 'UDP-glucose-glycoprotein glucosyltransferase-like protein'
2 branched beta-D-mannopyranose-(1-4)-2-acetamido-2-deoxy-beta-D-glucopyranose-(1-4)-2-acetamido-2-deoxy-beta-D-glucopyranose
3 non-polymer 2-acetamido-2-deoxy-beta-D-glucopyranose
4 non-polymer 'FORMIC ACID'
5 water water
#
_entity_poly.entity_id   1
_entity_poly.type   'polypeptide(L)'
_entity_poly.pdbx_seq_one_letter_code
;ETGQVAASPSINVALKAAFPSPPYLVELLETAASDNTTIYYSLLDRIAKGHFAEATTDKALYEKFLEVLRDDGHMDPEAL
SAFKLALSLRTATPRVEAHYQYYTATVEPSLSGTQEGCDQWFLIDGEQYCSPTLDTSHGKVKGEDQLRTLPFDRKFGVGS
RDVILYADITSKSFAPFHEVAMDLAKKGKASYRVRYRRSPSHSRESLSVNGYGVELVLKRTDYIVIDDRDTGAAAKPAEE
NDQKPLVGHETVLDDGEEIADIKPLEKSELAALGMKAASFVMQSEKPFEALLKLTQDFPKYSNSLGSQNVSAEFEAEHRG
NREVFLPEGSNVLWLNGLHLIDRQIQPFGLVDLLTRERKLIKSVLDLGLTGQQAVDLLGHAEVAHAKSGDDEPRRFDWRD
DIEEGQVIIWLNNLEKDKRYKSFSPSIWVLIHHFGHGLPQIRRDVFNLVVPVDLTKADDVKIVVEGLLSFVKRLIPVRFG
FVPLTPTGQAIDQAKVVYYLLENYGLAAATAYLEKSYEEQSTGQPNERIFNEVIKDKSLRPDGVELSFKDIFISEKHEKQ
IHLSKHWVERLRAGGDVPTVFFDGFPIPRECNWLRVMNHRLMQDLQALQQAGYFGMLNESMWLPGFFLEKALSRRNTLIF
PEDKNELTVLNVNKIYIENHDLMSKVPVIEASKESTRDDWAALTVVADLDDIEGQELVYYALRFRKSNDGVRLDIVHNPK
DTSRSPSVLAQRLKSREDKLLDFTRFLDLETALETGEFEPDVAYDASLANFLASSNMKAGDNFVILNGRVLGPITSADDF
KKEDFEVFLQAERRTRILPVYKALEDLGLDDKVSGPLSAAKLTSVTALSTISDLPQGIFDNAPTVRTTLFKQWNSTYTSF
EVGDASTATIFFVAVINPASEIGQRWVAVLKVLSELEGVHLRVFLNPTVMIEELPVKRFYRYVLSSSPSFDESGKVKALS
ARFTGVPRETLLVVGMDVPPAWLVTSKVAVDDLDNLRIKDIKAKRGTEHVEAIYELEHILIEGHSREIPCAHAPRGVQLV
LETENNPHFADTIIMANLGYFQFKANPGVYNIRLKEGRSSEIFTLESVGAKGWGPIPGDDNTEVVLMDFQGTTLYPRLRR
KPGMEEEDVLEPSTKSGEESGSGARNLVSRGIKFAEGLLGRGNKAAEATKSVSKTEHAEINIFSVASGHLYERMLNIMMA
SVMHHTNHTVKFWFIEQFLSPSFKDFIPHMAAEYGFKYEMVTYKWPHWLRQQKEKQREIWGYKILFLDVLFPLSLDKVIF
VDADQIVRTDMYDLVEHPLDGAPYGFAPMCDSRVEMEGYRFWKTGYWANYLKGKPYHISALYVVDLQRFRELAAGDRLRQ
QYHALSADPNSLANLDQDLPNHMQFTIPIATLPQEWLWCETWCSDETLKDARTIDLCNNPMTKEPKLDRARRQVPEWTKY
DEEIAELARRVREEKPKKKEEEKVQKNPKSRRLDGDEEEVKTVREGTKHHHHHH
;
_entity_poly.pdbx_strand_id   A
#
# COMPACT_ATOMS: atom_id res chain seq x y z
N ALA A 7 -42.36 3.46 -18.80
CA ALA A 7 -43.65 2.89 -18.40
C ALA A 7 -43.53 1.99 -17.16
N SER A 8 -42.51 1.11 -17.13
CA SER A 8 -42.24 0.16 -16.06
C SER A 8 -41.86 0.82 -14.72
N PRO A 9 -42.08 0.13 -13.56
CA PRO A 9 -41.66 0.71 -12.28
C PRO A 9 -40.13 0.68 -12.20
N SER A 10 -39.53 1.84 -11.97
CA SER A 10 -38.08 2.00 -11.98
C SER A 10 -37.46 2.49 -10.68
N ILE A 11 -36.14 2.26 -10.52
CA ILE A 11 -35.35 2.74 -9.39
C ILE A 11 -34.12 3.44 -9.96
N ASN A 12 -33.87 4.69 -9.56
CA ASN A 12 -32.75 5.48 -10.04
C ASN A 12 -31.88 5.94 -8.90
N VAL A 13 -30.56 5.65 -8.99
CA VAL A 13 -29.57 6.03 -7.98
C VAL A 13 -28.39 6.81 -8.60
N ALA A 14 -28.09 8.00 -8.03
CA ALA A 14 -27.02 8.88 -8.48
C ALA A 14 -26.08 9.27 -7.33
N LEU A 15 -24.78 9.49 -7.65
CA LEU A 15 -23.77 9.91 -6.69
C LEU A 15 -23.15 11.25 -7.07
N LYS A 16 -22.98 12.13 -6.07
CA LYS A 16 -22.41 13.46 -6.21
C LYS A 16 -21.31 13.66 -5.19
N ALA A 17 -20.19 14.28 -5.58
CA ALA A 17 -19.03 14.52 -4.72
C ALA A 17 -19.25 15.61 -3.66
N ALA A 18 -18.32 15.74 -2.70
CA ALA A 18 -18.40 16.73 -1.61
C ALA A 18 -17.75 18.08 -1.97
N PHE A 19 -17.40 18.28 -3.25
CA PHE A 19 -16.78 19.51 -3.73
C PHE A 19 -17.43 19.97 -5.04
N PRO A 20 -17.52 21.31 -5.30
CA PRO A 20 -18.16 21.76 -6.54
C PRO A 20 -17.41 21.36 -7.81
N SER A 21 -18.15 21.29 -8.92
CA SER A 21 -17.58 20.92 -10.20
C SER A 21 -16.69 22.02 -10.79
N PRO A 22 -15.40 21.69 -11.04
CA PRO A 22 -14.49 22.67 -11.65
C PRO A 22 -14.90 23.00 -13.09
N PRO A 23 -14.50 24.17 -13.64
CA PRO A 23 -14.87 24.51 -15.03
C PRO A 23 -14.39 23.45 -16.00
N TYR A 24 -15.24 23.08 -16.97
CA TYR A 24 -14.90 22.04 -17.93
C TYR A 24 -13.60 22.27 -18.68
N LEU A 25 -13.31 23.53 -19.06
CA LEU A 25 -12.10 23.88 -19.79
C LEU A 25 -10.82 23.36 -19.13
N VAL A 26 -10.61 23.74 -17.86
CA VAL A 26 -9.46 23.34 -17.07
C VAL A 26 -9.41 21.80 -16.88
N GLU A 27 -10.59 21.16 -16.78
CA GLU A 27 -10.68 19.70 -16.64
C GLU A 27 -10.15 19.00 -17.88
N LEU A 28 -10.46 19.52 -19.08
CA LEU A 28 -9.99 18.92 -20.34
C LEU A 28 -8.51 19.10 -20.53
N LEU A 29 -7.95 20.20 -20.02
CA LEU A 29 -6.53 20.48 -20.10
C LEU A 29 -5.77 19.40 -19.35
N GLU A 30 -6.18 19.17 -18.10
CA GLU A 30 -5.61 18.19 -17.18
C GLU A 30 -5.79 16.76 -17.63
N THR A 31 -6.99 16.39 -18.05
CA THR A 31 -7.21 15.03 -18.50
C THR A 31 -6.30 14.78 -19.70
N ALA A 32 -6.31 15.72 -20.65
CA ALA A 32 -5.59 15.64 -21.90
C ALA A 32 -4.12 15.42 -21.75
N ALA A 33 -3.49 16.21 -20.89
CA ALA A 33 -2.08 16.09 -20.64
C ALA A 33 -1.95 15.37 -19.31
N SER A 34 -1.99 14.03 -19.34
CA SER A 34 -1.99 13.27 -18.10
C SER A 34 -0.76 13.57 -17.26
N ASP A 35 0.40 13.38 -17.85
CA ASP A 35 1.67 13.59 -17.18
C ASP A 35 2.73 14.00 -18.17
N ASN A 36 2.33 14.24 -19.43
CA ASN A 36 3.26 14.79 -20.41
C ASN A 36 3.04 16.27 -20.25
N THR A 37 4.10 16.99 -19.93
CA THR A 37 4.03 18.44 -19.74
C THR A 37 3.96 19.13 -21.08
N THR A 38 4.66 18.61 -22.08
CA THR A 38 4.66 19.27 -23.38
C THR A 38 3.23 19.44 -23.86
N ILE A 39 2.39 18.40 -23.73
CA ILE A 39 0.97 18.47 -24.10
C ILE A 39 0.25 19.55 -23.31
N TYR A 40 0.63 19.73 -22.04
CA TYR A 40 0.01 20.68 -21.15
C TYR A 40 0.20 22.12 -21.60
N TYR A 41 1.46 22.56 -21.71
CA TYR A 41 1.77 23.91 -22.12
C TYR A 41 1.48 24.17 -23.59
N SER A 42 1.60 23.14 -24.46
CA SER A 42 1.26 23.25 -25.88
C SER A 42 -0.23 23.55 -26.05
N LEU A 43 -1.06 23.11 -25.09
CA LEU A 43 -2.50 23.36 -25.07
C LEU A 43 -2.77 24.68 -24.37
N LEU A 44 -1.94 25.01 -23.37
CA LEU A 44 -2.06 26.25 -22.62
C LEU A 44 -1.81 27.45 -23.53
N ASP A 45 -0.98 27.26 -24.58
CA ASP A 45 -0.71 28.27 -25.60
C ASP A 45 -2.01 28.50 -26.36
N ARG A 46 -2.62 27.40 -26.87
CA ARG A 46 -3.84 27.38 -27.66
C ARG A 46 -5.01 28.14 -27.05
N ILE A 47 -5.20 28.04 -25.74
CA ILE A 47 -6.30 28.72 -25.07
C ILE A 47 -5.94 30.17 -24.71
N ALA A 48 -4.64 30.49 -24.69
CA ALA A 48 -4.17 31.85 -24.41
C ALA A 48 -4.16 32.67 -25.70
N LYS A 49 -4.41 32.01 -26.85
CA LYS A 49 -4.57 32.67 -28.14
C LYS A 49 -5.91 33.35 -28.04
N GLY A 50 -6.82 32.68 -27.34
CA GLY A 50 -8.22 33.00 -27.18
C GLY A 50 -8.92 32.07 -28.15
N HIS A 51 -8.21 30.97 -28.50
CA HIS A 51 -8.62 29.95 -29.45
C HIS A 51 -9.83 29.20 -28.96
N PHE A 52 -9.88 28.88 -27.66
CA PHE A 52 -11.02 28.14 -27.13
C PHE A 52 -12.15 29.05 -26.60
N ALA A 53 -12.15 30.33 -26.97
CA ALA A 53 -13.17 31.29 -26.55
C ALA A 53 -14.46 31.15 -27.36
N GLU A 54 -14.32 30.74 -28.62
CA GLU A 54 -15.42 30.65 -29.59
C GLU A 54 -16.30 29.41 -29.44
N ALA A 55 -15.97 28.51 -28.51
CA ALA A 55 -16.76 27.32 -28.24
C ALA A 55 -17.60 27.65 -27.00
N THR A 56 -18.92 27.74 -27.22
CA THR A 56 -19.90 28.12 -26.21
C THR A 56 -20.27 27.03 -25.19
N THR A 57 -20.38 25.77 -25.65
CA THR A 57 -20.83 24.67 -24.81
C THR A 57 -19.80 23.60 -24.58
N ASP A 58 -19.96 22.85 -23.47
CA ASP A 58 -19.08 21.77 -23.07
C ASP A 58 -18.85 20.78 -24.18
N LYS A 59 -19.92 20.42 -24.91
CA LYS A 59 -19.83 19.51 -26.04
C LYS A 59 -18.92 20.06 -27.09
N ALA A 60 -19.14 21.33 -27.49
CA ALA A 60 -18.37 22.04 -28.51
C ALA A 60 -16.91 22.11 -28.10
N LEU A 61 -16.69 22.44 -26.83
CA LEU A 61 -15.38 22.55 -26.21
C LEU A 61 -14.69 21.19 -26.26
N TYR A 62 -15.42 20.13 -25.91
CA TYR A 62 -14.91 18.77 -25.96
C TYR A 62 -14.62 18.40 -27.40
N GLU A 63 -15.51 18.78 -28.33
CA GLU A 63 -15.39 18.53 -29.76
C GLU A 63 -14.14 19.16 -30.31
N LYS A 64 -13.84 20.40 -29.88
CA LYS A 64 -12.69 21.16 -30.29
C LYS A 64 -11.39 20.47 -29.91
N PHE A 65 -11.30 19.94 -28.69
CA PHE A 65 -10.10 19.26 -28.20
C PHE A 65 -9.70 18.05 -29.06
N LEU A 66 -10.67 17.25 -29.53
CA LEU A 66 -10.43 16.08 -30.38
C LEU A 66 -9.71 16.45 -31.68
N GLU A 67 -10.20 17.49 -32.38
CA GLU A 67 -9.61 17.98 -33.63
C GLU A 67 -8.18 18.44 -33.40
N VAL A 68 -7.96 19.26 -32.35
CA VAL A 68 -6.68 19.81 -31.92
C VAL A 68 -5.64 18.73 -31.63
N LEU A 69 -5.96 17.80 -30.72
CA LEU A 69 -5.04 16.73 -30.32
C LEU A 69 -4.60 15.92 -31.52
N ARG A 70 -5.56 15.50 -32.37
CA ARG A 70 -5.29 14.74 -33.59
C ARG A 70 -4.43 15.54 -34.56
N ASP A 71 -4.77 16.83 -34.77
CA ASP A 71 -4.07 17.72 -35.70
C ASP A 71 -2.64 18.06 -35.29
N ASP A 72 -2.40 18.24 -33.97
CA ASP A 72 -1.08 18.60 -33.48
C ASP A 72 -0.15 17.39 -33.19
N GLY A 73 -0.65 16.18 -33.45
CA GLY A 73 0.09 14.93 -33.28
C GLY A 73 0.20 14.40 -31.87
N HIS A 74 -0.54 15.01 -30.92
CA HIS A 74 -0.54 14.67 -29.50
C HIS A 74 -1.05 13.27 -29.18
N MET A 75 -2.16 12.87 -29.81
CA MET A 75 -2.77 11.57 -29.58
C MET A 75 -3.07 10.88 -30.88
N ASP A 76 -3.00 9.57 -30.83
CA ASP A 76 -3.30 8.68 -31.94
C ASP A 76 -4.65 8.07 -31.60
N PRO A 77 -5.23 7.15 -32.44
CA PRO A 77 -6.53 6.56 -32.10
C PRO A 77 -6.56 5.95 -30.70
N GLU A 78 -5.53 5.15 -30.36
CA GLU A 78 -5.39 4.45 -29.07
C GLU A 78 -5.46 5.41 -27.90
N ALA A 79 -4.68 6.50 -27.95
CA ALA A 79 -4.59 7.48 -26.88
C ALA A 79 -5.82 8.37 -26.79
N LEU A 80 -6.46 8.66 -27.94
CA LEU A 80 -7.67 9.47 -28.01
C LEU A 80 -8.80 8.76 -27.31
N SER A 81 -8.94 7.46 -27.59
CA SER A 81 -9.95 6.57 -27.03
C SER A 81 -9.84 6.50 -25.52
N ALA A 82 -8.59 6.45 -25.03
CA ALA A 82 -8.23 6.41 -23.60
C ALA A 82 -8.58 7.74 -22.96
N PHE A 83 -8.44 8.85 -23.71
CA PHE A 83 -8.76 10.21 -23.25
C PHE A 83 -10.26 10.32 -22.95
N LYS A 84 -11.12 9.86 -23.88
CA LYS A 84 -12.57 9.93 -23.73
C LYS A 84 -13.04 9.22 -22.46
N LEU A 85 -12.59 7.97 -22.23
CA LEU A 85 -12.95 7.20 -21.04
C LEU A 85 -12.53 7.88 -19.75
N ALA A 86 -11.29 8.38 -19.69
CA ALA A 86 -10.74 9.07 -18.52
C ALA A 86 -11.50 10.37 -18.28
N LEU A 87 -11.97 11.02 -19.35
CA LEU A 87 -12.75 12.25 -19.31
C LEU A 87 -14.15 11.96 -18.76
N SER A 88 -14.72 10.78 -19.11
CA SER A 88 -16.02 10.36 -18.59
C SER A 88 -15.86 10.19 -17.10
N LEU A 89 -14.84 9.44 -16.69
CA LEU A 89 -14.54 9.13 -15.30
C LEU A 89 -14.32 10.35 -14.42
N ARG A 90 -14.04 11.51 -15.03
CA ARG A 90 -13.81 12.79 -14.37
C ARG A 90 -12.61 12.70 -13.43
N THR A 91 -11.56 11.98 -13.87
CA THR A 91 -10.31 11.68 -13.15
C THR A 91 -9.54 12.92 -12.73
N ALA A 92 -9.59 13.97 -13.55
CA ALA A 92 -8.86 15.22 -13.33
C ALA A 92 -9.52 16.19 -12.34
N THR A 93 -10.85 16.08 -12.08
CA THR A 93 -11.58 16.96 -11.15
C THR A 93 -10.95 17.02 -9.73
N PRO A 94 -10.58 15.89 -9.04
CA PRO A 94 -9.95 16.04 -7.72
C PRO A 94 -8.57 16.68 -7.76
N ARG A 95 -7.85 16.55 -8.90
CA ARG A 95 -6.52 17.12 -9.13
C ARG A 95 -6.59 18.64 -9.12
N VAL A 96 -7.67 19.21 -9.68
CA VAL A 96 -7.94 20.66 -9.78
C VAL A 96 -8.36 21.22 -8.41
N GLU A 97 -9.18 20.47 -7.67
CA GLU A 97 -9.66 20.82 -6.33
C GLU A 97 -8.52 20.83 -5.31
N ALA A 98 -7.42 20.13 -5.62
CA ALA A 98 -6.24 20.10 -4.78
C ALA A 98 -5.64 21.51 -4.76
N HIS A 99 -5.59 22.13 -5.95
CA HIS A 99 -5.10 23.48 -6.15
C HIS A 99 -5.89 24.47 -5.31
N TYR A 100 -7.21 24.41 -5.42
CA TYR A 100 -8.15 25.28 -4.72
C TYR A 100 -8.01 25.18 -3.23
N GLN A 101 -8.06 23.95 -2.66
CA GLN A 101 -7.93 23.77 -1.22
C GLN A 101 -6.59 24.30 -0.76
N TYR A 102 -5.52 24.06 -1.54
CA TYR A 102 -4.20 24.57 -1.21
C TYR A 102 -4.24 26.10 -1.22
N TYR A 103 -4.82 26.68 -2.27
CA TYR A 103 -4.94 28.11 -2.44
C TYR A 103 -5.75 28.76 -1.31
N THR A 104 -6.88 28.16 -0.94
CA THR A 104 -7.79 28.67 0.10
C THR A 104 -7.15 28.62 1.49
N ALA A 105 -6.40 27.55 1.80
CA ALA A 105 -5.85 27.31 3.13
C ALA A 105 -4.39 27.75 3.39
N THR A 106 -3.56 27.93 2.36
CA THR A 106 -2.17 28.34 2.62
C THR A 106 -1.84 29.66 1.93
N VAL A 107 -2.39 29.93 0.72
CA VAL A 107 -2.10 31.16 -0.02
C VAL A 107 -2.76 32.42 0.57
N GLU A 108 -4.11 32.43 0.61
CA GLU A 108 -4.90 33.57 1.09
C GLU A 108 -4.52 34.07 2.49
N PRO A 109 -4.32 33.21 3.52
CA PRO A 109 -3.95 33.74 4.86
C PRO A 109 -2.48 34.16 5.01
N SER A 110 -1.62 33.84 4.03
CA SER A 110 -0.20 34.19 4.04
C SER A 110 0.09 35.33 3.06
N LEU A 111 -0.97 35.89 2.49
CA LEU A 111 -0.90 37.01 1.56
C LEU A 111 -1.68 38.18 2.16
N SER A 112 -1.06 38.84 3.13
CA SER A 112 -1.67 39.98 3.81
C SER A 112 -1.66 41.22 2.92
N GLY A 113 -2.72 42.02 3.04
CA GLY A 113 -2.95 43.23 2.28
C GLY A 113 -4.37 43.37 1.78
N THR A 114 -4.58 44.25 0.79
CA THR A 114 -5.88 44.50 0.18
C THR A 114 -5.84 44.11 -1.30
N GLN A 115 -6.50 43.00 -1.64
CA GLN A 115 -6.54 42.49 -3.01
C GLN A 115 -7.78 42.97 -3.76
N GLU A 116 -7.54 43.72 -4.85
CA GLU A 116 -8.53 44.25 -5.78
C GLU A 116 -7.80 44.48 -7.10
N GLY A 117 -8.22 43.74 -8.13
CA GLY A 117 -7.60 43.76 -9.45
C GLY A 117 -6.53 42.69 -9.62
N CYS A 118 -6.13 42.05 -8.49
CA CYS A 118 -5.12 40.99 -8.48
C CYS A 118 -5.75 39.62 -8.70
N ASP A 119 -6.48 39.45 -9.82
CA ASP A 119 -7.09 38.16 -10.14
C ASP A 119 -6.01 37.13 -10.38
N GLN A 120 -4.96 37.53 -11.10
CA GLN A 120 -3.80 36.68 -11.36
C GLN A 120 -2.60 37.39 -10.79
N TRP A 121 -1.58 36.64 -10.37
CA TRP A 121 -0.32 37.21 -9.87
C TRP A 121 0.80 36.23 -9.72
N PHE A 122 1.95 36.57 -10.30
CA PHE A 122 3.16 35.81 -10.16
C PHE A 122 3.69 35.98 -8.75
N LEU A 123 4.41 34.98 -8.26
CA LEU A 123 5.09 35.04 -6.98
C LEU A 123 6.56 34.88 -7.27
N ILE A 124 7.36 35.92 -6.98
CA ILE A 124 8.81 35.91 -7.18
C ILE A 124 9.48 36.37 -5.90
N ASP A 125 10.41 35.56 -5.36
CA ASP A 125 11.20 35.85 -4.16
C ASP A 125 10.37 36.34 -2.97
N GLY A 126 9.24 35.68 -2.72
CA GLY A 126 8.31 36.04 -1.65
C GLY A 126 7.71 37.41 -1.88
N GLU A 127 7.53 37.77 -3.15
CA GLU A 127 7.00 39.07 -3.59
C GLU A 127 5.94 38.80 -4.63
N GLN A 128 4.79 39.45 -4.47
CA GLN A 128 3.64 39.30 -5.36
C GLN A 128 3.60 40.41 -6.41
N TYR A 129 3.37 40.06 -7.68
CA TYR A 129 3.25 41.04 -8.76
C TYR A 129 1.94 40.87 -9.52
N CYS A 130 0.98 41.80 -9.32
CA CYS A 130 -0.34 41.75 -9.96
C CYS A 130 -0.33 42.16 -11.43
N SER A 131 0.83 42.57 -11.96
CA SER A 131 0.98 43.00 -13.34
C SER A 131 2.05 42.22 -14.10
N PRO A 132 1.87 41.96 -15.42
CA PRO A 132 2.95 41.29 -16.18
C PRO A 132 4.22 42.14 -16.27
N THR A 133 4.05 43.48 -16.44
CA THR A 133 5.12 44.49 -16.58
C THR A 133 6.08 44.48 -15.36
N LEU A 134 5.68 43.87 -14.23
CA LEU A 134 6.48 43.57 -13.04
C LEU A 134 7.21 44.75 -12.34
N ASP A 135 6.72 45.99 -12.51
CA ASP A 135 7.35 47.16 -11.90
C ASP A 135 7.16 47.29 -10.37
N THR A 136 5.94 47.02 -9.86
CA THR A 136 5.62 47.15 -8.43
C THR A 136 5.27 45.81 -7.76
N SER A 137 5.75 45.61 -6.50
CA SER A 137 5.45 44.44 -5.68
C SER A 137 4.69 44.78 -4.41
N HIS A 138 3.49 44.21 -4.30
CA HIS A 138 2.58 44.41 -3.17
C HIS A 138 3.08 43.83 -1.86
N GLY A 139 3.60 42.60 -1.86
CA GLY A 139 3.96 42.03 -0.58
C GLY A 139 5.11 41.09 -0.35
N LYS A 140 5.47 41.04 0.93
CA LYS A 140 6.39 40.13 1.59
C LYS A 140 5.36 39.12 2.09
N VAL A 141 5.35 37.91 1.52
CA VAL A 141 4.35 36.91 1.87
C VAL A 141 4.75 36.18 3.15
N LYS A 142 3.83 36.16 4.13
CA LYS A 142 4.04 35.51 5.43
C LYS A 142 3.99 33.98 5.28
N GLY A 143 4.45 33.27 6.32
CA GLY A 143 4.45 31.81 6.36
C GLY A 143 5.60 31.10 5.67
N GLU A 144 5.50 29.75 5.62
CA GLU A 144 6.48 28.84 5.02
C GLU A 144 6.54 28.96 3.51
N ASP A 145 7.70 28.59 2.91
CA ASP A 145 7.96 28.68 1.47
C ASP A 145 6.96 27.92 0.62
N GLN A 146 6.47 28.59 -0.41
CA GLN A 146 5.53 28.04 -1.38
C GLN A 146 6.27 27.50 -2.57
N LEU A 147 7.60 27.62 -2.57
CA LEU A 147 8.43 27.16 -3.66
C LEU A 147 8.72 25.68 -3.60
N ARG A 148 8.23 25.01 -2.56
CA ARG A 148 8.38 23.56 -2.42
C ARG A 148 7.65 22.92 -3.60
N THR A 149 8.33 22.05 -4.35
CA THR A 149 7.68 21.37 -5.48
C THR A 149 6.82 20.27 -4.92
N LEU A 150 5.53 20.33 -5.25
CA LEU A 150 4.58 19.37 -4.73
C LEU A 150 3.91 18.55 -5.87
N PRO A 151 3.25 17.41 -5.49
CA PRO A 151 2.74 16.46 -6.49
C PRO A 151 2.01 16.98 -7.71
N PHE A 152 1.15 18.01 -7.58
CA PHE A 152 0.39 18.48 -8.73
C PHE A 152 1.13 19.49 -9.60
N ASP A 153 2.36 19.85 -9.24
CA ASP A 153 3.15 20.81 -9.99
C ASP A 153 3.60 20.32 -11.35
N ARG A 154 3.86 21.29 -12.21
CA ARG A 154 4.42 21.13 -13.54
C ARG A 154 5.47 22.18 -13.65
N LYS A 155 6.55 21.90 -14.35
CA LYS A 155 7.56 22.91 -14.57
C LYS A 155 7.82 22.99 -16.04
N PHE A 156 8.02 24.19 -16.52
CA PHE A 156 8.36 24.44 -17.90
C PHE A 156 9.67 25.17 -17.88
N GLY A 157 10.66 24.53 -18.49
CA GLY A 157 12.01 25.08 -18.59
C GLY A 157 12.83 25.00 -17.32
N VAL A 158 14.13 25.25 -17.50
CA VAL A 158 15.14 25.28 -16.46
C VAL A 158 15.52 26.72 -16.31
N GLY A 159 15.63 27.17 -15.07
CA GLY A 159 16.03 28.52 -14.77
C GLY A 159 16.47 28.64 -13.34
N SER A 160 17.51 29.45 -13.09
CA SER A 160 18.04 29.69 -11.75
C SER A 160 16.89 30.21 -10.88
N ARG A 161 16.20 31.26 -11.35
CA ARG A 161 15.07 31.82 -10.62
C ARG A 161 13.82 30.97 -10.80
N ASP A 162 12.99 30.91 -9.76
CA ASP A 162 11.76 30.12 -9.83
C ASP A 162 10.56 31.03 -9.79
N VAL A 163 9.66 30.91 -10.79
CA VAL A 163 8.47 31.77 -10.91
C VAL A 163 7.16 30.95 -10.89
N ILE A 164 6.13 31.44 -10.15
CA ILE A 164 4.82 30.79 -10.00
C ILE A 164 3.69 31.77 -10.37
N LEU A 165 2.73 31.33 -11.21
CA LEU A 165 1.56 32.12 -11.62
C LEU A 165 0.26 31.47 -11.11
N TYR A 166 -0.47 32.15 -10.21
CA TYR A 166 -1.76 31.68 -9.68
C TYR A 166 -2.84 32.27 -10.55
N ALA A 167 -3.42 31.47 -11.43
CA ALA A 167 -4.36 32.02 -12.40
C ALA A 167 -5.74 31.46 -12.40
N ASP A 168 -6.69 32.30 -12.82
CA ASP A 168 -8.04 31.91 -13.13
C ASP A 168 -7.97 31.93 -14.64
N ILE A 169 -7.81 30.76 -15.24
CA ILE A 169 -7.67 30.60 -16.68
C ILE A 169 -8.89 31.08 -17.45
N THR A 170 -10.09 30.82 -16.90
CA THR A 170 -11.41 31.11 -17.50
C THR A 170 -11.49 32.47 -18.21
N SER A 171 -11.07 33.56 -17.54
CA SER A 171 -11.12 34.92 -18.10
C SER A 171 -10.02 35.17 -19.15
N LYS A 172 -10.14 36.29 -19.85
CA LYS A 172 -9.22 36.74 -20.90
C LYS A 172 -8.02 37.44 -20.27
N SER A 173 -8.18 37.91 -19.01
CA SER A 173 -7.17 38.61 -18.21
C SER A 173 -5.89 37.78 -18.03
N PHE A 174 -5.99 36.47 -18.28
CA PHE A 174 -4.92 35.49 -18.12
C PHE A 174 -3.84 35.56 -19.22
N ALA A 175 -4.25 35.42 -20.51
CA ALA A 175 -3.42 35.37 -21.73
C ALA A 175 -2.11 36.21 -21.70
N PRO A 176 -2.11 37.56 -21.44
CA PRO A 176 -0.82 38.29 -21.43
C PRO A 176 0.18 37.86 -20.36
N PHE A 177 -0.29 37.55 -19.12
CA PHE A 177 0.53 37.12 -17.97
C PHE A 177 1.33 35.85 -18.33
N HIS A 178 0.63 34.87 -18.90
CA HIS A 178 1.18 33.59 -19.34
C HIS A 178 2.37 33.78 -20.26
N GLU A 179 2.15 34.52 -21.37
CA GLU A 179 3.12 34.82 -22.42
C GLU A 179 4.39 35.46 -21.92
N VAL A 180 4.27 36.27 -20.86
CA VAL A 180 5.38 36.97 -20.20
C VAL A 180 6.36 35.94 -19.64
N ALA A 181 5.82 34.91 -18.95
CA ALA A 181 6.64 33.87 -18.33
C ALA A 181 6.90 32.67 -19.23
N MET A 182 6.10 32.46 -20.28
CA MET A 182 6.34 31.36 -21.21
C MET A 182 7.65 31.69 -21.93
N ASP A 183 7.73 32.92 -22.46
CA ASP A 183 8.89 33.45 -23.18
C ASP A 183 10.12 33.52 -22.27
N LEU A 184 9.91 34.00 -21.01
CA LEU A 184 10.95 34.13 -19.98
C LEU A 184 11.60 32.76 -19.71
N ALA A 185 10.78 31.68 -19.76
CA ALA A 185 11.23 30.31 -19.59
C ALA A 185 11.88 29.81 -20.88
N LYS A 186 11.32 30.18 -22.06
CA LYS A 186 11.86 29.81 -23.39
C LYS A 186 13.27 30.34 -23.55
N LYS A 187 13.54 31.54 -22.98
CA LYS A 187 14.84 32.19 -22.98
C LYS A 187 15.77 31.42 -22.03
N GLY A 188 15.31 31.21 -20.80
CA GLY A 188 16.05 30.49 -19.77
C GLY A 188 16.33 31.28 -18.50
N LYS A 189 15.67 32.45 -18.34
CA LYS A 189 15.83 33.34 -17.17
C LYS A 189 15.39 32.67 -15.87
N ALA A 190 14.27 31.93 -15.93
CA ALA A 190 13.67 31.19 -14.81
C ALA A 190 12.77 30.06 -15.30
N SER A 191 12.41 29.12 -14.40
CA SER A 191 11.52 27.98 -14.68
C SER A 191 10.07 28.32 -14.31
N TYR A 192 9.13 27.99 -15.21
CA TYR A 192 7.70 28.32 -15.15
C TYR A 192 6.81 27.21 -14.67
N ARG A 193 5.85 27.53 -13.78
CA ARG A 193 4.82 26.59 -13.31
C ARG A 193 3.51 27.29 -12.98
N VAL A 194 2.38 26.64 -13.30
CA VAL A 194 1.04 27.18 -13.10
C VAL A 194 0.31 26.52 -11.92
N ARG A 195 -0.30 27.34 -11.07
CA ARG A 195 -1.15 26.94 -9.95
C ARG A 195 -2.53 27.56 -10.18
N TYR A 196 -3.59 26.94 -9.66
CA TYR A 196 -4.94 27.40 -9.90
C TYR A 196 -5.54 28.26 -8.83
N ARG A 197 -6.53 29.04 -9.27
CA ARG A 197 -7.33 29.92 -8.46
C ARG A 197 -8.78 29.59 -8.75
N ARG A 198 -9.58 29.40 -7.69
CA ARG A 198 -11.00 29.10 -7.82
C ARG A 198 -11.65 30.25 -8.58
N SER A 199 -12.23 29.92 -9.74
CA SER A 199 -12.83 30.88 -10.65
C SER A 199 -14.30 31.20 -10.35
N PRO A 200 -14.60 32.46 -9.95
CA PRO A 200 -15.99 32.83 -9.61
C PRO A 200 -16.97 33.04 -10.78
N SER A 201 -16.57 32.71 -12.03
CA SER A 201 -17.42 32.78 -13.22
C SER A 201 -18.35 31.56 -13.16
N HIS A 202 -17.84 30.45 -12.59
CA HIS A 202 -18.53 29.19 -12.42
C HIS A 202 -19.42 29.19 -11.19
N SER A 203 -20.47 28.35 -11.23
CA SER A 203 -21.38 28.20 -10.12
C SER A 203 -20.88 27.16 -9.10
N ARG A 204 -21.48 27.17 -7.91
CA ARG A 204 -21.15 26.28 -6.81
C ARG A 204 -22.04 25.02 -6.85
N GLU A 205 -22.24 24.47 -8.06
CA GLU A 205 -23.02 23.25 -8.18
C GLU A 205 -22.08 22.11 -7.87
N SER A 206 -22.57 21.08 -7.18
CA SER A 206 -21.76 19.92 -6.85
C SER A 206 -21.49 19.06 -8.09
N LEU A 207 -20.50 18.19 -7.97
CA LEU A 207 -20.02 17.33 -9.03
C LEU A 207 -20.72 16.00 -9.06
N SER A 208 -21.16 15.56 -10.26
CA SER A 208 -21.79 14.26 -10.43
C SER A 208 -20.72 13.27 -10.87
N VAL A 209 -20.57 12.18 -10.11
CA VAL A 209 -19.53 11.17 -10.33
C VAL A 209 -20.04 9.88 -10.97
N ASN A 210 -19.11 9.05 -11.43
CA ASN A 210 -19.36 7.73 -12.02
C ASN A 210 -18.11 6.87 -11.85
N GLY A 211 -18.26 5.57 -12.02
CA GLY A 211 -17.19 4.59 -11.84
C GLY A 211 -17.47 3.70 -10.64
N TYR A 212 -18.71 3.71 -10.16
CA TYR A 212 -19.19 2.95 -9.01
C TYR A 212 -20.29 2.00 -9.47
N GLY A 213 -20.74 1.15 -8.55
CA GLY A 213 -21.82 0.20 -8.79
C GLY A 213 -22.90 0.30 -7.75
N VAL A 214 -24.12 -0.07 -8.13
CA VAL A 214 -25.27 -0.11 -7.22
C VAL A 214 -25.78 -1.54 -7.22
N GLU A 215 -26.20 -2.01 -6.05
CA GLU A 215 -26.76 -3.33 -5.87
C GLU A 215 -28.14 -3.25 -5.21
N LEU A 216 -29.05 -4.14 -5.63
CA LEU A 216 -30.37 -4.28 -5.02
C LEU A 216 -30.39 -5.69 -4.46
N VAL A 217 -30.19 -5.80 -3.14
CA VAL A 217 -30.07 -7.04 -2.40
C VAL A 217 -31.41 -7.53 -1.89
N LEU A 218 -31.72 -8.81 -2.15
CA LEU A 218 -32.92 -9.49 -1.66
C LEU A 218 -32.70 -9.74 -0.18
N LYS A 219 -33.54 -9.17 0.69
CA LYS A 219 -33.32 -9.34 2.14
C LYS A 219 -33.98 -10.59 2.71
N ARG A 220 -34.91 -11.20 1.96
CA ARG A 220 -35.53 -12.47 2.35
C ARG A 220 -35.09 -13.48 1.31
N THR A 221 -34.21 -14.42 1.70
CA THR A 221 -33.68 -15.43 0.81
C THR A 221 -34.25 -16.82 1.12
N ASP A 222 -34.89 -16.95 2.30
CA ASP A 222 -35.51 -18.17 2.86
C ASP A 222 -36.40 -18.95 1.89
N TYR A 223 -37.17 -18.25 1.03
CA TYR A 223 -38.06 -18.95 0.12
C TYR A 223 -37.33 -19.52 -1.11
N ILE A 224 -37.42 -20.86 -1.23
CA ILE A 224 -37.02 -21.88 -2.22
C ILE A 224 -37.73 -23.15 -1.74
N VAL A 225 -38.16 -24.02 -2.66
CA VAL A 225 -38.85 -25.28 -2.35
C VAL A 225 -37.86 -26.37 -1.91
N ILE A 259 -44.59 -7.09 -15.74
CA ILE A 259 -44.02 -8.35 -16.20
C ILE A 259 -43.75 -9.31 -15.01
N ALA A 260 -42.91 -8.89 -14.07
CA ALA A 260 -42.50 -9.69 -12.92
C ALA A 260 -43.23 -9.26 -11.65
N ASP A 261 -43.72 -10.22 -10.88
CA ASP A 261 -44.39 -9.93 -9.61
C ASP A 261 -43.39 -10.09 -8.46
N ILE A 262 -42.69 -11.23 -8.45
CA ILE A 262 -41.68 -11.65 -7.49
C ILE A 262 -40.95 -12.80 -8.15
N LYS A 263 -39.68 -13.06 -7.76
CA LYS A 263 -38.95 -14.19 -8.32
C LYS A 263 -39.67 -15.49 -7.88
N PRO A 264 -39.91 -16.44 -8.82
CA PRO A 264 -40.57 -17.70 -8.43
C PRO A 264 -39.53 -18.71 -7.93
N LEU A 265 -39.63 -19.10 -6.65
CA LEU A 265 -38.62 -20.01 -6.14
C LEU A 265 -38.90 -21.39 -6.56
N GLU A 266 -37.86 -21.98 -7.05
CA GLU A 266 -37.81 -23.20 -7.79
C GLU A 266 -37.12 -24.26 -6.99
N LYS A 267 -37.52 -25.49 -7.27
CA LYS A 267 -37.07 -26.66 -6.55
C LYS A 267 -35.60 -26.75 -6.67
N SER A 268 -34.95 -26.97 -5.54
CA SER A 268 -33.53 -26.84 -5.38
C SER A 268 -32.70 -27.76 -6.26
N GLU A 269 -32.58 -27.35 -7.50
CA GLU A 269 -31.73 -27.93 -8.51
C GLU A 269 -30.90 -26.77 -8.86
N LEU A 270 -30.14 -26.35 -7.88
CA LEU A 270 -29.24 -25.24 -8.00
C LEU A 270 -28.08 -25.62 -8.82
N ALA A 271 -27.52 -26.81 -8.55
CA ALA A 271 -26.29 -27.35 -9.13
C ALA A 271 -26.05 -27.02 -10.61
N ALA A 272 -27.09 -27.02 -11.43
CA ALA A 272 -26.94 -26.76 -12.86
C ALA A 272 -26.98 -25.29 -13.29
N LEU A 273 -27.30 -24.34 -12.39
CA LEU A 273 -27.42 -22.93 -12.74
C LEU A 273 -26.26 -22.35 -13.46
N GLY A 274 -25.07 -22.56 -12.91
CA GLY A 274 -23.86 -22.04 -13.54
C GLY A 274 -23.72 -22.64 -14.91
N MET A 275 -23.88 -23.98 -15.00
CA MET A 275 -23.70 -24.73 -16.24
C MET A 275 -24.69 -24.38 -17.32
N LYS A 276 -25.99 -24.31 -16.99
CA LYS A 276 -27.03 -23.93 -17.94
C LYS A 276 -26.87 -22.45 -18.31
N ALA A 277 -26.58 -21.61 -17.30
CA ALA A 277 -26.34 -20.17 -17.48
C ALA A 277 -25.23 -19.89 -18.48
N ALA A 278 -24.12 -20.66 -18.40
CA ALA A 278 -22.98 -20.53 -19.30
C ALA A 278 -23.37 -20.85 -20.77
N SER A 279 -24.21 -21.87 -20.97
CA SER A 279 -24.68 -22.33 -22.27
C SER A 279 -25.54 -21.30 -22.99
N PHE A 280 -26.51 -20.70 -22.26
CA PHE A 280 -27.47 -19.69 -22.71
C PHE A 280 -26.79 -18.66 -23.60
N VAL A 281 -25.67 -18.19 -23.09
CA VAL A 281 -24.78 -17.18 -23.64
C VAL A 281 -24.07 -17.69 -24.86
N MET A 282 -23.48 -18.86 -24.73
CA MET A 282 -22.72 -19.44 -25.82
C MET A 282 -23.58 -19.58 -27.04
N GLN A 283 -24.80 -20.04 -26.80
CA GLN A 283 -25.84 -20.26 -27.80
C GLN A 283 -26.23 -18.99 -28.54
N SER A 284 -26.47 -17.91 -27.79
CA SER A 284 -27.01 -16.65 -28.26
C SER A 284 -26.38 -16.07 -29.51
N GLU A 285 -25.04 -16.03 -29.55
CA GLU A 285 -24.29 -15.42 -30.62
C GLU A 285 -24.69 -13.96 -30.84
N LYS A 286 -24.42 -13.23 -29.77
CA LYS A 286 -24.22 -11.83 -29.34
C LYS A 286 -23.95 -12.06 -27.86
N PRO A 287 -22.83 -12.77 -27.60
CA PRO A 287 -22.64 -13.36 -26.28
C PRO A 287 -22.34 -12.39 -25.20
N PHE A 288 -21.58 -11.38 -25.54
CA PHE A 288 -21.19 -10.43 -24.55
C PHE A 288 -22.37 -9.72 -23.96
N GLU A 289 -23.32 -9.33 -24.81
CA GLU A 289 -24.52 -8.64 -24.39
C GLU A 289 -25.41 -9.50 -23.52
N ALA A 290 -25.48 -10.80 -23.82
CA ALA A 290 -26.30 -11.75 -23.06
C ALA A 290 -25.91 -11.78 -21.62
N LEU A 291 -24.61 -11.95 -21.36
CA LEU A 291 -24.01 -12.05 -20.06
C LEU A 291 -24.28 -10.84 -19.24
N LEU A 292 -24.20 -9.68 -19.84
CA LEU A 292 -24.49 -8.45 -19.18
C LEU A 292 -25.96 -8.42 -18.84
N LYS A 293 -26.82 -8.70 -19.82
CA LYS A 293 -28.27 -8.68 -19.61
C LYS A 293 -28.70 -9.75 -18.64
N LEU A 294 -28.08 -10.92 -18.68
CA LEU A 294 -28.38 -12.03 -17.79
C LEU A 294 -27.81 -11.75 -16.41
N THR A 295 -26.53 -11.39 -16.33
CA THR A 295 -25.83 -11.18 -15.08
C THR A 295 -26.38 -9.99 -14.27
N GLN A 296 -26.90 -8.91 -14.91
CA GLN A 296 -27.43 -7.77 -14.18
C GLN A 296 -28.73 -8.08 -13.43
N ASP A 297 -29.65 -8.83 -14.06
CA ASP A 297 -30.96 -9.18 -13.51
C ASP A 297 -31.07 -10.65 -13.19
N PHE A 298 -29.92 -11.31 -12.94
CA PHE A 298 -29.79 -12.74 -12.67
C PHE A 298 -30.81 -13.35 -11.68
N PRO A 299 -31.12 -12.77 -10.49
CA PRO A 299 -32.06 -13.47 -9.58
C PRO A 299 -33.42 -13.76 -10.22
N LYS A 300 -33.87 -12.82 -11.06
CA LYS A 300 -35.10 -12.82 -11.84
C LYS A 300 -35.14 -13.96 -12.89
N TYR A 301 -33.97 -14.32 -13.45
CA TYR A 301 -33.89 -15.34 -14.50
C TYR A 301 -33.58 -16.76 -14.04
N SER A 302 -33.51 -17.00 -12.72
CA SER A 302 -33.22 -18.34 -12.16
C SER A 302 -34.18 -19.43 -12.64
N ASN A 303 -35.50 -19.24 -12.45
CA ASN A 303 -36.53 -20.18 -12.87
C ASN A 303 -36.68 -20.23 -14.41
N SER A 304 -36.20 -19.19 -15.12
CA SER A 304 -36.22 -19.07 -16.57
C SER A 304 -35.08 -19.86 -17.22
N LEU A 305 -34.22 -20.48 -16.39
CA LEU A 305 -33.10 -21.30 -16.83
C LEU A 305 -33.42 -22.77 -16.63
N GLY A 306 -32.96 -23.59 -17.57
CA GLY A 306 -33.24 -25.02 -17.57
C GLY A 306 -34.31 -25.34 -18.60
N SER A 307 -34.64 -24.35 -19.46
CA SER A 307 -35.68 -24.45 -20.49
C SER A 307 -35.14 -24.55 -21.93
N GLN A 308 -35.96 -25.13 -22.85
CA GLN A 308 -35.74 -25.33 -24.30
C GLN A 308 -34.54 -26.24 -24.66
N ASN A 309 -34.49 -27.47 -24.08
CA ASN A 309 -33.38 -28.45 -24.26
C ASN A 309 -32.05 -27.69 -24.06
N VAL A 310 -31.96 -27.14 -22.85
CA VAL A 310 -31.04 -26.15 -22.30
C VAL A 310 -29.53 -26.52 -22.19
N SER A 311 -29.14 -27.65 -21.55
CA SER A 311 -27.73 -27.92 -21.25
C SER A 311 -26.73 -27.74 -22.39
N ALA A 312 -26.97 -28.38 -23.57
CA ALA A 312 -26.09 -28.33 -24.76
C ALA A 312 -24.62 -28.53 -24.37
N GLU A 313 -24.44 -29.42 -23.40
CA GLU A 313 -23.18 -29.69 -22.79
C GLU A 313 -22.27 -30.40 -23.71
N PHE A 314 -21.82 -29.67 -24.71
CA PHE A 314 -20.70 -30.11 -25.47
C PHE A 314 -19.57 -29.78 -24.49
N GLU A 315 -19.66 -28.60 -23.83
CA GLU A 315 -18.69 -28.15 -22.86
C GLU A 315 -18.83 -28.71 -21.46
N ALA A 316 -18.62 -29.98 -21.39
CA ALA A 316 -18.06 -30.75 -20.32
C ALA A 316 -16.76 -31.18 -20.98
N GLU A 317 -16.53 -30.78 -22.24
CA GLU A 317 -15.29 -31.09 -22.92
C GLU A 317 -14.16 -30.30 -22.29
N HIS A 318 -14.42 -29.04 -21.97
CA HIS A 318 -13.47 -28.05 -21.50
C HIS A 318 -13.12 -28.11 -20.06
N ARG A 319 -13.40 -29.21 -19.40
CA ARG A 319 -12.97 -29.39 -18.03
C ARG A 319 -11.70 -30.14 -18.14
N GLY A 320 -11.29 -30.29 -19.39
CA GLY A 320 -9.96 -30.70 -19.78
C GLY A 320 -9.17 -29.47 -19.44
N ASN A 321 -9.85 -28.31 -19.55
CA ASN A 321 -9.39 -26.99 -19.16
C ASN A 321 -9.32 -26.97 -17.67
N ARG A 322 -10.38 -27.44 -16.99
CA ARG A 322 -10.32 -27.43 -15.55
C ARG A 322 -9.24 -28.36 -15.07
N GLU A 323 -9.14 -29.55 -15.64
CA GLU A 323 -8.20 -30.54 -15.17
C GLU A 323 -6.78 -30.01 -15.11
N VAL A 324 -6.37 -29.18 -16.05
CA VAL A 324 -5.04 -28.58 -16.00
C VAL A 324 -4.90 -27.31 -15.11
N PHE A 325 -5.81 -26.32 -15.16
CA PHE A 325 -5.39 -25.09 -14.50
C PHE A 325 -6.25 -24.49 -13.36
N LEU A 326 -7.50 -24.12 -13.58
CA LEU A 326 -8.19 -23.47 -12.48
C LEU A 326 -9.44 -24.17 -12.01
N PRO A 327 -9.67 -24.10 -10.67
CA PRO A 327 -10.90 -24.66 -10.06
C PRO A 327 -12.21 -23.97 -10.49
N GLU A 328 -13.25 -24.78 -10.63
CA GLU A 328 -14.56 -24.32 -11.06
C GLU A 328 -15.17 -23.20 -10.21
N GLY A 329 -15.78 -22.25 -10.89
CA GLY A 329 -16.46 -21.10 -10.30
C GLY A 329 -15.58 -20.04 -9.71
N SER A 330 -14.32 -19.97 -10.16
CA SER A 330 -13.35 -19.00 -9.67
C SER A 330 -13.17 -17.89 -10.68
N ASN A 331 -13.20 -16.63 -10.21
CA ASN A 331 -13.00 -15.47 -11.08
C ASN A 331 -11.53 -15.07 -11.06
N VAL A 332 -10.90 -14.97 -12.26
CA VAL A 332 -9.49 -14.60 -12.41
C VAL A 332 -9.25 -13.71 -13.64
N LEU A 333 -8.59 -12.55 -13.42
CA LEU A 333 -8.28 -11.63 -14.51
C LEU A 333 -6.79 -11.45 -14.70
N TRP A 334 -6.39 -11.36 -15.97
CA TRP A 334 -5.01 -11.12 -16.38
C TRP A 334 -4.95 -9.95 -17.34
N LEU A 335 -3.91 -9.14 -17.21
CA LEU A 335 -3.65 -8.02 -18.09
C LEU A 335 -2.22 -8.17 -18.53
N ASN A 336 -2.02 -8.69 -19.76
CA ASN A 336 -0.71 -8.97 -20.36
C ASN A 336 0.14 -9.86 -19.44
N GLY A 337 -0.49 -10.89 -18.89
CA GLY A 337 0.14 -11.83 -17.98
C GLY A 337 -0.04 -11.48 -16.52
N LEU A 338 -0.16 -10.17 -16.20
CA LEU A 338 -0.31 -9.70 -14.82
C LEU A 338 -1.59 -10.14 -14.20
N HIS A 339 -1.49 -10.87 -13.08
CA HIS A 339 -2.64 -11.34 -12.32
C HIS A 339 -3.10 -10.22 -11.41
N LEU A 340 -4.34 -9.77 -11.59
CA LEU A 340 -4.88 -8.66 -10.82
C LEU A 340 -5.71 -9.09 -9.66
N ILE A 341 -5.56 -8.37 -8.55
CA ILE A 341 -6.37 -8.60 -7.35
C ILE A 341 -7.67 -7.85 -7.54
N ASP A 342 -8.68 -8.17 -6.72
CA ASP A 342 -10.01 -7.59 -6.85
C ASP A 342 -10.05 -6.08 -6.71
N ARG A 343 -9.23 -5.55 -5.82
CA ARG A 343 -9.20 -4.14 -5.56
C ARG A 343 -8.73 -3.38 -6.78
N GLN A 344 -8.01 -4.01 -7.67
CA GLN A 344 -7.50 -3.28 -8.82
C GLN A 344 -8.50 -3.29 -9.95
N ILE A 345 -9.70 -3.78 -9.70
CA ILE A 345 -10.63 -4.00 -10.76
C ILE A 345 -11.80 -3.15 -10.58
N GLN A 346 -11.54 -1.89 -10.83
CA GLN A 346 -12.48 -0.81 -10.88
C GLN A 346 -12.04 0.02 -12.08
N PRO A 347 -12.80 1.02 -12.44
CA PRO A 347 -12.45 1.80 -13.62
C PRO A 347 -11.20 2.61 -13.43
N PHE A 348 -10.98 3.16 -12.24
CA PHE A 348 -9.81 3.98 -11.97
C PHE A 348 -8.55 3.17 -11.92
N GLY A 349 -8.62 2.02 -11.23
CA GLY A 349 -7.51 1.11 -11.07
C GLY A 349 -7.06 0.58 -12.42
N LEU A 350 -8.03 0.33 -13.30
CA LEU A 350 -7.78 -0.20 -14.62
C LEU A 350 -7.24 0.83 -15.60
N VAL A 351 -7.70 2.09 -15.53
CA VAL A 351 -7.21 3.16 -16.42
C VAL A 351 -5.75 3.45 -16.13
N ASP A 352 -5.36 3.43 -14.85
CA ASP A 352 -3.99 3.66 -14.47
C ASP A 352 -3.05 2.56 -14.95
N LEU A 353 -3.55 1.31 -14.98
CA LEU A 353 -2.76 0.16 -15.45
C LEU A 353 -2.44 0.19 -16.92
N LEU A 354 -3.42 0.56 -17.77
CA LEU A 354 -3.24 0.67 -19.22
C LEU A 354 -2.20 1.72 -19.51
N THR A 355 -2.36 2.90 -18.90
CA THR A 355 -1.50 4.07 -19.01
C THR A 355 -0.03 3.69 -18.80
N ARG A 356 0.25 2.95 -17.72
CA ARG A 356 1.59 2.47 -17.36
C ARG A 356 2.08 1.41 -18.35
N GLU A 357 1.18 0.49 -18.74
CA GLU A 357 1.46 -0.63 -19.64
C GLU A 357 1.78 -0.22 -21.08
N ARG A 358 1.00 0.72 -21.64
CA ARG A 358 1.19 1.22 -23.00
C ARG A 358 2.52 1.93 -23.15
N LYS A 359 2.89 2.81 -22.18
CA LYS A 359 4.17 3.51 -22.12
C LYS A 359 5.32 2.52 -22.29
N LEU A 360 5.22 1.39 -21.58
CA LEU A 360 6.15 0.27 -21.55
C LEU A 360 6.22 -0.43 -22.92
N ILE A 361 5.06 -0.83 -23.46
CA ILE A 361 4.94 -1.53 -24.73
C ILE A 361 5.36 -0.68 -25.93
N LYS A 362 4.87 0.58 -26.02
CA LYS A 362 5.18 1.51 -27.10
C LYS A 362 6.68 1.66 -27.21
N SER A 363 7.36 1.74 -26.05
CA SER A 363 8.81 1.81 -25.94
C SER A 363 9.43 0.63 -26.65
N VAL A 364 8.86 -0.56 -26.44
CA VAL A 364 9.31 -1.82 -27.06
C VAL A 364 8.99 -1.83 -28.55
N LEU A 365 7.81 -1.34 -28.97
CA LEU A 365 7.44 -1.48 -30.37
C LEU A 365 8.00 -0.41 -31.31
N ASP A 366 9.03 0.32 -30.87
CA ASP A 366 9.73 1.27 -31.73
C ASP A 366 10.93 0.54 -32.32
N LEU A 367 11.08 -0.75 -31.93
CA LEU A 367 12.10 -1.69 -32.36
C LEU A 367 11.49 -2.74 -33.29
N GLY A 368 10.32 -2.43 -33.86
CA GLY A 368 9.61 -3.29 -34.79
C GLY A 368 9.08 -4.61 -34.25
N LEU A 369 8.33 -4.56 -33.14
CA LEU A 369 7.69 -5.73 -32.55
C LEU A 369 6.21 -5.45 -32.51
N THR A 370 5.37 -6.45 -32.82
CA THR A 370 3.92 -6.25 -32.75
C THR A 370 3.54 -6.32 -31.29
N GLY A 371 2.40 -5.71 -30.94
CA GLY A 371 1.88 -5.76 -29.58
C GLY A 371 1.81 -7.20 -29.09
N GLN A 372 1.42 -8.12 -29.99
CA GLN A 372 1.32 -9.56 -29.74
C GLN A 372 2.68 -10.17 -29.42
N GLN A 373 3.74 -9.80 -30.19
CA GLN A 373 5.12 -10.27 -30.00
C GLN A 373 5.70 -9.72 -28.70
N ALA A 374 5.46 -8.42 -28.44
CA ALA A 374 5.93 -7.69 -27.26
C ALA A 374 5.47 -8.34 -25.96
N VAL A 375 4.15 -8.60 -25.83
CA VAL A 375 3.52 -9.23 -24.67
C VAL A 375 4.06 -10.65 -24.46
N ASP A 376 4.15 -11.43 -25.55
CA ASP A 376 4.67 -12.81 -25.58
C ASP A 376 6.07 -12.89 -24.96
N LEU A 377 6.92 -11.89 -25.26
CA LEU A 377 8.29 -11.76 -24.75
C LEU A 377 8.28 -11.44 -23.26
N LEU A 378 7.35 -10.56 -22.82
CA LEU A 378 7.21 -10.13 -21.43
C LEU A 378 6.82 -11.27 -20.48
N GLY A 379 5.89 -12.10 -20.92
CA GLY A 379 5.42 -13.25 -20.14
C GLY A 379 6.12 -14.55 -20.43
N HIS A 380 7.32 -14.49 -21.05
CA HIS A 380 8.08 -15.69 -21.40
C HIS A 380 8.61 -16.43 -20.18
N ALA A 381 8.64 -17.78 -20.28
CA ALA A 381 9.08 -18.71 -19.23
C ALA A 381 10.47 -18.43 -18.69
N GLU A 382 11.45 -18.15 -19.59
CA GLU A 382 12.83 -17.84 -19.20
C GLU A 382 12.92 -16.54 -18.38
N VAL A 383 12.02 -15.57 -18.65
CA VAL A 383 11.93 -14.28 -17.94
C VAL A 383 11.46 -14.49 -16.50
N ALA A 384 10.28 -15.15 -16.31
CA ALA A 384 9.69 -15.44 -15.01
C ALA A 384 10.63 -16.28 -14.13
N HIS A 385 11.34 -17.24 -14.77
CA HIS A 385 12.32 -18.11 -14.11
C HIS A 385 13.37 -17.27 -13.41
N ALA A 386 13.89 -16.23 -14.10
CA ALA A 386 14.91 -15.33 -13.55
C ALA A 386 14.44 -14.60 -12.32
N LYS A 387 13.17 -14.13 -12.31
CA LYS A 387 12.65 -13.44 -11.12
C LYS A 387 12.66 -14.39 -9.93
N SER A 388 12.18 -15.63 -10.13
CA SER A 388 12.17 -16.68 -9.11
C SER A 388 13.62 -17.01 -8.70
N GLY A 389 14.50 -17.04 -9.70
CA GLY A 389 15.94 -17.28 -9.56
C GLY A 389 16.59 -16.30 -8.62
N ASP A 390 16.36 -14.97 -8.79
CA ASP A 390 16.98 -14.08 -7.82
C ASP A 390 16.01 -13.58 -6.77
N ASP A 391 15.06 -14.44 -6.41
CA ASP A 391 14.24 -14.26 -5.24
C ASP A 391 15.04 -15.12 -4.25
N GLU A 392 15.77 -16.13 -4.80
CA GLU A 392 16.64 -17.07 -4.07
C GLU A 392 17.82 -16.36 -3.40
N PRO A 393 18.40 -16.93 -2.32
CA PRO A 393 19.49 -16.23 -1.64
C PRO A 393 20.84 -16.29 -2.34
N ARG A 394 21.60 -15.19 -2.24
CA ARG A 394 22.96 -15.17 -2.74
C ARG A 394 23.88 -15.20 -1.54
N ARG A 395 24.96 -15.96 -1.67
CA ARG A 395 25.88 -16.21 -0.59
C ARG A 395 27.26 -15.71 -0.90
N PHE A 396 27.98 -15.38 0.16
CA PHE A 396 29.32 -14.88 0.09
C PHE A 396 30.25 -15.77 0.90
N ASP A 397 31.44 -15.94 0.41
CA ASP A 397 32.44 -16.87 0.88
C ASP A 397 33.14 -16.37 2.13
N TRP A 398 32.75 -16.91 3.27
CA TRP A 398 33.13 -16.49 4.60
C TRP A 398 34.46 -17.04 5.06
N ARG A 399 35.15 -17.77 4.22
CA ARG A 399 36.36 -18.46 4.60
C ARG A 399 37.59 -17.59 4.86
N ASP A 400 38.52 -18.19 5.63
CA ASP A 400 39.82 -17.70 6.07
C ASP A 400 40.88 -17.88 5.01
N ASP A 401 40.64 -18.80 4.05
CA ASP A 401 41.54 -19.21 2.95
C ASP A 401 42.33 -18.07 2.29
N ILE A 402 41.66 -16.94 2.00
CA ILE A 402 42.27 -15.76 1.38
C ILE A 402 43.23 -15.10 2.39
N GLU A 403 42.84 -15.07 3.69
CA GLU A 403 43.59 -14.49 4.79
C GLU A 403 44.41 -15.52 5.53
N GLU A 404 44.72 -16.62 4.83
CA GLU A 404 45.59 -17.73 5.25
C GLU A 404 45.31 -18.28 6.67
N GLY A 405 44.01 -18.46 6.98
CA GLY A 405 43.53 -19.04 8.24
C GLY A 405 43.84 -18.33 9.54
N GLN A 406 44.20 -17.04 9.49
CA GLN A 406 44.60 -16.32 10.69
C GLN A 406 43.61 -15.23 11.16
N VAL A 407 42.32 -15.31 10.78
CA VAL A 407 41.37 -14.26 11.15
C VAL A 407 40.17 -14.72 12.02
N ILE A 408 39.58 -15.89 11.74
CA ILE A 408 38.41 -16.36 12.49
C ILE A 408 38.79 -17.18 13.70
N ILE A 409 38.25 -16.81 14.88
CA ILE A 409 38.53 -17.56 16.09
C ILE A 409 37.27 -18.32 16.55
N TRP A 410 37.17 -19.57 16.07
CA TRP A 410 36.08 -20.51 16.32
C TRP A 410 36.03 -20.98 17.78
N LEU A 411 34.82 -21.17 18.29
CA LEU A 411 34.54 -21.65 19.65
C LEU A 411 34.12 -23.11 19.55
N ASN A 412 34.07 -23.63 18.31
CA ASN A 412 33.63 -24.98 18.01
C ASN A 412 34.47 -25.65 16.97
N ASN A 413 34.25 -26.95 16.90
CA ASN A 413 34.62 -27.91 15.89
C ASN A 413 33.73 -29.06 16.20
N LEU A 414 32.92 -29.43 15.24
CA LEU A 414 31.94 -30.48 15.44
C LEU A 414 32.48 -31.83 15.06
N GLU A 415 33.61 -31.86 14.36
CA GLU A 415 34.17 -33.11 13.95
C GLU A 415 35.22 -33.59 14.93
N LYS A 416 35.68 -32.68 15.82
CA LYS A 416 36.71 -32.95 16.81
C LYS A 416 36.49 -32.14 18.08
N ASP A 417 35.38 -32.34 18.80
CA ASP A 417 35.23 -31.54 20.03
C ASP A 417 34.96 -32.31 21.30
N LYS A 418 34.68 -33.62 21.20
CA LYS A 418 34.47 -34.53 22.32
C LYS A 418 33.37 -34.05 23.27
N ARG A 419 32.34 -33.44 22.67
CA ARG A 419 31.10 -33.00 23.29
C ARG A 419 30.07 -33.70 22.45
N TYR A 420 30.35 -33.70 21.16
CA TYR A 420 29.54 -34.25 20.08
C TYR A 420 29.90 -35.68 19.85
N LYS A 421 31.02 -36.16 20.45
CA LYS A 421 31.54 -37.53 20.34
C LYS A 421 30.42 -38.57 20.34
N SER A 422 29.40 -38.35 21.16
CA SER A 422 28.22 -39.19 21.29
C SER A 422 27.45 -39.35 19.98
N PHE A 423 27.36 -38.26 19.19
CA PHE A 423 26.59 -38.12 17.96
C PHE A 423 27.13 -38.80 16.74
N SER A 424 26.24 -39.07 15.79
CA SER A 424 26.64 -39.69 14.55
C SER A 424 27.16 -38.68 13.57
N PRO A 425 28.27 -39.01 12.88
CA PRO A 425 28.73 -38.17 11.79
C PRO A 425 28.17 -38.76 10.47
N SER A 426 26.85 -38.85 10.31
CA SER A 426 26.29 -39.44 9.10
C SER A 426 25.43 -38.48 8.33
N ILE A 427 25.50 -38.58 7.01
CA ILE A 427 24.69 -37.76 6.11
C ILE A 427 23.20 -38.06 6.31
N TRP A 428 22.86 -39.35 6.42
CA TRP A 428 21.50 -39.84 6.57
C TRP A 428 20.80 -39.32 7.81
N VAL A 429 21.56 -38.71 8.74
CA VAL A 429 21.01 -38.06 9.94
C VAL A 429 20.30 -36.81 9.43
N LEU A 430 20.90 -36.11 8.48
CA LEU A 430 20.33 -34.91 7.91
C LEU A 430 19.08 -35.24 7.15
N ILE A 431 19.21 -36.10 6.14
CA ILE A 431 18.15 -36.47 5.23
C ILE A 431 16.89 -37.04 5.92
N HIS A 432 17.06 -37.83 6.98
CA HIS A 432 15.93 -38.43 7.70
C HIS A 432 15.49 -37.54 8.86
N HIS A 433 14.96 -36.37 8.52
CA HIS A 433 14.53 -35.40 9.51
C HIS A 433 13.19 -34.82 9.18
N PHE A 434 12.40 -34.61 10.22
CA PHE A 434 11.10 -33.96 10.14
C PHE A 434 10.96 -33.18 11.44
N GLY A 435 10.24 -32.07 11.36
CA GLY A 435 9.97 -31.23 12.51
C GLY A 435 10.66 -29.88 12.48
N HIS A 436 10.72 -29.24 13.66
CA HIS A 436 11.31 -27.93 13.88
C HIS A 436 12.50 -28.05 14.86
N GLY A 437 12.88 -29.30 15.12
CA GLY A 437 13.98 -29.67 16.02
C GLY A 437 15.32 -29.72 15.31
N LEU A 438 16.39 -29.46 16.04
CA LEU A 438 17.70 -29.45 15.43
C LEU A 438 18.37 -30.82 15.45
N PRO A 439 18.71 -31.38 14.26
CA PRO A 439 19.34 -32.71 14.22
C PRO A 439 20.75 -32.68 14.75
N GLN A 440 21.07 -33.57 15.68
CA GLN A 440 22.43 -33.59 16.18
C GLN A 440 23.24 -34.43 15.24
N ILE A 441 24.47 -34.01 15.00
CA ILE A 441 25.36 -34.68 14.05
C ILE A 441 26.79 -34.31 14.39
N ARG A 442 27.76 -35.20 14.13
CA ARG A 442 29.15 -34.82 14.26
C ARG A 442 29.65 -34.62 12.86
N ARG A 443 29.37 -33.46 12.30
CA ARG A 443 29.82 -33.14 10.96
C ARG A 443 29.94 -31.67 10.80
N ASP A 444 30.61 -31.27 9.74
CA ASP A 444 30.75 -29.89 9.41
C ASP A 444 29.70 -29.62 8.39
N VAL A 445 28.69 -28.84 8.74
CA VAL A 445 27.67 -28.50 7.75
C VAL A 445 27.17 -27.06 7.88
N PHE A 446 26.96 -26.57 9.10
CA PHE A 446 26.45 -25.20 9.28
C PHE A 446 27.44 -24.39 10.03
N ASN A 447 27.65 -23.16 9.57
CA ASN A 447 28.60 -22.25 10.18
C ASN A 447 28.01 -20.90 10.41
N LEU A 448 28.43 -20.24 11.48
CA LEU A 448 28.01 -18.89 11.76
C LEU A 448 29.20 -18.05 12.21
N VAL A 449 29.51 -17.00 11.44
CA VAL A 449 30.62 -16.10 11.77
C VAL A 449 30.04 -14.73 12.13
N VAL A 450 30.27 -14.28 13.36
CA VAL A 450 29.75 -13.00 13.82
C VAL A 450 30.90 -11.99 14.15
N PRO A 451 31.00 -10.86 13.41
CA PRO A 451 32.05 -9.88 13.74
C PRO A 451 31.71 -9.08 14.99
N VAL A 452 32.63 -9.03 15.98
CA VAL A 452 32.41 -8.41 17.28
C VAL A 452 33.46 -7.33 17.61
N ASP A 453 33.02 -6.18 18.18
CA ASP A 453 33.89 -5.09 18.61
C ASP A 453 34.21 -5.31 20.10
N LEU A 454 35.49 -5.46 20.44
CA LEU A 454 35.88 -5.78 21.83
C LEU A 454 35.94 -4.55 22.78
N THR A 455 35.77 -3.33 22.24
CA THR A 455 35.68 -2.09 23.01
C THR A 455 34.27 -2.01 23.63
N LYS A 456 33.24 -2.36 22.83
CA LYS A 456 31.82 -2.29 23.18
C LYS A 456 31.33 -3.46 24.03
N ALA A 457 30.76 -3.12 25.20
CA ALA A 457 30.20 -4.04 26.20
C ALA A 457 29.15 -4.97 25.62
N ASP A 458 28.17 -4.38 24.89
CA ASP A 458 27.06 -5.11 24.27
C ASP A 458 27.57 -6.16 23.30
N ASP A 459 28.60 -5.80 22.51
CA ASP A 459 29.24 -6.68 21.52
C ASP A 459 29.94 -7.85 22.20
N VAL A 460 30.71 -7.55 23.26
CA VAL A 460 31.47 -8.52 24.05
C VAL A 460 30.52 -9.54 24.71
N LYS A 461 29.41 -9.02 25.29
CA LYS A 461 28.33 -9.77 25.96
C LYS A 461 27.74 -10.86 25.06
N ILE A 462 27.66 -10.58 23.74
CA ILE A 462 27.15 -11.51 22.74
C ILE A 462 27.97 -12.76 22.73
N VAL A 463 29.29 -12.61 22.64
CA VAL A 463 30.18 -13.75 22.61
C VAL A 463 30.05 -14.55 23.89
N VAL A 464 30.25 -13.88 25.02
CA VAL A 464 30.28 -14.48 26.35
C VAL A 464 28.98 -15.17 26.75
N GLU A 465 27.85 -14.50 26.58
CA GLU A 465 26.60 -15.13 26.99
C GLU A 465 25.99 -15.88 25.83
N GLY A 466 25.73 -15.14 24.75
CA GLY A 466 25.08 -15.63 23.55
C GLY A 466 25.77 -16.79 22.87
N LEU A 467 27.00 -16.58 22.39
CA LEU A 467 27.72 -17.61 21.66
C LEU A 467 28.02 -18.87 22.46
N LEU A 468 28.45 -18.74 23.73
CA LEU A 468 28.80 -19.87 24.58
C LEU A 468 27.65 -20.79 24.94
N SER A 469 26.49 -20.22 25.34
CA SER A 469 25.31 -21.02 25.69
C SER A 469 25.08 -22.01 24.58
N PHE A 470 25.04 -21.52 23.34
CA PHE A 470 24.86 -22.31 22.13
C PHE A 470 25.83 -23.46 22.04
N VAL A 471 27.08 -23.22 22.45
CA VAL A 471 28.14 -24.23 22.48
C VAL A 471 27.74 -25.29 23.49
N LYS A 472 27.56 -24.88 24.76
CA LYS A 472 27.19 -25.75 25.88
C LYS A 472 25.96 -26.61 25.57
N ARG A 473 24.99 -26.02 24.86
CA ARG A 473 23.70 -26.59 24.45
C ARG A 473 23.79 -27.71 23.40
N LEU A 474 24.98 -27.94 22.82
CA LEU A 474 25.24 -28.96 21.80
C LEU A 474 24.40 -28.76 20.53
N ILE A 475 24.29 -27.49 20.11
CA ILE A 475 23.59 -27.08 18.88
C ILE A 475 24.47 -27.55 17.69
N PRO A 476 23.88 -28.02 16.57
CA PRO A 476 24.69 -28.52 15.45
C PRO A 476 25.31 -27.45 14.54
N VAL A 477 25.63 -26.29 15.12
CA VAL A 477 26.16 -25.13 14.41
C VAL A 477 27.54 -24.76 14.96
N ARG A 478 28.51 -24.48 14.05
CA ARG A 478 29.85 -24.07 14.45
C ARG A 478 29.81 -22.55 14.60
N PHE A 479 30.34 -22.04 15.72
CA PHE A 479 30.31 -20.62 16.02
C PHE A 479 31.68 -19.98 15.98
N GLY A 480 31.81 -18.99 15.10
CA GLY A 480 33.03 -18.21 14.95
C GLY A 480 32.76 -16.75 15.18
N PHE A 481 33.82 -15.99 15.44
CA PHE A 481 33.72 -14.56 15.62
C PHE A 481 35.01 -13.89 15.24
N VAL A 482 34.90 -12.76 14.58
CA VAL A 482 36.06 -11.99 14.16
C VAL A 482 35.93 -10.58 14.71
N PRO A 483 36.96 -10.15 15.43
CA PRO A 483 36.93 -8.83 16.07
C PRO A 483 36.91 -7.69 15.08
N LEU A 484 36.36 -6.55 15.49
CA LEU A 484 36.29 -5.35 14.64
C LEU A 484 37.30 -4.39 15.16
N THR A 485 38.00 -3.74 14.23
CA THR A 485 39.16 -2.90 14.46
C THR A 485 38.98 -1.46 14.01
N PRO A 486 38.07 -0.67 14.61
CA PRO A 486 37.88 0.69 14.11
C PRO A 486 38.58 1.78 14.93
N THR A 487 39.17 1.42 16.10
CA THR A 487 39.85 2.37 16.99
C THR A 487 41.08 1.73 17.55
N GLY A 488 41.92 2.54 18.20
CA GLY A 488 43.15 2.07 18.83
C GLY A 488 42.95 0.96 19.82
N GLN A 489 42.10 1.20 20.86
CA GLN A 489 41.80 0.22 21.91
C GLN A 489 41.35 -1.11 21.31
N ALA A 490 40.49 -1.04 20.27
CA ALA A 490 39.99 -2.21 19.54
C ALA A 490 41.14 -3.02 18.93
N ILE A 491 42.09 -2.33 18.24
CA ILE A 491 43.28 -2.93 17.61
C ILE A 491 44.06 -3.73 18.65
N ASP A 492 44.40 -3.07 19.78
CA ASP A 492 45.14 -3.67 20.88
C ASP A 492 44.45 -4.91 21.38
N GLN A 493 43.16 -4.80 21.69
CA GLN A 493 42.40 -5.91 22.24
C GLN A 493 42.26 -7.10 21.29
N ALA A 494 42.28 -6.86 19.98
CA ALA A 494 42.28 -7.97 19.04
C ALA A 494 43.62 -8.67 19.22
N LYS A 495 44.75 -7.89 19.19
CA LYS A 495 46.13 -8.39 19.38
C LYS A 495 46.21 -9.26 20.64
N VAL A 496 45.74 -8.72 21.80
CA VAL A 496 45.76 -9.36 23.12
C VAL A 496 45.11 -10.73 23.07
N VAL A 497 43.83 -10.77 22.65
CA VAL A 497 43.01 -11.97 22.56
C VAL A 497 43.63 -12.98 21.57
N TYR A 498 44.09 -12.48 20.40
CA TYR A 498 44.74 -13.28 19.36
C TYR A 498 45.99 -13.95 19.90
N TYR A 499 46.86 -13.17 20.61
CA TYR A 499 48.09 -13.66 21.23
C TYR A 499 47.75 -14.79 22.19
N LEU A 500 46.86 -14.49 23.15
CA LEU A 500 46.37 -15.39 24.19
C LEU A 500 45.81 -16.69 23.63
N LEU A 501 45.27 -16.65 22.41
CA LEU A 501 44.78 -17.85 21.76
C LEU A 501 45.96 -18.66 21.24
N GLU A 502 46.86 -18.00 20.49
CA GLU A 502 48.03 -18.57 19.83
C GLU A 502 48.90 -19.46 20.73
N ASN A 503 49.31 -18.96 21.91
CA ASN A 503 50.17 -19.74 22.79
C ASN A 503 49.42 -20.57 23.82
N TYR A 504 48.57 -19.90 24.60
CA TYR A 504 47.86 -20.49 25.72
C TYR A 504 46.59 -21.27 25.36
N GLY A 505 45.81 -20.78 24.40
CA GLY A 505 44.59 -21.47 23.97
C GLY A 505 43.28 -20.73 24.15
N LEU A 506 42.24 -21.25 23.48
CA LEU A 506 40.86 -20.74 23.43
C LEU A 506 40.26 -20.42 24.79
N ALA A 507 40.30 -21.38 25.73
CA ALA A 507 39.77 -21.27 27.09
C ALA A 507 40.36 -20.09 27.85
N ALA A 508 41.69 -19.86 27.71
CA ALA A 508 42.41 -18.77 28.34
C ALA A 508 41.93 -17.42 27.78
N ALA A 509 41.77 -17.34 26.44
CA ALA A 509 41.29 -16.14 25.73
C ALA A 509 39.87 -15.85 26.15
N THR A 510 39.04 -16.90 26.10
CA THR A 510 37.65 -16.92 26.52
C THR A 510 37.63 -16.33 27.91
N ALA A 511 38.47 -16.89 28.79
CA ALA A 511 38.61 -16.50 30.17
C ALA A 511 38.82 -15.00 30.32
N TYR A 512 39.78 -14.41 29.56
CA TYR A 512 40.03 -12.97 29.62
C TYR A 512 38.75 -12.23 29.29
N LEU A 513 38.10 -12.62 28.18
CA LEU A 513 36.86 -11.97 27.75
C LEU A 513 35.78 -11.98 28.81
N GLU A 514 35.51 -13.17 29.39
CA GLU A 514 34.49 -13.35 30.43
C GLU A 514 34.77 -12.44 31.60
N LYS A 515 35.98 -12.56 32.16
CA LYS A 515 36.42 -11.79 33.32
C LYS A 515 36.31 -10.32 33.02
N SER A 516 36.82 -9.86 31.86
CA SER A 516 36.79 -8.46 31.46
C SER A 516 35.40 -7.92 31.47
N TYR A 517 34.46 -8.69 30.90
CA TYR A 517 33.09 -8.23 30.88
C TYR A 517 32.53 -8.04 32.29
N GLU A 518 32.55 -9.07 33.13
CA GLU A 518 31.97 -8.85 34.45
C GLU A 518 32.83 -7.90 35.31
N GLU A 519 34.11 -8.20 35.40
CA GLU A 519 35.12 -7.59 36.25
C GLU A 519 35.42 -6.13 35.97
N GLN A 520 35.83 -5.77 34.75
CA GLN A 520 36.21 -4.39 34.47
C GLN A 520 35.12 -3.60 33.78
N SER A 521 34.24 -4.31 33.06
CA SER A 521 33.09 -3.77 32.32
C SER A 521 33.46 -2.68 31.26
N THR A 522 34.66 -2.77 30.62
CA THR A 522 35.07 -1.87 29.52
C THR A 522 35.99 -2.57 28.49
N GLY A 523 36.00 -2.00 27.29
CA GLY A 523 36.81 -2.47 26.18
C GLY A 523 38.28 -2.33 26.40
N GLN A 524 38.78 -1.20 26.91
CA GLN A 524 40.23 -1.03 27.11
C GLN A 524 40.91 -2.22 27.84
N PRO A 525 42.08 -2.70 27.37
CA PRO A 525 42.77 -3.82 28.05
C PRO A 525 43.11 -3.53 29.50
N ASN A 526 42.78 -4.49 30.39
CA ASN A 526 43.04 -4.33 31.81
C ASN A 526 43.98 -5.41 32.28
N GLU A 527 45.18 -5.04 32.69
CA GLU A 527 46.23 -5.94 33.16
C GLU A 527 45.85 -6.48 34.50
N ARG A 528 45.29 -5.63 35.37
CA ARG A 528 44.82 -6.08 36.67
C ARG A 528 43.95 -7.28 36.38
N ILE A 529 43.14 -7.24 35.31
CA ILE A 529 42.34 -8.38 34.89
C ILE A 529 43.15 -9.38 34.06
N PHE A 530 44.01 -8.90 33.16
CA PHE A 530 44.80 -9.70 32.24
C PHE A 530 45.79 -10.59 32.95
N ASN A 531 46.60 -10.02 33.84
CA ASN A 531 47.61 -10.71 34.61
C ASN A 531 47.06 -11.85 35.46
N GLU A 532 45.88 -11.69 36.07
CA GLU A 532 45.23 -12.73 36.89
C GLU A 532 44.97 -13.97 36.04
N VAL A 533 44.47 -13.74 34.81
CA VAL A 533 44.19 -14.77 33.82
C VAL A 533 45.47 -15.55 33.54
N ILE A 534 46.56 -14.88 33.16
CA ILE A 534 47.82 -15.57 32.91
C ILE A 534 48.30 -16.29 34.20
N LYS A 535 48.21 -15.64 35.37
CA LYS A 535 48.64 -16.26 36.63
C LYS A 535 48.22 -17.73 36.76
N ASP A 536 46.94 -18.05 36.53
CA ASP A 536 46.53 -19.46 36.62
C ASP A 536 46.47 -20.13 35.25
N LYS A 537 45.83 -19.45 34.29
CA LYS A 537 45.56 -19.88 32.92
C LYS A 537 46.81 -20.01 32.07
N SER A 538 47.95 -19.50 32.59
CA SER A 538 49.25 -19.55 31.93
C SER A 538 50.03 -20.77 32.29
N LEU A 539 49.32 -21.79 32.78
CA LEU A 539 49.94 -23.08 33.01
C LEU A 539 50.09 -23.69 31.62
N ARG A 540 51.27 -24.27 31.35
CA ARG A 540 51.67 -25.00 30.15
C ARG A 540 51.17 -24.42 28.80
N PRO A 541 51.46 -23.15 28.42
CA PRO A 541 51.03 -22.69 27.09
C PRO A 541 51.89 -23.42 26.07
N ASP A 542 51.28 -24.37 25.35
CA ASP A 542 51.96 -25.27 24.43
C ASP A 542 52.47 -24.64 23.14
N GLY A 543 53.01 -25.49 22.26
CA GLY A 543 53.57 -25.10 20.97
C GLY A 543 54.66 -24.06 21.13
N VAL A 544 54.62 -23.00 20.29
CA VAL A 544 55.58 -21.90 20.36
C VAL A 544 55.33 -21.12 21.64
N GLU A 545 56.39 -20.74 22.32
CA GLU A 545 56.29 -20.11 23.61
C GLU A 545 55.61 -18.77 23.62
N LEU A 546 55.01 -18.47 24.77
CA LEU A 546 54.45 -17.19 25.11
C LEU A 546 55.59 -16.17 25.14
N SER A 547 55.35 -14.95 24.72
CA SER A 547 56.40 -13.95 24.85
C SER A 547 56.10 -12.97 25.98
N PHE A 548 54.83 -12.87 26.36
CA PHE A 548 54.27 -11.92 27.30
C PHE A 548 54.34 -10.47 26.90
N LYS A 549 54.01 -9.73 27.95
CA LYS A 549 53.87 -8.37 28.39
C LYS A 549 53.45 -7.42 27.30
N ASP A 550 54.29 -7.06 26.33
CA ASP A 550 53.84 -6.07 25.37
C ASP A 550 53.89 -6.50 23.93
N ILE A 551 52.82 -6.16 23.22
CA ILE A 551 52.67 -6.54 21.83
C ILE A 551 52.74 -5.42 20.87
N PHE A 552 53.62 -5.62 19.91
CA PHE A 552 53.76 -4.94 18.65
C PHE A 552 54.50 -5.93 17.75
N ILE A 553 54.08 -7.21 17.76
CA ILE A 553 54.75 -8.20 16.91
C ILE A 553 54.60 -7.75 15.49
N SER A 554 55.73 -7.60 14.78
CA SER A 554 55.76 -7.16 13.39
C SER A 554 54.79 -8.00 12.59
N GLU A 555 54.72 -9.29 12.91
CA GLU A 555 53.84 -10.23 12.24
C GLU A 555 52.48 -10.32 12.90
N LYS A 556 52.44 -10.52 14.22
CA LYS A 556 51.18 -10.66 14.94
C LYS A 556 50.35 -9.40 14.86
N HIS A 557 50.94 -8.23 15.09
CA HIS A 557 50.17 -7.00 14.95
C HIS A 557 49.96 -6.72 13.48
N GLU A 558 50.96 -6.90 12.64
CA GLU A 558 50.70 -6.51 11.27
C GLU A 558 49.82 -7.49 10.55
N LYS A 559 50.33 -8.69 10.27
CA LYS A 559 49.59 -9.73 9.56
C LYS A 559 48.23 -9.99 10.15
N GLN A 560 48.13 -10.43 11.41
CA GLN A 560 46.82 -10.75 12.00
C GLN A 560 45.80 -9.62 11.90
N ILE A 561 46.13 -8.42 12.43
CA ILE A 561 45.20 -7.29 12.39
C ILE A 561 44.88 -6.85 10.98
N HIS A 562 45.89 -6.71 10.11
CA HIS A 562 45.60 -6.25 8.76
C HIS A 562 44.88 -7.32 7.94
N LEU A 563 45.13 -8.63 8.19
CA LEU A 563 44.41 -9.72 7.54
C LEU A 563 42.94 -9.66 7.97
N SER A 564 42.70 -9.42 9.28
CA SER A 564 41.35 -9.29 9.82
C SER A 564 40.61 -8.16 9.13
N LYS A 565 41.25 -6.99 9.02
CA LYS A 565 40.72 -5.79 8.36
C LYS A 565 40.37 -6.11 6.92
N HIS A 566 41.19 -6.94 6.24
CA HIS A 566 40.99 -7.38 4.87
C HIS A 566 39.74 -8.25 4.75
N TRP A 567 39.41 -9.00 5.82
CA TRP A 567 38.23 -9.86 5.84
C TRP A 567 36.96 -9.01 5.99
N VAL A 568 36.95 -8.07 6.96
CA VAL A 568 35.85 -7.15 7.26
C VAL A 568 35.53 -6.28 6.05
N GLU A 569 36.56 -5.69 5.44
CA GLU A 569 36.46 -4.83 4.25
C GLU A 569 35.86 -5.62 3.07
N ARG A 570 36.37 -6.84 2.84
CA ARG A 570 35.99 -7.71 1.73
C ARG A 570 34.51 -8.02 1.68
N LEU A 571 33.91 -8.25 2.84
CA LEU A 571 32.51 -8.62 2.93
C LEU A 571 31.66 -7.51 3.52
N ARG A 572 32.23 -6.27 3.65
CA ARG A 572 31.56 -5.09 4.22
C ARG A 572 30.82 -5.49 5.50
N ALA A 573 31.57 -6.11 6.43
CA ALA A 573 31.02 -6.63 7.67
C ALA A 573 31.15 -5.69 8.87
N GLY A 574 31.38 -4.42 8.61
CA GLY A 574 31.55 -3.43 9.68
C GLY A 574 30.67 -2.20 9.58
N GLY A 575 30.98 -1.22 10.44
CA GLY A 575 30.30 0.05 10.51
C GLY A 575 29.43 0.21 11.72
N ASP A 576 28.42 1.10 11.61
CA ASP A 576 27.44 1.37 12.67
C ASP A 576 26.64 0.10 12.90
N VAL A 577 26.27 -0.58 11.79
CA VAL A 577 25.56 -1.87 11.83
C VAL A 577 26.41 -2.97 11.17
N PRO A 578 27.03 -3.85 11.98
CA PRO A 578 27.83 -4.95 11.42
C PRO A 578 26.97 -6.03 10.76
N THR A 579 27.62 -6.96 10.02
CA THR A 579 26.94 -8.03 9.27
C THR A 579 27.41 -9.41 9.67
N VAL A 580 26.46 -10.27 10.05
CA VAL A 580 26.70 -11.67 10.44
C VAL A 580 26.52 -12.55 9.20
N PHE A 581 27.35 -13.58 9.05
CA PHE A 581 27.25 -14.50 7.91
C PHE A 581 27.00 -15.89 8.37
N PHE A 582 25.81 -16.38 8.04
CA PHE A 582 25.38 -17.74 8.31
C PHE A 582 25.35 -18.44 6.96
N ASP A 583 26.18 -19.47 6.78
CA ASP A 583 26.29 -20.23 5.52
C ASP A 583 26.53 -19.33 4.30
N GLY A 584 27.28 -18.25 4.50
CA GLY A 584 27.55 -17.26 3.46
C GLY A 584 26.36 -16.38 3.18
N PHE A 585 25.43 -16.31 4.09
CA PHE A 585 24.26 -15.49 3.88
C PHE A 585 24.32 -14.31 4.84
N PRO A 586 24.39 -13.06 4.31
CA PRO A 586 24.45 -11.90 5.20
C PRO A 586 23.16 -11.63 5.97
N ILE A 587 23.30 -11.47 7.27
CA ILE A 587 22.23 -11.11 8.20
C ILE A 587 22.80 -9.97 9.04
N PRO A 588 22.32 -8.72 8.87
CA PRO A 588 22.84 -7.61 9.69
C PRO A 588 22.59 -7.84 11.18
N ARG A 589 23.56 -7.46 12.03
CA ARG A 589 23.44 -7.61 13.48
C ARG A 589 22.46 -6.62 14.07
N GLU A 590 21.17 -6.91 13.92
CA GLU A 590 20.08 -6.09 14.42
C GLU A 590 18.92 -6.98 14.81
N CYS A 591 18.03 -6.42 15.65
CA CYS A 591 16.78 -7.03 16.10
C CYS A 591 17.04 -8.42 16.66
N ASN A 592 16.34 -9.43 16.14
CA ASN A 592 16.56 -10.81 16.52
C ASN A 592 17.10 -11.50 15.31
N TRP A 593 18.39 -11.32 15.06
CA TRP A 593 19.04 -11.93 13.92
C TRP A 593 19.08 -13.44 14.01
N LEU A 594 19.09 -13.98 15.23
CA LEU A 594 19.08 -15.43 15.43
C LEU A 594 17.78 -16.03 14.93
N ARG A 595 16.67 -15.27 15.05
CA ARG A 595 15.35 -15.66 14.54
C ARG A 595 15.48 -15.82 13.02
N VAL A 596 16.14 -14.84 12.36
CA VAL A 596 16.41 -14.85 10.92
C VAL A 596 17.34 -16.02 10.57
N MET A 597 18.39 -16.24 11.39
CA MET A 597 19.36 -17.32 11.20
C MET A 597 18.67 -18.69 11.24
N ASN A 598 17.80 -18.90 12.25
CA ASN A 598 17.06 -20.15 12.44
C ASN A 598 16.21 -20.45 11.23
N HIS A 599 15.60 -19.40 10.64
CA HIS A 599 14.77 -19.52 9.45
C HIS A 599 15.57 -20.06 8.27
N ARG A 600 16.78 -19.53 8.06
CA ARG A 600 17.66 -20.01 6.99
C ARG A 600 18.28 -21.36 7.32
N LEU A 601 18.51 -21.64 8.62
CA LEU A 601 19.07 -22.90 9.08
C LEU A 601 18.14 -24.05 8.67
N MET A 602 16.82 -23.89 8.89
CA MET A 602 15.82 -24.86 8.47
C MET A 602 15.70 -24.92 6.96
N GLN A 603 15.73 -23.74 6.30
CA GLN A 603 15.61 -23.62 4.85
C GLN A 603 16.81 -24.22 4.09
N ASP A 604 18.01 -24.20 4.71
CA ASP A 604 19.24 -24.79 4.17
C ASP A 604 19.19 -26.31 4.33
N LEU A 605 18.66 -26.77 5.46
CA LEU A 605 18.52 -28.19 5.77
C LEU A 605 17.61 -28.86 4.74
N GLN A 606 16.47 -28.22 4.43
CA GLN A 606 15.51 -28.69 3.43
C GLN A 606 16.14 -28.68 2.04
N ALA A 607 17.13 -27.80 1.83
CA ALA A 607 17.90 -27.69 0.58
C ALA A 607 18.84 -28.87 0.45
N LEU A 608 19.39 -29.37 1.57
CA LEU A 608 20.29 -30.53 1.59
C LEU A 608 19.51 -31.83 1.35
N GLN A 609 18.38 -32.01 2.07
CA GLN A 609 17.50 -33.17 1.98
C GLN A 609 17.11 -33.51 0.55
N GLN A 610 16.61 -32.51 -0.22
CA GLN A 610 16.19 -32.70 -1.61
C GLN A 610 17.32 -33.18 -2.51
N ALA A 611 18.58 -32.75 -2.24
CA ALA A 611 19.74 -33.20 -3.01
C ALA A 611 20.05 -34.65 -2.67
N GLY A 612 19.82 -35.03 -1.40
CA GLY A 612 20.01 -36.38 -0.90
C GLY A 612 19.10 -37.40 -1.55
N TYR A 613 17.80 -37.05 -1.70
CA TYR A 613 16.79 -37.91 -2.34
C TYR A 613 17.00 -38.06 -3.84
N PHE A 614 17.77 -37.16 -4.45
CA PHE A 614 18.13 -37.23 -5.86
C PHE A 614 19.50 -37.87 -6.00
N GLY A 615 20.07 -38.24 -4.84
CA GLY A 615 21.36 -38.91 -4.71
C GLY A 615 22.56 -38.07 -5.10
N MET A 616 22.42 -36.73 -5.08
CA MET A 616 23.49 -35.79 -5.42
C MET A 616 24.63 -35.93 -4.43
N LEU A 617 24.27 -36.16 -3.16
CA LEU A 617 25.20 -36.26 -2.04
C LEU A 617 25.91 -37.62 -1.88
N ASN A 618 27.09 -37.60 -1.23
CA ASN A 618 27.89 -38.79 -0.93
C ASN A 618 28.62 -38.58 0.43
N GLU A 619 29.05 -39.68 1.08
CA GLU A 619 29.67 -39.70 2.41
C GLU A 619 31.01 -38.95 2.56
N SER A 620 31.83 -38.92 1.51
CA SER A 620 33.10 -38.20 1.59
C SER A 620 32.89 -36.89 0.85
N MET A 621 32.39 -35.87 1.56
CA MET A 621 32.06 -34.57 0.98
C MET A 621 32.16 -33.47 2.00
N TRP A 622 32.58 -32.29 1.55
CA TRP A 622 32.54 -31.16 2.44
C TRP A 622 31.20 -30.54 2.20
N LEU A 623 30.31 -30.69 3.18
CA LEU A 623 28.94 -30.20 3.10
C LEU A 623 28.83 -28.66 3.05
N PRO A 624 29.63 -27.85 3.80
CA PRO A 624 29.50 -26.39 3.69
C PRO A 624 29.76 -25.81 2.29
N GLY A 625 30.50 -26.53 1.47
CA GLY A 625 30.87 -26.16 0.10
C GLY A 625 29.81 -26.43 -0.94
N PHE A 626 28.64 -26.92 -0.51
CA PHE A 626 27.47 -27.17 -1.36
C PHE A 626 26.88 -25.79 -1.61
N PHE A 627 27.01 -24.92 -0.59
CA PHE A 627 26.54 -23.54 -0.55
C PHE A 627 27.52 -22.57 -1.21
N LEU A 628 28.81 -22.86 -1.06
CA LEU A 628 29.93 -22.04 -1.54
C LEU A 628 30.26 -22.23 -3.01
N GLU A 629 29.53 -23.12 -3.71
CA GLU A 629 29.70 -23.44 -5.11
C GLU A 629 29.64 -22.16 -5.98
N LYS A 630 28.61 -21.34 -5.76
CA LYS A 630 28.42 -20.11 -6.53
C LYS A 630 28.76 -18.82 -5.76
N ALA A 631 29.21 -18.94 -4.49
CA ALA A 631 29.57 -17.79 -3.65
C ALA A 631 30.68 -16.92 -4.24
N LEU A 632 30.53 -15.61 -4.05
CA LEU A 632 31.49 -14.62 -4.51
C LEU A 632 32.42 -14.29 -3.38
N SER A 633 33.69 -14.08 -3.71
CA SER A 633 34.70 -13.70 -2.74
C SER A 633 34.41 -12.31 -2.18
N ARG A 634 34.06 -11.33 -3.04
CA ARG A 634 33.83 -9.94 -2.61
C ARG A 634 32.36 -9.54 -2.58
N ARG A 635 31.95 -8.78 -1.53
CA ARG A 635 30.57 -8.33 -1.36
C ARG A 635 30.36 -6.82 -1.46
N ASN A 636 29.55 -6.40 -2.45
CA ASN A 636 29.19 -5.01 -2.67
C ASN A 636 27.76 -4.78 -2.18
N THR A 637 27.59 -3.82 -1.23
CA THR A 637 26.29 -3.48 -0.61
C THR A 637 25.40 -2.74 -1.60
N LEU A 638 26.01 -2.11 -2.59
CA LEU A 638 25.27 -1.42 -3.61
C LEU A 638 24.62 -2.41 -4.56
N ILE A 639 25.40 -3.37 -5.08
CA ILE A 639 24.86 -4.37 -6.01
C ILE A 639 23.91 -5.31 -5.30
N PHE A 640 24.30 -5.72 -4.10
CA PHE A 640 23.59 -6.69 -3.31
C PHE A 640 23.21 -6.02 -2.05
N PRO A 641 22.20 -5.16 -2.12
CA PRO A 641 21.76 -4.46 -0.93
C PRO A 641 21.07 -5.43 -0.03
N GLU A 642 21.15 -5.20 1.26
CA GLU A 642 20.49 -6.13 2.17
C GLU A 642 19.02 -5.86 2.27
N ASP A 643 18.56 -4.69 1.82
CA ASP A 643 17.16 -4.48 1.69
C ASP A 643 16.99 -4.94 0.28
N LYS A 644 16.36 -6.09 0.13
CA LYS A 644 16.18 -6.79 -1.13
C LYS A 644 15.39 -6.05 -2.15
N ASN A 645 14.49 -5.19 -1.67
CA ASN A 645 13.57 -4.43 -2.49
C ASN A 645 14.21 -3.32 -3.27
N GLU A 646 15.22 -2.72 -2.69
CA GLU A 646 15.94 -1.57 -3.16
C GLU A 646 16.42 -1.89 -4.54
N LEU A 647 15.72 -1.35 -5.51
CA LEU A 647 16.09 -1.51 -6.89
C LEU A 647 15.42 -0.45 -7.67
N THR A 648 16.19 0.18 -8.56
CA THR A 648 15.69 1.22 -9.45
C THR A 648 16.16 0.95 -10.86
N VAL A 649 15.25 0.98 -11.81
CA VAL A 649 15.53 0.73 -13.21
C VAL A 649 14.87 1.86 -13.97
N LEU A 650 15.50 2.33 -15.03
CA LEU A 650 14.94 3.42 -15.82
C LEU A 650 14.64 2.93 -17.20
N ASN A 651 13.67 3.52 -17.90
CA ASN A 651 13.46 3.10 -19.28
C ASN A 651 14.58 3.74 -20.11
N VAL A 652 15.41 2.90 -20.73
CA VAL A 652 16.57 3.33 -21.53
C VAL A 652 16.13 4.08 -22.79
N ASN A 653 15.12 3.54 -23.51
CA ASN A 653 14.63 4.20 -24.72
C ASN A 653 14.21 5.62 -24.41
N LYS A 654 13.49 5.80 -23.29
CA LYS A 654 13.05 7.09 -22.77
C LYS A 654 14.27 8.01 -22.58
N ILE A 655 15.32 7.52 -21.88
CA ILE A 655 16.56 8.27 -21.60
C ILE A 655 17.20 8.84 -22.87
N TYR A 656 17.19 8.09 -23.98
CA TYR A 656 17.79 8.56 -25.22
C TYR A 656 16.79 9.26 -26.14
N ILE A 657 15.51 9.33 -25.72
CA ILE A 657 14.46 10.03 -26.47
C ILE A 657 14.23 11.43 -25.89
N GLU A 658 14.03 11.54 -24.57
CA GLU A 658 13.77 12.80 -23.89
C GLU A 658 14.99 13.70 -23.90
N ASN A 659 16.19 13.12 -23.71
CA ASN A 659 17.44 13.86 -23.60
C ASN A 659 18.38 13.68 -24.77
N HIS A 660 17.82 13.54 -25.99
CA HIS A 660 18.58 13.37 -27.23
C HIS A 660 19.61 14.49 -27.39
N ASP A 661 19.24 15.71 -26.99
CA ASP A 661 20.10 16.89 -27.03
C ASP A 661 21.36 16.62 -26.18
N LEU A 662 21.16 16.03 -24.98
CA LEU A 662 22.25 15.71 -24.06
C LEU A 662 23.07 14.49 -24.48
N MET A 663 22.41 13.34 -24.73
CA MET A 663 23.04 12.06 -25.02
C MET A 663 23.70 11.92 -26.40
N SER A 664 23.52 12.91 -27.30
CA SER A 664 24.18 12.90 -28.60
C SER A 664 25.44 13.76 -28.53
N LYS A 665 25.71 14.37 -27.36
CA LYS A 665 26.87 15.24 -27.11
C LYS A 665 27.71 14.81 -25.89
N VAL A 666 27.43 13.63 -25.30
CA VAL A 666 28.18 13.06 -24.17
C VAL A 666 29.37 12.27 -24.71
N PRO A 667 30.55 12.18 -24.03
CA PRO A 667 31.63 11.35 -24.57
C PRO A 667 31.16 9.90 -24.57
N VAL A 668 31.19 9.25 -25.75
CA VAL A 668 30.74 7.87 -25.91
C VAL A 668 31.86 6.97 -26.43
N ILE A 669 32.08 5.83 -25.75
CA ILE A 669 32.99 4.80 -26.23
C ILE A 669 32.09 3.72 -26.77
N GLU A 670 32.07 3.57 -28.08
CA GLU A 670 31.25 2.56 -28.70
C GLU A 670 31.84 1.25 -28.33
N ALA A 671 31.00 0.25 -28.13
CA ALA A 671 31.47 -1.09 -27.88
C ALA A 671 31.87 -1.67 -29.21
N SER A 672 32.91 -2.50 -29.20
CA SER A 672 33.63 -3.00 -30.34
C SER A 672 32.81 -3.51 -31.50
N LYS A 673 33.36 -3.34 -32.68
CA LYS A 673 32.79 -3.72 -33.95
C LYS A 673 32.63 -5.22 -34.10
N GLU A 674 33.56 -5.95 -33.51
CA GLU A 674 33.65 -7.37 -33.71
C GLU A 674 33.60 -8.05 -32.37
N SER A 675 32.40 -8.08 -31.81
CA SER A 675 32.07 -8.67 -30.52
C SER A 675 30.69 -9.24 -30.63
N THR A 676 30.34 -10.13 -29.71
CA THR A 676 29.11 -10.87 -29.85
C THR A 676 28.00 -10.42 -28.96
N ARG A 677 26.79 -10.68 -29.45
CA ARG A 677 25.51 -10.38 -28.83
C ARG A 677 25.51 -10.74 -27.37
N ASP A 678 26.05 -11.91 -27.03
CA ASP A 678 26.15 -12.33 -25.65
C ASP A 678 27.07 -11.40 -24.86
N ASP A 679 28.17 -10.93 -25.47
CA ASP A 679 29.09 -9.97 -24.86
C ASP A 679 28.48 -8.59 -24.64
N TRP A 680 27.57 -8.15 -25.54
CA TRP A 680 26.94 -6.82 -25.51
C TRP A 680 26.29 -6.41 -24.19
N ALA A 681 26.56 -5.17 -23.78
CA ALA A 681 26.06 -4.50 -22.58
C ALA A 681 26.28 -3.00 -22.73
N ALA A 682 25.41 -2.18 -22.12
CA ALA A 682 25.49 -0.72 -22.18
C ALA A 682 25.65 -0.14 -20.78
N LEU A 683 26.69 0.69 -20.60
CA LEU A 683 27.01 1.35 -19.35
C LEU A 683 27.03 2.88 -19.49
N THR A 684 26.51 3.57 -18.47
CA THR A 684 26.47 5.03 -18.38
C THR A 684 26.94 5.42 -16.97
N VAL A 685 27.93 6.31 -16.89
CA VAL A 685 28.47 6.78 -15.61
C VAL A 685 28.08 8.24 -15.41
N VAL A 686 27.47 8.54 -14.25
CA VAL A 686 27.07 9.91 -13.88
C VAL A 686 28.00 10.31 -12.73
N ALA A 687 28.82 11.37 -12.91
CA ALA A 687 29.78 11.76 -11.87
C ALA A 687 30.16 13.23 -11.84
N ASP A 688 30.52 13.72 -10.63
CA ASP A 688 30.98 15.09 -10.42
C ASP A 688 32.48 15.11 -10.70
N LEU A 689 32.88 15.59 -11.87
CA LEU A 689 34.29 15.64 -12.24
C LEU A 689 35.07 16.79 -11.57
N ASP A 690 34.41 17.59 -10.71
CA ASP A 690 35.03 18.65 -9.91
C ASP A 690 35.40 18.11 -8.52
N ASP A 691 35.26 16.78 -8.34
CA ASP A 691 35.59 16.07 -7.11
C ASP A 691 36.47 14.87 -7.44
N ILE A 692 37.39 14.53 -6.51
CA ILE A 692 38.31 13.41 -6.63
C ILE A 692 37.55 12.10 -6.85
N GLU A 693 36.47 11.86 -6.06
CA GLU A 693 35.63 10.66 -6.09
C GLU A 693 34.93 10.51 -7.44
N GLY A 694 34.47 11.63 -7.99
CA GLY A 694 33.81 11.68 -9.28
C GLY A 694 34.69 11.28 -10.45
N GLN A 695 35.96 11.77 -10.45
CA GLN A 695 36.92 11.45 -11.49
C GLN A 695 37.64 10.12 -11.26
N GLU A 696 37.74 9.66 -10.00
CA GLU A 696 38.33 8.37 -9.63
C GLU A 696 37.43 7.28 -10.22
N LEU A 697 36.11 7.39 -9.97
CA LEU A 697 35.05 6.51 -10.43
C LEU A 697 35.07 6.27 -11.94
N VAL A 698 35.28 7.36 -12.73
CA VAL A 698 35.35 7.31 -14.19
C VAL A 698 36.62 6.57 -14.64
N TYR A 699 37.77 6.79 -13.97
CA TYR A 699 39.00 6.10 -14.32
C TYR A 699 38.81 4.59 -14.28
N TYR A 700 38.12 4.08 -13.23
CA TYR A 700 37.79 2.67 -13.04
C TYR A 700 36.87 2.13 -14.13
N ALA A 701 35.92 2.97 -14.57
CA ALA A 701 34.96 2.62 -15.62
C ALA A 701 35.68 2.48 -16.95
N LEU A 702 36.67 3.37 -17.19
CA LEU A 702 37.51 3.37 -18.39
C LEU A 702 38.40 2.15 -18.41
N ARG A 703 38.97 1.79 -17.24
CA ARG A 703 39.83 0.63 -17.03
C ARG A 703 39.04 -0.62 -17.36
N PHE A 704 37.83 -0.71 -16.80
CA PHE A 704 36.91 -1.82 -17.01
C PHE A 704 36.56 -1.99 -18.48
N ARG A 705 36.44 -0.88 -19.22
CA ARG A 705 36.13 -0.90 -20.64
C ARG A 705 37.26 -1.49 -21.50
N LYS A 706 38.54 -1.22 -21.16
CA LYS A 706 39.70 -1.76 -21.89
C LYS A 706 39.63 -3.30 -21.92
N SER A 707 39.31 -3.90 -20.75
CA SER A 707 39.21 -5.34 -20.53
C SER A 707 38.01 -5.95 -21.24
N ASN A 708 36.84 -5.30 -21.17
CA ASN A 708 35.61 -5.80 -21.77
C ASN A 708 35.24 -5.05 -23.05
N ASP A 709 35.58 -5.66 -24.21
CA ASP A 709 35.36 -5.16 -25.57
C ASP A 709 33.87 -5.00 -25.96
N GLY A 710 32.98 -5.74 -25.30
CA GLY A 710 31.55 -5.75 -25.57
C GLY A 710 30.75 -4.57 -25.06
N VAL A 711 31.21 -3.90 -23.98
CA VAL A 711 30.55 -2.76 -23.32
C VAL A 711 30.60 -1.48 -24.17
N ARG A 712 29.53 -0.67 -24.11
CA ARG A 712 29.39 0.64 -24.74
C ARG A 712 29.26 1.64 -23.59
N LEU A 713 30.27 2.52 -23.42
CA LEU A 713 30.33 3.50 -22.32
C LEU A 713 29.89 4.91 -22.68
N ASP A 714 29.25 5.59 -21.70
CA ASP A 714 28.78 6.98 -21.75
C ASP A 714 29.23 7.67 -20.47
N ILE A 715 29.64 8.94 -20.57
CA ILE A 715 30.05 9.69 -19.39
C ILE A 715 29.21 10.96 -19.27
N VAL A 716 28.53 11.10 -18.12
CA VAL A 716 27.69 12.25 -17.83
C VAL A 716 28.34 13.00 -16.69
N HIS A 717 28.75 14.22 -16.93
CA HIS A 717 29.36 15.04 -15.90
C HIS A 717 28.28 15.77 -15.15
N ASN A 718 28.11 15.39 -13.88
CA ASN A 718 27.12 16.00 -13.00
C ASN A 718 27.80 16.78 -11.86
N PRO A 719 27.99 18.10 -12.02
CA PRO A 719 28.65 18.89 -10.98
C PRO A 719 27.75 19.49 -9.90
N LYS A 720 28.26 19.52 -8.65
CA LYS A 720 27.58 20.08 -7.47
C LYS A 720 27.38 21.58 -7.61
N ASP A 721 28.42 22.30 -8.06
CA ASP A 721 28.40 23.74 -8.25
C ASP A 721 28.16 24.00 -9.74
N THR A 722 27.03 24.68 -10.05
CA THR A 722 26.65 24.99 -11.43
C THR A 722 26.90 26.50 -11.73
N SER A 723 27.91 27.10 -11.06
CA SER A 723 28.31 28.49 -11.33
C SER A 723 28.99 28.49 -12.71
N ARG A 724 29.82 27.47 -12.95
CA ARG A 724 30.53 27.21 -14.20
C ARG A 724 29.70 26.18 -14.96
N SER A 725 29.48 26.41 -16.26
CA SER A 725 28.67 25.55 -17.11
C SER A 725 29.15 24.11 -17.18
N PRO A 726 28.23 23.15 -17.04
CA PRO A 726 28.60 21.73 -17.14
C PRO A 726 29.08 21.32 -18.54
N SER A 727 28.61 22.03 -19.59
CA SER A 727 28.95 21.74 -20.98
C SER A 727 30.45 21.80 -21.28
N VAL A 728 31.19 22.71 -20.61
CA VAL A 728 32.64 22.89 -20.82
C VAL A 728 33.44 21.59 -20.59
N LEU A 729 33.33 20.96 -19.40
CA LEU A 729 34.06 19.73 -19.08
C LEU A 729 33.65 18.53 -19.94
N ALA A 730 32.40 18.49 -20.39
CA ALA A 730 31.89 17.47 -21.29
C ALA A 730 32.53 17.68 -22.67
N GLN A 731 32.62 18.97 -23.11
CA GLN A 731 33.23 19.37 -24.37
C GLN A 731 34.74 19.07 -24.37
N ARG A 732 35.40 19.14 -23.19
CA ARG A 732 36.83 18.85 -23.02
C ARG A 732 37.10 17.39 -23.35
N LEU A 733 36.20 16.49 -22.92
CA LEU A 733 36.33 15.05 -23.10
C LEU A 733 35.91 14.54 -24.46
N LYS A 734 34.84 15.08 -25.06
CA LYS A 734 34.39 14.63 -26.37
C LYS A 734 35.43 14.91 -27.47
N SER A 735 36.31 15.89 -27.22
CA SER A 735 37.43 16.19 -28.11
C SER A 735 38.46 15.07 -27.94
N ARG A 736 38.62 14.56 -26.71
CA ARG A 736 39.58 13.51 -26.36
C ARG A 736 38.97 12.12 -26.50
N GLU A 737 37.70 12.07 -26.94
CA GLU A 737 36.87 10.88 -27.07
C GLU A 737 37.54 9.75 -27.80
N ASP A 738 38.23 10.07 -28.89
CA ASP A 738 38.92 9.10 -29.71
C ASP A 738 40.07 8.48 -28.92
N LYS A 739 40.72 9.30 -28.10
CA LYS A 739 41.88 8.96 -27.31
C LYS A 739 41.52 8.38 -25.96
N LEU A 740 40.22 8.32 -25.63
CA LEU A 740 39.79 7.74 -24.36
C LEU A 740 40.31 6.33 -24.20
N LEU A 741 40.61 5.97 -22.94
CA LEU A 741 41.17 4.70 -22.48
C LEU A 741 42.54 4.40 -23.15
N ASP A 742 43.37 5.43 -23.23
CA ASP A 742 44.76 5.37 -23.67
C ASP A 742 45.53 6.06 -22.56
N PHE A 743 44.86 6.18 -21.40
CA PHE A 743 45.38 6.79 -20.20
C PHE A 743 46.15 5.76 -19.42
N THR A 744 47.45 5.70 -19.73
CA THR A 744 48.42 4.82 -19.09
C THR A 744 48.35 5.09 -17.58
N ARG A 745 48.24 6.38 -17.21
CA ARG A 745 48.12 6.81 -15.83
C ARG A 745 46.91 7.72 -15.60
N PHE A 746 46.48 7.79 -14.33
CA PHE A 746 45.35 8.58 -13.89
C PHE A 746 45.47 10.06 -14.20
N LEU A 747 46.68 10.66 -14.03
CA LEU A 747 46.90 12.08 -14.32
C LEU A 747 46.60 12.46 -15.74
N ASP A 748 46.70 11.53 -16.71
CA ASP A 748 46.39 11.80 -18.10
C ASP A 748 44.92 12.23 -18.23
N LEU A 749 44.03 11.62 -17.42
CA LEU A 749 42.61 11.94 -17.36
C LEU A 749 42.41 13.27 -16.66
N GLU A 750 43.12 13.49 -15.52
CA GLU A 750 43.10 14.73 -14.72
C GLU A 750 43.48 15.92 -15.58
N THR A 751 44.59 15.79 -16.34
CA THR A 751 45.15 16.82 -17.24
C THR A 751 44.21 17.14 -18.38
N ALA A 752 43.59 16.10 -19.00
CA ALA A 752 42.64 16.24 -20.11
C ALA A 752 41.45 17.10 -19.71
N LEU A 753 41.05 17.05 -18.42
CA LEU A 753 39.94 17.84 -17.87
C LEU A 753 40.27 19.33 -17.83
N GLU A 754 41.53 19.68 -17.51
CA GLU A 754 42.02 21.05 -17.37
C GLU A 754 42.21 21.81 -18.69
N THR A 755 42.75 21.14 -19.71
CA THR A 755 43.18 21.73 -20.99
C THR A 755 42.10 21.86 -22.07
N GLY A 756 42.16 22.99 -22.77
CA GLY A 756 41.25 23.35 -23.85
C GLY A 756 40.36 24.54 -23.51
N GLU A 757 40.00 25.34 -24.52
CA GLU A 757 39.12 26.48 -24.31
C GLU A 757 37.78 26.24 -24.97
N PHE A 758 36.69 26.30 -24.19
CA PHE A 758 35.38 26.01 -24.75
C PHE A 758 34.28 27.01 -24.44
N GLU A 759 33.32 27.00 -25.37
CA GLU A 759 32.12 27.79 -25.51
C GLU A 759 30.94 27.00 -24.90
N PRO A 760 30.34 27.47 -23.78
CA PRO A 760 29.25 26.68 -23.17
C PRO A 760 28.02 26.50 -24.05
N ASP A 761 27.66 25.23 -24.32
CA ASP A 761 26.44 24.93 -25.06
C ASP A 761 25.39 24.95 -23.97
N VAL A 762 24.67 26.08 -23.83
CA VAL A 762 23.67 26.24 -22.79
C VAL A 762 22.40 25.41 -23.13
N ALA A 763 22.27 24.92 -24.38
CA ALA A 763 21.19 24.02 -24.77
C ALA A 763 21.46 22.66 -24.11
N TYR A 764 22.76 22.24 -24.06
CA TYR A 764 23.24 21.00 -23.42
C TYR A 764 22.91 21.04 -21.92
N ASP A 765 23.26 22.16 -21.24
CA ASP A 765 23.04 22.42 -19.81
C ASP A 765 21.58 22.21 -19.41
N ALA A 766 20.64 22.69 -20.25
CA ALA A 766 19.18 22.58 -20.06
C ALA A 766 18.74 21.11 -20.06
N SER A 767 19.14 20.33 -21.09
CA SER A 767 18.81 18.91 -21.20
C SER A 767 19.46 18.10 -20.08
N LEU A 768 20.63 18.56 -19.59
CA LEU A 768 21.36 17.92 -18.49
C LEU A 768 20.54 17.96 -17.21
N ALA A 769 20.11 19.16 -16.76
CA ALA A 769 19.30 19.35 -15.55
C ALA A 769 17.88 18.76 -15.64
N ASN A 770 17.37 18.50 -16.87
CA ASN A 770 16.08 17.86 -17.09
C ASN A 770 16.22 16.36 -16.84
N PHE A 771 17.33 15.78 -17.32
CA PHE A 771 17.70 14.37 -17.15
C PHE A 771 17.75 13.96 -15.69
N LEU A 772 18.48 14.74 -14.87
CA LEU A 772 18.61 14.50 -13.44
C LEU A 772 17.28 14.60 -12.73
N ALA A 773 16.43 15.55 -13.14
CA ALA A 773 15.11 15.76 -12.57
C ALA A 773 14.19 14.58 -12.90
N SER A 774 14.24 14.09 -14.16
CA SER A 774 13.46 12.94 -14.62
C SER A 774 13.90 11.70 -13.87
N SER A 775 15.22 11.54 -13.76
CA SER A 775 15.87 10.40 -13.14
C SER A 775 16.02 10.48 -11.61
N ASN A 776 15.50 11.56 -10.99
CA ASN A 776 15.52 11.80 -9.55
C ASN A 776 16.95 11.71 -8.97
N MET A 777 17.84 12.52 -9.54
CA MET A 777 19.23 12.61 -9.15
C MET A 777 19.55 14.02 -8.73
N LYS A 778 20.29 14.14 -7.62
CA LYS A 778 20.73 15.40 -7.04
C LYS A 778 22.01 15.83 -7.75
N ALA A 779 22.44 17.10 -7.55
CA ALA A 779 23.65 17.67 -8.12
C ALA A 779 24.86 17.26 -7.28
N GLY A 780 25.96 16.98 -7.97
CA GLY A 780 27.22 16.55 -7.38
C GLY A 780 27.20 15.17 -6.79
N ASP A 781 26.24 14.33 -7.23
CA ASP A 781 26.07 12.95 -6.77
C ASP A 781 26.48 11.97 -7.85
N ASN A 782 27.24 10.94 -7.47
CA ASN A 782 27.78 9.93 -8.38
C ASN A 782 26.86 8.74 -8.51
N PHE A 783 26.64 8.28 -9.74
CA PHE A 783 25.75 7.14 -10.04
C PHE A 783 26.34 6.30 -11.17
N VAL A 784 25.93 5.03 -11.25
CA VAL A 784 26.36 4.07 -12.28
C VAL A 784 25.10 3.39 -12.85
N ILE A 785 24.99 3.34 -14.20
CA ILE A 785 23.84 2.75 -14.88
C ILE A 785 24.26 1.70 -15.91
N LEU A 786 23.97 0.42 -15.62
CA LEU A 786 24.23 -0.64 -16.58
C LEU A 786 22.88 -1.19 -16.97
N ASN A 787 22.57 -1.12 -18.27
CA ASN A 787 21.34 -1.60 -18.88
C ASN A 787 20.07 -1.13 -18.14
N GLY A 788 20.02 0.16 -17.80
CA GLY A 788 18.89 0.76 -17.13
C GLY A 788 18.90 0.75 -15.61
N ARG A 789 19.65 -0.16 -14.99
CA ARG A 789 19.69 -0.27 -13.53
C ARG A 789 20.67 0.72 -12.90
N VAL A 790 20.15 1.53 -11.95
CA VAL A 790 20.89 2.58 -11.25
C VAL A 790 21.39 2.13 -9.87
N LEU A 791 22.67 2.42 -9.58
CA LEU A 791 23.30 2.20 -8.28
C LEU A 791 23.87 3.53 -7.82
N GLY A 792 23.55 3.93 -6.60
CA GLY A 792 24.04 5.18 -6.03
C GLY A 792 23.09 5.85 -5.06
N PRO A 793 23.44 7.04 -4.53
CA PRO A 793 24.65 7.84 -4.79
C PRO A 793 25.93 7.24 -4.22
N ILE A 794 27.04 7.36 -4.98
CA ILE A 794 28.36 6.87 -4.57
C ILE A 794 29.05 7.98 -3.77
N THR A 795 29.12 7.81 -2.44
CA THR A 795 29.74 8.77 -1.53
C THR A 795 31.28 8.74 -1.69
N SER A 796 31.85 7.52 -1.77
CA SER A 796 33.28 7.29 -1.93
C SER A 796 33.53 6.35 -3.11
N ALA A 797 34.44 6.72 -4.01
CA ALA A 797 34.78 5.94 -5.21
C ALA A 797 35.50 4.63 -4.93
N ASP A 798 35.91 4.42 -3.66
CA ASP A 798 36.54 3.18 -3.21
C ASP A 798 35.47 2.10 -3.13
N ASP A 799 34.19 2.51 -2.98
CA ASP A 799 33.03 1.64 -2.95
C ASP A 799 32.83 0.96 -4.30
N PHE A 800 33.02 1.70 -5.41
CA PHE A 800 32.87 1.15 -6.74
C PHE A 800 34.18 1.14 -7.51
N LYS A 801 34.87 -0.01 -7.53
CA LYS A 801 36.15 -0.20 -8.22
C LYS A 801 35.98 -1.02 -9.50
N LYS A 802 37.05 -1.19 -10.29
CA LYS A 802 37.07 -1.97 -11.54
C LYS A 802 36.48 -3.37 -11.34
N GLU A 803 36.84 -4.03 -10.22
CA GLU A 803 36.40 -5.37 -9.82
C GLU A 803 34.90 -5.35 -9.51
N ASP A 804 34.39 -4.19 -9.05
CA ASP A 804 32.98 -4.00 -8.72
C ASP A 804 32.11 -3.88 -9.95
N PHE A 805 32.65 -3.31 -11.03
CA PHE A 805 31.96 -3.20 -12.31
C PHE A 805 31.82 -4.58 -12.92
N GLU A 806 32.88 -5.41 -12.80
CA GLU A 806 32.95 -6.77 -13.34
C GLU A 806 31.89 -7.70 -12.78
N VAL A 807 31.67 -7.65 -11.46
CA VAL A 807 30.64 -8.47 -10.81
C VAL A 807 29.27 -7.89 -11.11
N PHE A 808 29.16 -6.54 -11.12
CA PHE A 808 27.90 -5.85 -11.44
C PHE A 808 27.39 -6.26 -12.80
N LEU A 809 28.29 -6.39 -13.77
CA LEU A 809 27.97 -6.85 -15.10
C LEU A 809 27.66 -8.34 -15.07
N GLN A 810 28.43 -9.12 -14.31
CA GLN A 810 28.28 -10.56 -14.21
C GLN A 810 26.89 -10.95 -13.68
N ALA A 811 26.47 -10.31 -12.57
CA ALA A 811 25.19 -10.53 -11.90
C ALA A 811 24.03 -10.06 -12.74
N GLU A 812 24.09 -8.80 -13.16
CA GLU A 812 23.08 -8.13 -13.98
C GLU A 812 22.87 -8.88 -15.25
N ARG A 813 23.98 -9.32 -15.86
CA ARG A 813 24.00 -10.09 -17.08
C ARG A 813 23.13 -11.29 -16.91
N ARG A 814 23.43 -12.10 -15.90
CA ARG A 814 22.72 -13.31 -15.57
C ARG A 814 21.23 -13.11 -15.59
N THR A 815 20.71 -12.35 -14.61
CA THR A 815 19.29 -12.08 -14.47
C THR A 815 18.66 -11.41 -15.64
N ARG A 816 19.07 -10.20 -15.90
CA ARG A 816 18.27 -9.48 -16.84
C ARG A 816 18.63 -9.78 -18.24
N ILE A 817 19.90 -9.83 -18.53
CA ILE A 817 20.24 -10.02 -19.92
C ILE A 817 20.09 -11.44 -20.38
N LEU A 818 20.47 -12.44 -19.58
CA LEU A 818 20.38 -13.74 -20.20
C LEU A 818 18.94 -14.21 -20.35
N PRO A 819 18.01 -13.94 -19.41
CA PRO A 819 16.62 -14.28 -19.67
C PRO A 819 16.04 -13.53 -20.85
N VAL A 820 16.42 -12.26 -21.09
CA VAL A 820 15.88 -11.61 -22.28
C VAL A 820 16.42 -12.27 -23.53
N TYR A 821 17.74 -12.50 -23.62
CA TYR A 821 18.32 -13.09 -24.81
C TYR A 821 17.69 -14.42 -25.23
N LYS A 822 17.58 -15.39 -24.30
CA LYS A 822 16.99 -16.71 -24.58
C LYS A 822 15.59 -16.56 -25.12
N ALA A 823 14.69 -16.04 -24.26
CA ALA A 823 13.27 -15.80 -24.52
C ALA A 823 13.06 -15.16 -25.89
N LEU A 824 13.74 -14.04 -26.13
CA LEU A 824 13.74 -13.27 -27.37
C LEU A 824 14.06 -14.17 -28.58
N GLU A 825 15.15 -14.96 -28.49
CA GLU A 825 15.59 -15.91 -29.54
C GLU A 825 14.57 -17.04 -29.75
N ASP A 826 13.94 -17.55 -28.66
CA ASP A 826 12.93 -18.61 -28.72
C ASP A 826 11.76 -18.21 -29.62
N LEU A 827 11.40 -16.91 -29.60
CA LEU A 827 10.34 -16.31 -30.42
C LEU A 827 10.87 -15.91 -31.80
N GLY A 828 12.20 -15.89 -31.94
CA GLY A 828 12.86 -15.52 -33.18
C GLY A 828 12.76 -14.04 -33.47
N LEU A 829 12.94 -13.21 -32.44
CA LEU A 829 12.90 -11.74 -32.53
C LEU A 829 14.35 -11.22 -32.43
N ASP A 830 15.33 -12.15 -32.39
CA ASP A 830 16.77 -11.87 -32.24
C ASP A 830 17.42 -11.18 -33.46
N ASP A 831 16.61 -10.74 -34.43
CA ASP A 831 17.07 -9.97 -35.59
C ASP A 831 17.03 -8.51 -35.18
N LYS A 832 16.10 -8.16 -34.26
CA LYS A 832 15.81 -6.81 -33.77
C LYS A 832 16.90 -6.20 -32.88
N VAL A 833 17.88 -7.00 -32.44
CA VAL A 833 19.00 -6.54 -31.63
C VAL A 833 20.18 -6.17 -32.55
N SER A 834 20.45 -4.86 -32.69
CA SER A 834 21.48 -4.35 -33.61
C SER A 834 22.73 -3.76 -32.94
N GLY A 835 22.77 -3.82 -31.61
CA GLY A 835 23.88 -3.30 -30.83
C GLY A 835 23.66 -3.26 -29.34
N PRO A 836 24.66 -2.75 -28.58
CA PRO A 836 24.54 -2.69 -27.11
C PRO A 836 23.41 -1.79 -26.62
N LEU A 837 23.20 -0.65 -27.29
CA LEU A 837 22.14 0.29 -26.94
C LEU A 837 20.81 -0.29 -27.35
N SER A 838 20.78 -0.98 -28.51
CA SER A 838 19.59 -1.62 -29.07
C SER A 838 19.05 -2.66 -28.08
N ALA A 839 19.96 -3.48 -27.51
CA ALA A 839 19.69 -4.56 -26.55
C ALA A 839 19.14 -4.04 -25.22
N ALA A 840 19.78 -2.99 -24.66
CA ALA A 840 19.42 -2.35 -23.39
C ALA A 840 17.96 -1.90 -23.34
N LYS A 841 17.41 -1.44 -24.48
CA LYS A 841 16.02 -0.98 -24.60
C LYS A 841 15.08 -2.10 -24.20
N LEU A 842 15.30 -3.32 -24.75
CA LEU A 842 14.49 -4.51 -24.45
C LEU A 842 14.67 -4.99 -23.02
N THR A 843 15.92 -5.27 -22.60
CA THR A 843 16.25 -5.77 -21.25
C THR A 843 15.73 -4.83 -20.14
N SER A 844 15.87 -3.51 -20.35
CA SER A 844 15.42 -2.48 -19.41
C SER A 844 13.92 -2.44 -19.30
N VAL A 845 13.21 -2.61 -20.42
CA VAL A 845 11.74 -2.62 -20.46
C VAL A 845 11.16 -3.82 -19.71
N THR A 846 11.70 -5.04 -19.95
CA THR A 846 11.22 -6.26 -19.32
C THR A 846 11.52 -6.34 -17.82
N ALA A 847 12.53 -5.56 -17.33
CA ALA A 847 12.86 -5.51 -15.91
C ALA A 847 11.82 -4.65 -15.20
N LEU A 848 11.36 -3.58 -15.89
CA LEU A 848 10.33 -2.65 -15.40
C LEU A 848 8.97 -3.30 -15.33
N SER A 849 8.69 -4.27 -16.22
CA SER A 849 7.42 -4.99 -16.31
C SER A 849 7.09 -5.81 -15.05
N THR A 850 8.13 -6.32 -14.38
CA THR A 850 8.00 -7.20 -13.24
C THR A 850 8.13 -6.49 -11.85
N ILE A 851 8.02 -5.15 -11.82
CA ILE A 851 8.07 -4.40 -10.56
C ILE A 851 6.64 -4.05 -10.21
N SER A 852 6.15 -4.60 -9.10
CA SER A 852 4.77 -4.39 -8.66
C SER A 852 4.51 -3.00 -8.16
N ASP A 853 3.25 -2.56 -8.36
CA ASP A 853 2.73 -1.29 -7.87
C ASP A 853 2.43 -1.54 -6.39
N LEU A 854 2.01 -2.77 -6.07
CA LEU A 854 1.64 -3.16 -4.71
C LEU A 854 2.64 -4.07 -4.02
N PRO A 855 3.19 -3.55 -2.90
CA PRO A 855 4.14 -4.32 -2.10
C PRO A 855 3.58 -5.64 -1.64
N GLN A 856 4.39 -6.68 -1.84
CA GLN A 856 4.08 -8.06 -1.49
C GLN A 856 3.85 -8.19 0.01
N GLY A 857 2.77 -8.90 0.36
CA GLY A 857 2.40 -9.14 1.75
C GLY A 857 1.28 -8.26 2.29
N ILE A 858 0.83 -7.26 1.50
CA ILE A 858 -0.22 -6.36 1.95
C ILE A 858 -1.61 -6.76 1.46
N PHE A 859 -1.80 -6.80 0.14
CA PHE A 859 -3.11 -7.09 -0.47
C PHE A 859 -3.23 -8.55 -0.90
N ASP A 860 -2.07 -9.15 -1.22
CA ASP A 860 -1.88 -10.54 -1.59
C ASP A 860 -0.40 -10.84 -1.46
N ASN A 861 -0.09 -12.05 -0.99
CA ASN A 861 1.26 -12.55 -0.83
C ASN A 861 1.91 -12.87 -2.18
N ALA A 862 1.12 -13.37 -3.17
CA ALA A 862 1.60 -13.76 -4.51
C ALA A 862 2.54 -12.75 -5.21
N PRO A 863 3.65 -13.22 -5.82
CA PRO A 863 4.58 -12.30 -6.50
C PRO A 863 4.10 -11.76 -7.86
N THR A 864 4.81 -10.75 -8.40
CA THR A 864 4.52 -10.14 -9.71
C THR A 864 5.10 -11.00 -10.83
N VAL A 865 4.47 -12.15 -11.08
CA VAL A 865 4.93 -13.04 -12.14
C VAL A 865 3.85 -13.13 -13.21
N ARG A 866 4.22 -12.76 -14.44
CA ARG A 866 3.30 -12.78 -15.57
C ARG A 866 3.18 -14.20 -16.11
N THR A 867 2.01 -14.83 -15.92
CA THR A 867 1.75 -16.18 -16.39
C THR A 867 1.34 -16.17 -17.85
N THR A 868 1.60 -17.26 -18.55
CA THR A 868 1.24 -17.52 -19.94
C THR A 868 0.54 -18.88 -19.95
N LEU A 869 0.36 -19.42 -18.74
CA LEU A 869 -0.17 -20.75 -18.38
C LEU A 869 -1.62 -21.06 -18.81
N PHE A 870 -2.37 -20.05 -19.25
CA PHE A 870 -3.74 -20.20 -19.69
C PHE A 870 -3.80 -20.37 -21.22
N LYS A 871 -2.63 -20.32 -21.87
CA LYS A 871 -2.50 -20.45 -23.32
C LYS A 871 -2.69 -21.91 -23.71
N GLN A 872 -2.53 -22.81 -22.75
CA GLN A 872 -2.69 -24.25 -22.89
C GLN A 872 -4.16 -24.59 -23.13
N TRP A 873 -5.06 -23.84 -22.48
CA TRP A 873 -6.51 -24.03 -22.53
C TRP A 873 -7.15 -24.04 -23.90
N ASN A 874 -8.05 -25.03 -24.13
CA ASN A 874 -8.87 -25.15 -25.33
C ASN A 874 -9.93 -24.07 -25.19
N SER A 875 -10.26 -23.39 -26.30
CA SER A 875 -11.12 -22.21 -26.26
C SER A 875 -12.45 -22.23 -27.03
N THR A 876 -12.62 -23.14 -27.98
CA THR A 876 -13.76 -23.18 -28.89
C THR A 876 -15.15 -22.96 -28.25
N TYR A 877 -15.51 -23.72 -27.20
CA TYR A 877 -16.86 -23.64 -26.64
C TYR A 877 -17.05 -22.85 -25.35
N THR A 878 -16.01 -22.24 -24.78
CA THR A 878 -16.21 -21.44 -23.57
C THR A 878 -15.73 -20.00 -23.73
N SER A 879 -15.00 -19.72 -24.81
CA SER A 879 -14.42 -18.42 -24.99
C SER A 879 -14.99 -17.60 -26.13
N PHE A 880 -14.92 -16.28 -25.96
CA PHE A 880 -15.26 -15.35 -27.01
C PHE A 880 -14.35 -14.16 -26.90
N GLU A 881 -13.94 -13.64 -28.05
CA GLU A 881 -13.03 -12.52 -28.11
C GLU A 881 -13.65 -11.30 -28.72
N VAL A 882 -13.20 -10.13 -28.25
CA VAL A 882 -13.63 -8.82 -28.70
C VAL A 882 -12.39 -7.93 -28.90
N GLY A 883 -12.34 -7.28 -30.04
CA GLY A 883 -11.21 -6.43 -30.43
C GLY A 883 -10.25 -7.16 -31.34
N ASP A 884 -9.47 -6.42 -32.13
CA ASP A 884 -8.52 -7.06 -33.05
C ASP A 884 -7.22 -7.39 -32.36
N ALA A 885 -6.87 -8.69 -32.34
CA ALA A 885 -5.64 -9.19 -31.75
C ALA A 885 -4.42 -8.63 -32.46
N SER A 886 -4.48 -8.50 -33.80
CA SER A 886 -3.39 -7.97 -34.63
C SER A 886 -2.97 -6.55 -34.24
N THR A 887 -3.96 -5.68 -33.96
CA THR A 887 -3.71 -4.28 -33.63
C THR A 887 -3.56 -4.00 -32.14
N ALA A 888 -4.30 -4.76 -31.30
CA ALA A 888 -4.33 -4.56 -29.84
C ALA A 888 -2.99 -4.51 -29.16
N THR A 889 -2.86 -3.54 -28.24
CA THR A 889 -1.68 -3.34 -27.41
C THR A 889 -2.01 -3.93 -26.04
N ILE A 890 -3.30 -3.96 -25.70
CA ILE A 890 -3.78 -4.47 -24.43
C ILE A 890 -4.49 -5.80 -24.62
N PHE A 891 -4.09 -6.80 -23.84
CA PHE A 891 -4.67 -8.14 -23.90
C PHE A 891 -5.23 -8.53 -22.56
N PHE A 892 -6.55 -8.70 -22.51
CA PHE A 892 -7.27 -9.07 -21.31
C PHE A 892 -7.73 -10.50 -21.40
N VAL A 893 -7.59 -11.24 -20.28
CA VAL A 893 -8.05 -12.62 -20.17
C VAL A 893 -8.86 -12.72 -18.88
N ALA A 894 -10.18 -12.85 -19.04
CA ALA A 894 -11.12 -12.96 -17.95
C ALA A 894 -11.63 -14.37 -17.83
N VAL A 895 -11.67 -14.88 -16.59
CA VAL A 895 -12.20 -16.20 -16.27
C VAL A 895 -13.30 -15.89 -15.26
N ILE A 896 -14.55 -15.84 -15.74
CA ILE A 896 -15.72 -15.48 -14.96
C ILE A 896 -16.67 -16.67 -14.77
N ASN A 897 -17.22 -16.79 -13.55
CA ASN A 897 -18.23 -17.79 -13.19
C ASN A 897 -19.59 -17.06 -13.27
N PRO A 898 -20.49 -17.45 -14.21
CA PRO A 898 -21.77 -16.73 -14.35
C PRO A 898 -22.66 -16.67 -13.10
N ALA A 899 -22.58 -17.68 -12.22
CA ALA A 899 -23.36 -17.77 -10.99
C ALA A 899 -22.85 -16.86 -9.86
N SER A 900 -21.66 -16.27 -10.01
CA SER A 900 -21.07 -15.41 -8.98
C SER A 900 -21.59 -13.98 -9.01
N GLU A 901 -21.62 -13.32 -7.83
CA GLU A 901 -22.02 -11.93 -7.64
C GLU A 901 -20.86 -10.99 -8.04
N ILE A 902 -19.60 -11.47 -7.86
CA ILE A 902 -18.37 -10.76 -8.22
C ILE A 902 -18.29 -10.62 -9.75
N GLY A 903 -18.80 -11.62 -10.46
CA GLY A 903 -18.87 -11.67 -11.91
C GLY A 903 -19.73 -10.56 -12.49
N GLN A 904 -20.81 -10.17 -11.77
CA GLN A 904 -21.74 -9.09 -12.15
C GLN A 904 -20.98 -7.80 -12.40
N ARG A 905 -20.06 -7.44 -11.47
CA ARG A 905 -19.22 -6.24 -11.56
C ARG A 905 -18.21 -6.34 -12.70
N TRP A 906 -17.46 -7.45 -12.73
CA TRP A 906 -16.41 -7.73 -13.71
C TRP A 906 -16.87 -7.59 -15.14
N VAL A 907 -18.02 -8.17 -15.51
CA VAL A 907 -18.63 -8.10 -16.84
C VAL A 907 -18.89 -6.64 -17.25
N ALA A 908 -19.60 -5.89 -16.37
CA ALA A 908 -19.99 -4.50 -16.55
C ALA A 908 -18.79 -3.59 -16.85
N VAL A 909 -17.71 -3.72 -16.06
CA VAL A 909 -16.47 -2.94 -16.21
C VAL A 909 -15.77 -3.32 -17.50
N LEU A 910 -15.55 -4.64 -17.72
CA LEU A 910 -14.86 -5.19 -18.89
C LEU A 910 -15.50 -4.84 -20.23
N LYS A 911 -16.85 -4.71 -20.26
CA LYS A 911 -17.59 -4.33 -21.48
C LYS A 911 -17.18 -2.92 -21.91
N VAL A 912 -17.08 -1.99 -20.94
CA VAL A 912 -16.70 -0.60 -21.15
C VAL A 912 -15.22 -0.48 -21.58
N LEU A 913 -14.32 -1.31 -21.02
CA LEU A 913 -12.91 -1.28 -21.40
C LEU A 913 -12.69 -1.98 -22.74
N SER A 914 -13.63 -2.87 -23.14
CA SER A 914 -13.58 -3.58 -24.42
C SER A 914 -13.91 -2.63 -25.57
N GLU A 915 -14.73 -1.60 -25.28
CA GLU A 915 -15.16 -0.57 -26.23
C GLU A 915 -13.99 0.32 -26.69
N LEU A 916 -12.88 0.34 -25.92
CA LEU A 916 -11.67 1.08 -26.24
C LEU A 916 -10.96 0.45 -27.44
N GLU A 917 -10.42 1.29 -28.32
CA GLU A 917 -9.70 0.84 -29.50
C GLU A 917 -8.26 0.56 -29.11
N GLY A 918 -7.75 -0.58 -29.56
CA GLY A 918 -6.40 -1.04 -29.26
C GLY A 918 -6.36 -1.99 -28.08
N VAL A 919 -7.53 -2.48 -27.65
CA VAL A 919 -7.70 -3.42 -26.54
C VAL A 919 -8.36 -4.70 -27.08
N HIS A 920 -7.83 -5.85 -26.67
CA HIS A 920 -8.33 -7.17 -27.00
C HIS A 920 -8.74 -7.85 -25.70
N LEU A 921 -9.90 -8.50 -25.73
CA LEU A 921 -10.45 -9.22 -24.59
C LEU A 921 -10.91 -10.61 -25.02
N ARG A 922 -10.72 -11.60 -24.14
CA ARG A 922 -11.07 -13.01 -24.32
C ARG A 922 -11.67 -13.51 -23.00
N VAL A 923 -12.90 -14.06 -23.05
CA VAL A 923 -13.61 -14.48 -21.84
C VAL A 923 -13.80 -15.99 -21.73
N PHE A 924 -13.62 -16.53 -20.51
CA PHE A 924 -13.79 -17.94 -20.16
C PHE A 924 -14.84 -18.04 -19.07
N LEU A 925 -15.81 -18.92 -19.25
CA LEU A 925 -16.88 -19.08 -18.28
C LEU A 925 -16.69 -20.33 -17.49
N ASN A 926 -16.57 -20.23 -16.16
CA ASN A 926 -16.37 -21.48 -15.45
C ASN A 926 -17.26 -21.61 -14.19
N PRO A 927 -18.41 -22.28 -14.38
CA PRO A 927 -19.34 -22.52 -13.26
C PRO A 927 -18.92 -23.66 -12.32
N THR A 928 -19.58 -23.75 -11.15
CA THR A 928 -19.38 -24.81 -10.15
C THR A 928 -20.62 -25.70 -10.07
N VAL A 929 -20.43 -26.96 -9.68
CA VAL A 929 -21.49 -27.94 -9.47
C VAL A 929 -21.89 -27.90 -7.98
N MET A 930 -21.05 -27.23 -7.16
CA MET A 930 -21.22 -27.09 -5.72
C MET A 930 -22.02 -25.83 -5.39
N ILE A 931 -23.35 -25.97 -5.31
CA ILE A 931 -24.27 -24.88 -4.99
C ILE A 931 -25.22 -25.34 -3.87
N GLU A 932 -24.81 -25.14 -2.61
CA GLU A 932 -25.62 -25.53 -1.45
C GLU A 932 -26.72 -24.50 -1.16
N GLU A 933 -26.46 -23.24 -1.50
CA GLU A 933 -27.34 -22.08 -1.29
C GLU A 933 -27.52 -21.29 -2.60
N LEU A 934 -28.49 -20.36 -2.67
CA LEU A 934 -28.75 -19.53 -3.87
C LEU A 934 -27.47 -18.77 -4.31
N PRO A 935 -27.07 -18.85 -5.61
CA PRO A 935 -25.78 -18.27 -6.03
C PRO A 935 -25.70 -16.75 -6.08
N VAL A 936 -26.66 -16.10 -6.76
CA VAL A 936 -26.74 -14.64 -6.90
C VAL A 936 -28.04 -14.19 -6.23
N LYS A 937 -27.92 -13.33 -5.22
CA LYS A 937 -29.05 -12.86 -4.42
C LYS A 937 -29.25 -11.34 -4.56
N ARG A 938 -28.87 -10.76 -5.71
CA ARG A 938 -28.99 -9.32 -5.94
C ARG A 938 -29.03 -8.92 -7.42
N PHE A 939 -29.55 -7.71 -7.70
CA PHE A 939 -29.54 -7.09 -9.03
C PHE A 939 -28.37 -6.10 -9.02
N TYR A 940 -27.70 -5.89 -10.17
CA TYR A 940 -26.53 -5.03 -10.22
C TYR A 940 -26.46 -4.12 -11.44
N ARG A 941 -26.07 -2.85 -11.21
CA ARG A 941 -25.85 -1.87 -12.26
C ARG A 941 -24.57 -1.12 -12.02
N TYR A 942 -23.77 -0.98 -13.08
CA TYR A 942 -22.51 -0.26 -13.01
C TYR A 942 -22.63 1.06 -13.74
N VAL A 943 -22.34 2.17 -13.04
CA VAL A 943 -22.42 3.51 -13.58
C VAL A 943 -21.06 3.86 -14.21
N LEU A 944 -20.96 3.73 -15.54
CA LEU A 944 -19.73 3.97 -16.30
C LEU A 944 -20.00 4.04 -17.81
N SER A 945 -19.34 4.98 -18.50
CA SER A 945 -19.41 5.18 -19.94
C SER A 945 -17.98 5.25 -20.52
N SER A 946 -17.80 4.73 -21.75
CA SER A 946 -16.50 4.71 -22.44
C SER A 946 -16.12 6.03 -23.11
N SER A 947 -17.08 6.98 -23.20
CA SER A 947 -16.93 8.31 -23.79
C SER A 947 -17.99 9.26 -23.22
N PRO A 948 -17.72 10.58 -23.04
CA PRO A 948 -18.73 11.47 -22.44
C PRO A 948 -20.05 11.63 -23.21
N SER A 949 -21.13 11.90 -22.46
CA SER A 949 -22.48 12.12 -22.98
C SER A 949 -22.87 13.57 -22.76
N PHE A 950 -23.61 14.15 -23.71
CA PHE A 950 -23.95 15.57 -23.67
C PHE A 950 -25.45 15.89 -23.70
N ASP A 951 -25.78 17.04 -23.12
CA ASP A 951 -27.12 17.57 -22.95
C ASP A 951 -27.71 18.10 -24.22
N GLU A 952 -29.03 18.40 -24.17
CA GLU A 952 -29.77 19.02 -25.27
C GLU A 952 -29.24 20.45 -25.40
N SER A 953 -28.88 21.04 -24.24
CA SER A 953 -28.27 22.36 -24.14
C SER A 953 -26.72 22.25 -24.13
N GLY A 954 -26.22 21.04 -24.41
CA GLY A 954 -24.81 20.74 -24.55
C GLY A 954 -23.96 20.58 -23.30
N LYS A 955 -24.57 20.55 -22.11
CA LYS A 955 -23.86 20.37 -20.85
C LYS A 955 -23.53 18.89 -20.67
N VAL A 956 -22.58 18.54 -19.80
CA VAL A 956 -22.26 17.12 -19.61
C VAL A 956 -23.34 16.42 -18.83
N LYS A 957 -23.83 15.30 -19.39
CA LYS A 957 -24.83 14.45 -18.76
C LYS A 957 -24.26 13.81 -17.52
N ALA A 958 -25.06 13.79 -16.46
CA ALA A 958 -24.72 13.14 -15.22
C ALA A 958 -25.06 11.67 -15.45
N LEU A 959 -24.37 10.77 -14.76
CA LEU A 959 -24.61 9.35 -14.94
C LEU A 959 -25.31 8.75 -13.73
N SER A 960 -26.28 7.85 -13.99
CA SER A 960 -27.11 7.24 -12.96
C SER A 960 -27.34 5.74 -13.19
N ALA A 961 -27.69 5.02 -12.11
CA ALA A 961 -28.04 3.60 -12.17
C ALA A 961 -29.55 3.50 -12.17
N ARG A 962 -30.11 3.14 -13.32
CA ARG A 962 -31.55 3.01 -13.51
C ARG A 962 -31.91 1.56 -13.71
N PHE A 963 -32.73 1.03 -12.80
CA PHE A 963 -33.25 -0.34 -12.85
C PHE A 963 -34.67 -0.22 -13.31
N THR A 964 -35.00 -0.80 -14.48
CA THR A 964 -36.34 -0.73 -15.05
C THR A 964 -37.01 -2.10 -14.97
N GLY A 965 -38.31 -2.10 -14.74
CA GLY A 965 -39.11 -3.32 -14.60
C GLY A 965 -38.75 -4.10 -13.36
N VAL A 966 -38.65 -3.40 -12.22
CA VAL A 966 -38.33 -3.97 -10.90
C VAL A 966 -39.56 -4.76 -10.39
N PRO A 967 -39.40 -6.00 -9.82
CA PRO A 967 -40.59 -6.69 -9.28
C PRO A 967 -41.25 -5.85 -8.19
N ARG A 968 -42.58 -5.76 -8.24
CA ARG A 968 -43.41 -4.96 -7.36
C ARG A 968 -43.50 -5.47 -5.92
N GLU A 969 -43.45 -6.80 -5.72
CA GLU A 969 -43.63 -7.47 -4.43
C GLU A 969 -42.35 -7.88 -3.66
N THR A 970 -41.17 -7.83 -4.30
CA THR A 970 -39.92 -8.22 -3.62
C THR A 970 -39.37 -7.12 -2.71
N LEU A 971 -39.01 -7.46 -1.45
CA LEU A 971 -38.39 -6.53 -0.51
C LEU A 971 -36.91 -6.46 -0.86
N LEU A 972 -36.39 -5.25 -1.12
CA LEU A 972 -35.01 -5.03 -1.55
C LEU A 972 -34.24 -4.07 -0.65
N VAL A 973 -32.89 -4.18 -0.68
CA VAL A 973 -31.95 -3.34 0.08
C VAL A 973 -31.03 -2.66 -0.94
N VAL A 974 -30.86 -1.33 -0.85
CA VAL A 974 -29.96 -0.61 -1.76
C VAL A 974 -28.57 -0.55 -1.16
N GLY A 975 -27.59 -0.96 -1.96
CA GLY A 975 -26.19 -0.93 -1.57
C GLY A 975 -25.31 -0.34 -2.64
N MET A 976 -24.23 0.31 -2.22
CA MET A 976 -23.27 0.97 -3.09
C MET A 976 -21.96 0.20 -3.11
N ASP A 977 -21.52 -0.18 -4.30
CA ASP A 977 -20.31 -0.96 -4.53
C ASP A 977 -19.28 -0.01 -5.14
N VAL A 978 -18.69 0.72 -4.24
CA VAL A 978 -17.83 1.85 -4.44
C VAL A 978 -16.32 1.53 -4.34
N PRO A 979 -15.48 2.18 -5.20
CA PRO A 979 -14.02 1.94 -5.14
C PRO A 979 -13.42 2.07 -3.73
N PRO A 980 -12.41 1.24 -3.40
CA PRO A 980 -11.89 1.19 -2.02
C PRO A 980 -11.60 2.48 -1.28
N ALA A 981 -11.16 3.54 -1.96
CA ALA A 981 -10.84 4.77 -1.24
C ALA A 981 -12.07 5.61 -0.86
N TRP A 982 -13.25 5.24 -1.33
CA TRP A 982 -14.42 6.06 -1.14
C TRP A 982 -15.28 5.77 0.09
N LEU A 983 -15.86 6.83 0.66
CA LEU A 983 -16.79 6.81 1.78
C LEU A 983 -18.06 7.45 1.29
N VAL A 984 -19.16 6.71 1.32
CA VAL A 984 -20.42 7.12 0.73
C VAL A 984 -21.60 6.98 1.71
N THR A 985 -22.53 7.96 1.68
CA THR A 985 -23.76 7.99 2.47
C THR A 985 -24.90 8.55 1.63
N SER A 986 -26.14 8.18 1.99
CA SER A 986 -27.33 8.69 1.32
C SER A 986 -27.54 10.16 1.72
N LYS A 987 -27.88 11.01 0.75
CA LYS A 987 -28.14 12.44 0.98
C LYS A 987 -29.57 12.79 0.71
N VAL A 988 -30.11 12.32 -0.44
CA VAL A 988 -31.49 12.55 -0.85
C VAL A 988 -32.19 11.23 -1.09
N ALA A 989 -33.25 10.98 -0.34
CA ALA A 989 -34.15 9.83 -0.43
C ALA A 989 -35.31 10.10 0.49
N VAL A 990 -36.51 9.71 0.08
CA VAL A 990 -37.71 9.90 0.88
C VAL A 990 -38.24 8.52 1.28
N ASP A 991 -37.66 7.49 0.64
CA ASP A 991 -37.95 6.08 0.82
C ASP A 991 -37.02 5.41 1.82
N ASP A 992 -37.38 4.20 2.25
CA ASP A 992 -36.52 3.40 3.12
C ASP A 992 -35.72 2.53 2.19
N LEU A 993 -34.44 2.86 2.06
CA LEU A 993 -33.51 2.14 1.20
C LEU A 993 -33.17 0.77 1.78
N ASP A 994 -33.35 0.61 3.10
CA ASP A 994 -33.14 -0.66 3.77
C ASP A 994 -34.33 -1.59 3.56
N ASN A 995 -35.55 -1.04 3.37
CA ASN A 995 -36.77 -1.82 3.14
C ASN A 995 -37.59 -1.29 1.94
N LEU A 996 -37.09 -1.50 0.71
CA LEU A 996 -37.77 -1.05 -0.50
C LEU A 996 -38.78 -2.04 -1.01
N ARG A 997 -39.97 -1.55 -1.33
CA ARG A 997 -41.05 -2.32 -1.96
C ARG A 997 -41.84 -1.36 -2.81
N ILE A 998 -42.04 -1.68 -4.09
CA ILE A 998 -42.78 -0.79 -4.98
C ILE A 998 -44.26 -0.69 -4.60
N LYS A 999 -44.91 -1.81 -4.25
CA LYS A 999 -46.33 -1.84 -3.86
C LYS A 999 -46.69 -0.89 -2.73
N ASP A 1000 -45.81 -0.74 -1.73
CA ASP A 1000 -46.02 0.15 -0.59
C ASP A 1000 -45.85 1.61 -0.98
N ILE A 1001 -44.79 1.90 -1.76
CA ILE A 1001 -44.48 3.23 -2.27
C ILE A 1001 -45.61 3.67 -3.18
N LYS A 1002 -46.12 2.78 -4.02
CA LYS A 1002 -47.23 3.09 -4.89
C LYS A 1002 -48.44 3.43 -4.03
N ALA A 1003 -48.74 2.60 -3.01
CA ALA A 1003 -49.87 2.78 -2.11
C ALA A 1003 -49.70 3.91 -1.05
N LYS A 1004 -48.52 4.53 -0.96
CA LYS A 1004 -48.29 5.60 0.01
C LYS A 1004 -47.93 6.91 -0.67
N ARG A 1005 -47.07 6.84 -1.69
CA ARG A 1005 -46.58 8.00 -2.44
C ARG A 1005 -47.32 8.23 -3.73
N GLY A 1006 -47.87 7.17 -4.31
CA GLY A 1006 -48.60 7.24 -5.57
C GLY A 1006 -47.72 7.02 -6.79
N THR A 1007 -46.42 6.88 -6.55
CA THR A 1007 -45.43 6.68 -7.62
C THR A 1007 -44.72 5.34 -7.56
N GLU A 1008 -44.52 4.73 -8.74
CA GLU A 1008 -43.82 3.47 -8.89
C GLU A 1008 -42.35 3.73 -9.22
N HIS A 1009 -41.92 5.01 -9.15
CA HIS A 1009 -40.57 5.42 -9.50
C HIS A 1009 -39.84 5.95 -8.28
N VAL A 1010 -38.68 5.34 -7.98
CA VAL A 1010 -37.88 5.71 -6.82
C VAL A 1010 -36.58 6.37 -7.23
N GLU A 1011 -36.26 7.50 -6.60
CA GLU A 1011 -35.01 8.21 -6.84
C GLU A 1011 -34.28 8.46 -5.53
N ALA A 1012 -32.98 8.12 -5.49
CA ALA A 1012 -32.13 8.35 -4.33
C ALA A 1012 -30.78 8.92 -4.78
N ILE A 1013 -30.22 9.83 -3.99
CA ILE A 1013 -28.93 10.47 -4.26
C ILE A 1013 -27.99 10.24 -3.11
N TYR A 1014 -26.77 9.81 -3.43
CA TYR A 1014 -25.73 9.60 -2.45
C TYR A 1014 -24.69 10.71 -2.51
N GLU A 1015 -23.84 10.80 -1.48
CA GLU A 1015 -22.76 11.77 -1.45
C GLU A 1015 -21.44 11.07 -1.19
N LEU A 1016 -20.44 11.37 -2.02
CA LEU A 1016 -19.07 10.88 -1.86
C LEU A 1016 -18.52 11.91 -0.87
N GLU A 1017 -18.77 11.69 0.41
CA GLU A 1017 -18.42 12.64 1.45
C GLU A 1017 -16.94 12.74 1.74
N HIS A 1018 -16.25 11.60 1.76
CA HIS A 1018 -14.82 11.54 2.04
C HIS A 1018 -14.10 10.59 1.11
N ILE A 1019 -12.80 10.75 1.03
CA ILE A 1019 -11.83 9.97 0.27
C ILE A 1019 -10.70 9.66 1.27
N LEU A 1020 -10.28 8.39 1.31
CA LEU A 1020 -9.31 7.91 2.28
C LEU A 1020 -7.86 8.21 2.01
N ILE A 1021 -7.16 8.48 3.11
CA ILE A 1021 -5.72 8.57 3.20
C ILE A 1021 -5.48 7.34 4.08
N GLU A 1022 -4.87 6.32 3.53
CA GLU A 1022 -4.58 5.12 4.30
C GLU A 1022 -3.13 4.68 4.09
N GLY A 1023 -2.55 4.09 5.12
CA GLY A 1023 -1.17 3.68 5.06
C GLY A 1023 -0.79 2.50 5.93
N HIS A 1024 0.39 1.92 5.67
CA HIS A 1024 0.93 0.80 6.42
C HIS A 1024 2.28 1.19 7.02
N SER A 1025 2.29 1.36 8.34
CA SER A 1025 3.46 1.78 9.12
C SER A 1025 4.47 0.66 9.38
N ARG A 1026 5.68 1.09 9.77
CA ARG A 1026 6.77 0.23 10.24
C ARG A 1026 7.71 1.03 11.08
N GLU A 1027 8.31 0.36 12.07
CA GLU A 1027 9.32 0.93 12.94
C GLU A 1027 10.65 0.78 12.18
N ILE A 1028 11.64 1.63 12.47
CA ILE A 1028 12.97 1.58 11.84
C ILE A 1028 14.04 1.42 12.93
N PRO A 1029 15.06 0.56 12.75
CA PRO A 1029 15.38 -0.30 11.58
C PRO A 1029 14.81 -1.71 11.65
N CYS A 1030 14.51 -2.13 12.87
CA CYS A 1030 13.94 -3.41 13.27
C CYS A 1030 12.46 -3.24 13.14
N ALA A 1031 12.00 -3.39 11.89
CA ALA A 1031 10.65 -3.11 11.39
C ALA A 1031 9.53 -3.98 11.93
N HIS A 1032 8.72 -3.35 12.79
CA HIS A 1032 7.53 -3.90 13.43
C HIS A 1032 6.45 -2.84 13.40
N ALA A 1033 5.20 -3.27 13.44
CA ALA A 1033 4.05 -2.37 13.43
C ALA A 1033 3.93 -1.66 14.78
N PRO A 1034 4.01 -0.31 14.80
CA PRO A 1034 3.90 0.40 16.08
C PRO A 1034 2.43 0.53 16.49
N ARG A 1035 1.97 -0.28 17.43
CA ARG A 1035 0.57 -0.28 17.83
C ARG A 1035 0.32 0.54 19.07
N GLY A 1036 -0.74 1.36 19.01
CA GLY A 1036 -1.10 2.25 20.10
C GLY A 1036 -0.54 3.63 19.88
N VAL A 1037 0.20 3.82 18.76
CA VAL A 1037 0.76 5.10 18.35
C VAL A 1037 -0.42 5.95 17.90
N GLN A 1038 -0.43 7.21 18.28
CA GLN A 1038 -1.51 8.13 17.92
C GLN A 1038 -1.06 9.11 16.88
N LEU A 1039 -1.93 9.42 15.92
CA LEU A 1039 -1.61 10.33 14.84
C LEU A 1039 -2.59 11.48 14.70
N VAL A 1040 -2.10 12.62 14.18
CA VAL A 1040 -2.88 13.82 13.93
C VAL A 1040 -2.68 14.27 12.49
N LEU A 1041 -3.78 14.55 11.78
CA LEU A 1041 -3.79 15.08 10.42
C LEU A 1041 -4.06 16.58 10.54
N GLU A 1042 -3.30 17.38 9.79
CA GLU A 1042 -3.45 18.82 9.87
C GLU A 1042 -3.37 19.50 8.53
N THR A 1043 -3.75 20.78 8.52
CA THR A 1043 -3.77 21.67 7.36
C THR A 1043 -3.24 23.02 7.87
N GLU A 1044 -2.76 23.91 6.97
CA GLU A 1044 -2.24 25.20 7.41
C GLU A 1044 -3.29 26.06 8.15
N ASN A 1045 -4.58 25.92 7.81
CA ASN A 1045 -5.70 26.61 8.46
C ASN A 1045 -5.93 26.08 9.85
N ASN A 1046 -5.99 24.76 9.96
CA ASN A 1046 -6.26 24.14 11.23
C ASN A 1046 -5.32 23.00 11.50
N PRO A 1047 -4.77 23.03 12.72
CA PRO A 1047 -3.76 22.05 13.13
C PRO A 1047 -4.32 20.71 13.60
N HIS A 1048 -5.64 20.51 13.44
CA HIS A 1048 -6.29 19.30 13.92
C HIS A 1048 -7.45 18.89 13.06
N PHE A 1049 -7.16 18.45 11.84
CA PHE A 1049 -8.18 17.99 10.93
C PHE A 1049 -8.79 16.72 11.47
N ALA A 1050 -7.94 15.75 11.78
CA ALA A 1050 -8.36 14.44 12.21
C ALA A 1050 -7.31 13.76 13.05
N ASP A 1051 -7.70 12.64 13.63
CA ASP A 1051 -6.83 11.83 14.46
C ASP A 1051 -7.28 10.39 14.44
N THR A 1052 -6.30 9.48 14.53
CA THR A 1052 -6.51 8.03 14.57
C THR A 1052 -5.37 7.40 15.34
N ILE A 1053 -5.47 6.09 15.60
CA ILE A 1053 -4.41 5.34 16.26
C ILE A 1053 -3.96 4.19 15.38
N ILE A 1054 -2.68 3.85 15.45
CA ILE A 1054 -2.05 2.78 14.68
C ILE A 1054 -2.49 1.40 15.18
N MET A 1055 -2.88 0.55 14.23
CA MET A 1055 -3.33 -0.82 14.46
C MET A 1055 -2.17 -1.80 14.43
N ALA A 1056 -2.36 -2.97 15.04
CA ALA A 1056 -1.33 -4.00 15.08
C ALA A 1056 -1.14 -4.65 13.72
N ASN A 1057 -2.23 -4.89 13.00
CA ASN A 1057 -2.19 -5.56 11.71
C ASN A 1057 -1.81 -4.63 10.61
N LEU A 1058 -0.57 -4.82 10.10
CA LEU A 1058 0.07 -4.07 9.03
C LEU A 1058 0.31 -2.61 9.38
N GLY A 1059 0.39 -2.29 10.67
CA GLY A 1059 0.55 -0.91 11.13
C GLY A 1059 -0.44 -0.02 10.41
N TYR A 1060 -1.69 -0.52 10.29
CA TYR A 1060 -2.76 0.14 9.55
C TYR A 1060 -3.34 1.35 10.27
N PHE A 1061 -3.69 2.38 9.50
CA PHE A 1061 -4.34 3.62 9.94
C PHE A 1061 -5.05 4.25 8.76
N GLN A 1062 -6.07 5.10 9.04
CA GLN A 1062 -6.80 5.81 7.99
C GLN A 1062 -7.36 7.14 8.43
N PHE A 1063 -7.56 8.05 7.46
CA PHE A 1063 -8.15 9.35 7.65
C PHE A 1063 -9.22 9.58 6.58
N LYS A 1064 -10.26 10.33 6.94
CA LYS A 1064 -11.35 10.68 6.04
C LYS A 1064 -11.07 12.12 5.58
N ALA A 1065 -10.81 12.32 4.29
CA ALA A 1065 -10.49 13.64 3.76
C ALA A 1065 -10.93 13.85 2.31
N ASN A 1066 -10.75 15.04 1.78
CA ASN A 1066 -11.07 15.37 0.40
C ASN A 1066 -9.83 15.97 -0.30
N PRO A 1067 -9.85 16.36 -1.59
CA PRO A 1067 -8.61 16.85 -2.22
C PRO A 1067 -7.97 18.03 -1.51
N GLY A 1068 -6.66 17.97 -1.35
CA GLY A 1068 -5.91 19.04 -0.70
C GLY A 1068 -4.57 18.64 -0.12
N VAL A 1069 -3.84 19.64 0.40
CA VAL A 1069 -2.51 19.48 0.99
C VAL A 1069 -2.61 19.39 2.52
N TYR A 1070 -2.16 18.24 3.07
CA TYR A 1070 -2.19 17.93 4.49
C TYR A 1070 -0.79 17.56 5.02
N ASN A 1071 -0.70 17.34 6.35
CA ASN A 1071 0.53 16.97 7.05
C ASN A 1071 0.19 16.02 8.18
N ILE A 1072 1.08 15.06 8.48
CA ILE A 1072 0.85 14.11 9.58
C ILE A 1072 1.87 14.31 10.69
N ARG A 1073 1.40 14.73 11.86
CA ARG A 1073 2.25 14.91 13.03
C ARG A 1073 1.84 13.89 14.07
N LEU A 1074 2.82 13.26 14.73
CA LEU A 1074 2.54 12.32 15.82
C LEU A 1074 1.87 13.15 16.91
N LYS A 1075 0.82 12.62 17.54
CA LYS A 1075 0.12 13.33 18.60
C LYS A 1075 1.07 13.64 19.75
N GLU A 1076 1.07 14.91 20.19
CA GLU A 1076 1.90 15.38 21.30
C GLU A 1076 1.51 14.61 22.55
N GLY A 1077 2.53 14.06 23.19
CA GLY A 1077 2.39 13.24 24.38
C GLY A 1077 3.41 12.13 24.38
N ARG A 1078 2.97 10.92 24.70
CA ARG A 1078 3.83 9.74 24.76
C ARG A 1078 4.41 9.38 23.38
N SER A 1079 3.60 9.52 22.33
CA SER A 1079 3.97 9.19 20.96
C SER A 1079 5.18 9.97 20.47
N SER A 1080 5.17 11.30 20.65
CA SER A 1080 6.32 12.12 20.23
C SER A 1080 7.50 11.95 21.19
N GLU A 1081 7.23 11.54 22.45
CA GLU A 1081 8.26 11.26 23.45
C GLU A 1081 9.08 10.05 22.98
N ILE A 1082 8.42 8.96 22.57
CA ILE A 1082 9.12 7.74 22.14
C ILE A 1082 9.66 7.80 20.71
N PHE A 1083 8.88 8.35 19.77
CA PHE A 1083 9.27 8.32 18.37
C PHE A 1083 9.43 9.66 17.69
N THR A 1084 10.05 9.59 16.52
CA THR A 1084 10.21 10.66 15.53
C THR A 1084 9.86 10.00 14.21
N LEU A 1085 8.94 10.56 13.42
CA LEU A 1085 8.66 9.90 12.15
C LEU A 1085 9.44 10.59 11.05
N GLU A 1086 10.39 9.86 10.48
CA GLU A 1086 11.26 10.33 9.41
C GLU A 1086 10.45 10.60 8.16
N SER A 1087 9.48 9.74 7.88
CA SER A 1087 8.71 9.85 6.66
C SER A 1087 7.32 9.24 6.67
N VAL A 1088 6.51 9.74 5.75
CA VAL A 1088 5.21 9.22 5.37
C VAL A 1088 5.55 8.65 3.98
N GLY A 1089 5.28 7.36 3.75
CA GLY A 1089 5.73 6.69 2.54
C GLY A 1089 4.96 7.01 1.29
N ALA A 1090 5.01 8.25 0.86
CA ALA A 1090 4.23 8.76 -0.25
C ALA A 1090 4.76 8.45 -1.63
N LYS A 1091 5.95 7.87 -1.70
CA LYS A 1091 6.56 7.57 -2.98
C LYS A 1091 6.50 6.08 -3.26
N GLY A 1092 6.29 5.33 -2.21
CA GLY A 1092 6.19 3.88 -2.27
C GLY A 1092 6.70 3.27 -0.99
N TRP A 1093 6.83 1.94 -0.97
CA TRP A 1093 7.36 1.22 0.19
C TRP A 1093 8.75 1.78 0.47
N GLY A 1094 9.55 1.90 -0.60
CA GLY A 1094 10.89 2.49 -0.57
C GLY A 1094 11.80 2.10 0.58
N PRO A 1095 12.66 3.02 1.11
CA PRO A 1095 12.78 4.47 0.81
C PRO A 1095 13.29 4.88 -0.56
N ILE A 1096 12.49 5.68 -1.25
CA ILE A 1096 12.85 6.31 -2.50
C ILE A 1096 13.52 7.58 -2.00
N PRO A 1097 14.71 7.99 -2.47
CA PRO A 1097 15.27 9.25 -1.98
C PRO A 1097 14.33 10.41 -2.34
N GLY A 1098 14.31 11.43 -1.48
CA GLY A 1098 13.47 12.60 -1.67
C GLY A 1098 12.11 12.46 -1.01
N ASP A 1099 11.90 11.37 -0.29
CA ASP A 1099 10.64 11.12 0.39
C ASP A 1099 10.71 11.31 1.90
N ASP A 1100 11.79 11.90 2.44
CA ASP A 1100 11.99 12.16 3.87
C ASP A 1100 11.09 13.35 4.23
N ASN A 1101 9.80 13.08 4.16
CA ASN A 1101 8.74 14.02 4.18
C ASN A 1101 7.59 13.58 5.04
N THR A 1102 6.77 14.52 5.43
CA THR A 1102 5.61 14.19 6.22
C THR A 1102 4.38 14.83 5.62
N GLU A 1103 4.43 15.08 4.34
CA GLU A 1103 3.36 15.76 3.66
C GLU A 1103 2.57 14.79 2.83
N VAL A 1104 1.24 14.86 2.94
CA VAL A 1104 0.33 14.05 2.14
C VAL A 1104 -0.57 14.97 1.35
N VAL A 1105 -0.87 14.60 0.12
CA VAL A 1105 -1.73 15.37 -0.78
C VAL A 1105 -2.65 14.37 -1.46
N LEU A 1106 -3.95 14.66 -1.62
CA LEU A 1106 -4.76 13.73 -2.40
C LEU A 1106 -5.39 14.46 -3.56
N MET A 1107 -5.10 13.95 -4.75
CA MET A 1107 -5.46 14.51 -6.04
C MET A 1107 -5.96 13.41 -6.96
N ASP A 1108 -6.55 12.37 -6.36
CA ASP A 1108 -7.05 11.25 -7.12
C ASP A 1108 -8.23 10.59 -6.45
N PHE A 1109 -9.01 9.83 -7.24
CA PHE A 1109 -10.16 9.07 -6.76
C PHE A 1109 -9.73 7.73 -6.15
N GLN A 1110 -8.40 7.50 -6.11
CA GLN A 1110 -7.79 6.30 -5.56
C GLN A 1110 -7.23 6.62 -4.17
N GLY A 1111 -7.46 7.84 -3.73
CA GLY A 1111 -7.01 8.36 -2.44
C GLY A 1111 -5.52 8.51 -2.38
N THR A 1112 -4.97 8.26 -1.19
CA THR A 1112 -3.53 8.29 -0.98
C THR A 1112 -3.09 7.07 -0.17
N THR A 1113 -2.16 6.32 -0.73
CA THR A 1113 -1.61 5.15 -0.08
C THR A 1113 -0.24 5.51 0.42
N LEU A 1114 -0.01 5.27 1.71
CA LEU A 1114 1.22 5.68 2.36
C LEU A 1114 1.90 4.55 3.06
N TYR A 1115 3.24 4.60 3.16
CA TYR A 1115 4.07 3.63 3.88
C TYR A 1115 5.06 4.33 4.79
N PRO A 1116 4.52 4.94 5.87
CA PRO A 1116 5.32 5.71 6.83
C PRO A 1116 6.36 4.91 7.57
N ARG A 1117 7.36 5.60 8.10
CA ARG A 1117 8.45 5.00 8.86
C ARG A 1117 8.69 5.82 10.09
N LEU A 1118 8.94 5.14 11.20
CA LEU A 1118 9.12 5.76 12.51
C LEU A 1118 10.35 5.14 13.16
N ARG A 1119 11.31 5.96 13.59
CA ARG A 1119 12.45 5.38 14.28
C ARG A 1119 12.47 5.82 15.72
N ARG A 1120 12.68 4.86 16.60
CA ARG A 1120 12.70 5.07 18.03
C ARG A 1120 13.78 6.03 18.46
N LYS A 1121 13.45 6.89 19.42
CA LYS A 1121 14.37 7.85 19.98
C LYS A 1121 15.37 7.19 20.91
N PRO A 1122 16.49 7.89 21.20
CA PRO A 1122 17.60 7.29 21.95
C PRO A 1122 17.26 6.32 23.04
N GLY A 1123 17.80 5.11 22.88
CA GLY A 1123 17.69 3.97 23.79
C GLY A 1123 16.32 3.67 24.33
N MET A 1124 15.34 3.42 23.45
CA MET A 1124 14.00 3.12 23.97
C MET A 1124 13.46 1.76 23.55
N GLU A 1125 12.93 1.05 24.54
CA GLU A 1125 12.21 -0.21 24.43
C GLU A 1125 10.87 0.05 25.14
N GLU A 1126 10.52 1.36 25.25
CA GLU A 1126 9.31 1.87 25.90
C GLU A 1126 8.06 1.46 25.14
N GLU A 1127 6.91 1.54 25.81
CA GLU A 1127 5.62 1.21 25.21
C GLU A 1127 4.62 2.25 25.67
N ASP A 1128 3.83 2.80 24.71
CA ASP A 1128 2.81 3.82 24.95
C ASP A 1128 1.74 3.33 25.87
N VAL A 1129 1.24 2.13 25.55
CA VAL A 1129 0.19 1.39 26.24
C VAL A 1129 0.48 1.33 27.78
N LEU A 1130 1.77 1.32 28.22
CA LEU A 1130 2.04 1.35 29.66
C LEU A 1130 2.67 2.69 30.09
N GLU A 1131 2.13 3.27 31.17
CA GLU A 1131 2.54 4.55 31.80
C GLU A 1131 4.04 4.64 32.21
N PRO A 1132 4.65 5.86 32.29
CA PRO A 1132 6.07 5.94 32.71
C PRO A 1132 6.28 5.64 34.19
N SER A 1171 -12.43 16.13 32.99
CA SER A 1171 -13.35 17.16 32.52
C SER A 1171 -12.99 17.65 31.09
N VAL A 1172 -11.88 17.15 30.53
CA VAL A 1172 -11.39 17.49 29.18
C VAL A 1172 -12.44 17.16 28.12
N SER A 1173 -12.81 15.87 28.08
CA SER A 1173 -13.79 15.31 27.15
C SER A 1173 -15.12 15.96 27.37
N LYS A 1174 -15.48 16.16 28.65
CA LYS A 1174 -16.74 16.77 29.04
C LYS A 1174 -16.85 18.18 28.46
N THR A 1175 -15.79 18.99 28.64
CA THR A 1175 -15.72 20.36 28.13
C THR A 1175 -15.85 20.40 26.61
N GLU A 1176 -15.13 19.52 25.92
CA GLU A 1176 -15.14 19.45 24.47
C GLU A 1176 -16.45 18.95 23.93
N HIS A 1177 -17.00 17.93 24.58
CA HIS A 1177 -18.16 17.22 24.11
C HIS A 1177 -19.37 17.43 24.99
N ALA A 1178 -19.53 16.62 26.05
CA ALA A 1178 -20.66 16.71 26.97
C ALA A 1178 -20.44 15.92 28.23
N GLU A 1179 -21.34 16.10 29.22
CA GLU A 1179 -21.26 15.38 30.48
C GLU A 1179 -21.38 13.91 30.18
N ILE A 1180 -22.34 13.59 29.32
CA ILE A 1180 -22.65 12.24 28.90
C ILE A 1180 -22.43 12.08 27.41
N ASN A 1181 -21.78 10.98 27.04
CA ASN A 1181 -21.57 10.64 25.63
C ASN A 1181 -22.20 9.29 25.38
N ILE A 1182 -23.27 9.30 24.58
CA ILE A 1182 -24.02 8.10 24.20
C ILE A 1182 -23.94 7.90 22.69
N PHE A 1183 -23.72 6.66 22.23
CA PHE A 1183 -23.66 6.34 20.82
C PHE A 1183 -24.61 5.23 20.44
N SER A 1184 -25.15 5.26 19.20
CA SER A 1184 -26.12 4.28 18.72
C SER A 1184 -26.14 4.14 17.19
N VAL A 1185 -26.95 3.17 16.68
CA VAL A 1185 -27.16 2.84 15.28
C VAL A 1185 -28.60 2.31 15.07
N ALA A 1186 -29.23 2.71 13.96
CA ALA A 1186 -30.58 2.31 13.56
C ALA A 1186 -30.58 2.00 12.06
N SER A 1187 -31.22 0.88 11.67
CA SER A 1187 -31.23 0.42 10.28
C SER A 1187 -32.63 0.28 9.65
N GLY A 1188 -33.50 1.24 9.94
CA GLY A 1188 -34.86 1.29 9.42
C GLY A 1188 -35.60 2.51 9.88
N HIS A 1189 -36.71 2.87 9.20
CA HIS A 1189 -37.54 4.03 9.56
C HIS A 1189 -38.15 3.87 10.93
N LEU A 1190 -38.53 2.63 11.28
CA LEU A 1190 -39.08 2.31 12.58
C LEU A 1190 -38.00 2.48 13.64
N TYR A 1191 -36.84 1.84 13.44
CA TYR A 1191 -35.70 1.88 14.34
C TYR A 1191 -35.15 3.28 14.55
N GLU A 1192 -35.33 4.15 13.55
CA GLU A 1192 -34.91 5.55 13.63
C GLU A 1192 -35.94 6.33 14.42
N ARG A 1193 -37.23 5.96 14.28
CA ARG A 1193 -38.36 6.55 15.00
C ARG A 1193 -38.23 6.20 16.49
N MET A 1194 -37.79 4.95 16.80
CA MET A 1194 -37.58 4.44 18.16
C MET A 1194 -36.36 5.10 18.81
N LEU A 1195 -35.35 5.44 18.00
CA LEU A 1195 -34.09 6.10 18.38
C LEU A 1195 -34.37 7.53 18.85
N ASN A 1196 -35.35 8.21 18.21
CA ASN A 1196 -35.80 9.55 18.54
C ASN A 1196 -36.38 9.55 19.96
N ILE A 1197 -37.15 8.50 20.28
CA ILE A 1197 -37.77 8.27 21.58
C ILE A 1197 -36.72 8.04 22.65
N MET A 1198 -35.71 7.20 22.33
CA MET A 1198 -34.63 6.86 23.24
C MET A 1198 -33.89 8.10 23.72
N MET A 1199 -33.53 8.99 22.79
CA MET A 1199 -32.81 10.22 23.09
C MET A 1199 -33.62 11.13 23.99
N ALA A 1200 -34.93 11.26 23.71
CA ALA A 1200 -35.87 12.09 24.47
C ALA A 1200 -36.01 11.62 25.91
N SER A 1201 -36.13 10.28 26.11
CA SER A 1201 -36.26 9.67 27.44
C SER A 1201 -35.07 10.04 28.32
N VAL A 1202 -33.85 10.03 27.75
CA VAL A 1202 -32.61 10.41 28.44
C VAL A 1202 -32.75 11.86 28.95
N MET A 1203 -33.06 12.79 28.03
CA MET A 1203 -33.21 14.22 28.25
C MET A 1203 -34.17 14.59 29.36
N HIS A 1204 -35.36 13.98 29.37
CA HIS A 1204 -36.38 14.20 30.41
C HIS A 1204 -35.86 13.71 31.75
N HIS A 1205 -35.01 12.68 31.73
CA HIS A 1205 -34.51 11.95 32.89
C HIS A 1205 -33.16 12.41 33.44
N THR A 1206 -32.59 13.50 32.90
CA THR A 1206 -31.34 14.04 33.44
C THR A 1206 -31.25 15.56 33.36
N ASN A 1207 -30.85 16.19 34.47
CA ASN A 1207 -30.58 17.62 34.51
C ASN A 1207 -29.05 17.73 34.28
N HIS A 1208 -28.56 17.23 33.14
CA HIS A 1208 -27.13 17.20 32.80
C HIS A 1208 -26.87 17.42 31.31
N THR A 1209 -25.59 17.57 30.90
CA THR A 1209 -25.30 17.81 29.48
C THR A 1209 -25.00 16.49 28.76
N VAL A 1210 -25.69 16.28 27.62
CA VAL A 1210 -25.59 15.06 26.80
C VAL A 1210 -25.18 15.35 25.36
N LYS A 1211 -24.31 14.49 24.81
CA LYS A 1211 -23.88 14.51 23.41
C LYS A 1211 -24.19 13.15 22.83
N PHE A 1212 -24.81 13.12 21.64
CA PHE A 1212 -25.17 11.88 20.96
C PHE A 1212 -24.28 11.61 19.75
N TRP A 1213 -23.86 10.35 19.61
CA TRP A 1213 -22.98 9.90 18.52
C TRP A 1213 -23.65 8.85 17.67
N PHE A 1214 -23.56 9.00 16.33
CA PHE A 1214 -24.22 8.08 15.43
C PHE A 1214 -23.31 7.50 14.37
N ILE A 1215 -23.59 6.23 13.96
CA ILE A 1215 -22.86 5.60 12.86
C ILE A 1215 -23.55 6.09 11.59
N GLU A 1216 -22.97 7.14 11.04
CA GLU A 1216 -23.35 7.96 9.89
C GLU A 1216 -24.01 7.24 8.70
N GLN A 1217 -23.36 6.21 8.12
CA GLN A 1217 -23.81 5.56 6.88
C GLN A 1217 -25.04 4.64 6.96
N PHE A 1218 -25.48 4.26 8.16
CA PHE A 1218 -26.64 3.37 8.31
C PHE A 1218 -27.94 4.13 8.54
N LEU A 1219 -27.87 5.46 8.58
CA LEU A 1219 -28.98 6.37 8.83
C LEU A 1219 -29.61 6.98 7.57
N SER A 1220 -30.92 7.22 7.61
CA SER A 1220 -31.66 7.78 6.49
C SER A 1220 -31.47 9.29 6.39
N PRO A 1221 -31.56 9.87 5.16
CA PRO A 1221 -31.45 11.34 5.04
C PRO A 1221 -32.58 12.06 5.75
N SER A 1222 -33.76 11.42 5.86
CA SER A 1222 -34.94 11.92 6.55
C SER A 1222 -34.58 12.14 8.03
N PHE A 1223 -33.87 11.17 8.61
CA PHE A 1223 -33.38 11.22 9.98
C PHE A 1223 -32.30 12.28 10.08
N LYS A 1224 -31.34 12.26 9.13
CA LYS A 1224 -30.20 13.18 9.04
C LYS A 1224 -30.61 14.64 8.98
N ASP A 1225 -31.66 14.96 8.20
CA ASP A 1225 -32.19 16.31 8.04
C ASP A 1225 -32.98 16.75 9.25
N PHE A 1226 -33.46 15.80 10.05
CA PHE A 1226 -34.30 16.08 11.20
C PHE A 1226 -33.57 16.49 12.51
N ILE A 1227 -32.48 15.78 12.89
CA ILE A 1227 -31.73 15.98 14.15
C ILE A 1227 -31.44 17.46 14.56
N PRO A 1228 -30.97 18.42 13.72
CA PRO A 1228 -30.73 19.78 14.26
C PRO A 1228 -31.96 20.29 15.01
N HIS A 1229 -33.17 19.95 14.52
CA HIS A 1229 -34.45 20.30 15.11
C HIS A 1229 -34.69 19.59 16.44
N MET A 1230 -34.22 18.33 16.58
CA MET A 1230 -34.27 17.57 17.83
C MET A 1230 -33.30 18.23 18.83
N ALA A 1231 -32.10 18.62 18.34
CA ALA A 1231 -31.05 19.27 19.11
C ALA A 1231 -31.44 20.63 19.65
N ALA A 1232 -32.22 21.40 18.89
CA ALA A 1232 -32.68 22.73 19.30
C ALA A 1232 -33.71 22.58 20.43
N GLU A 1233 -34.66 21.63 20.27
CA GLU A 1233 -35.72 21.34 21.23
C GLU A 1233 -35.27 20.73 22.55
N TYR A 1234 -34.44 19.68 22.48
CA TYR A 1234 -34.01 18.94 23.66
C TYR A 1234 -32.71 19.44 24.28
N GLY A 1235 -31.99 20.30 23.56
CA GLY A 1235 -30.77 20.91 24.05
C GLY A 1235 -29.60 19.97 24.25
N PHE A 1236 -29.25 19.20 23.21
CA PHE A 1236 -28.11 18.30 23.21
C PHE A 1236 -27.21 18.62 22.03
N LYS A 1237 -26.02 18.00 21.99
CA LYS A 1237 -25.09 18.16 20.88
C LYS A 1237 -25.00 16.80 20.19
N TYR A 1238 -24.71 16.79 18.90
CA TYR A 1238 -24.60 15.54 18.15
C TYR A 1238 -23.41 15.56 17.21
N GLU A 1239 -22.87 14.37 16.91
CA GLU A 1239 -21.78 14.22 15.96
C GLU A 1239 -21.87 12.91 15.20
N MET A 1240 -21.68 12.98 13.88
CA MET A 1240 -21.72 11.82 12.99
C MET A 1240 -20.31 11.26 12.89
N VAL A 1241 -20.20 9.94 13.11
CA VAL A 1241 -18.93 9.21 13.05
C VAL A 1241 -19.05 8.00 12.14
N THR A 1242 -17.91 7.55 11.62
CA THR A 1242 -17.76 6.38 10.76
C THR A 1242 -16.30 6.03 10.60
N TYR A 1243 -16.05 4.86 10.04
CA TYR A 1243 -14.74 4.30 9.75
C TYR A 1243 -14.96 3.34 8.61
N LYS A 1244 -14.03 3.25 7.65
CA LYS A 1244 -14.20 2.30 6.57
C LYS A 1244 -13.56 0.97 6.91
N TRP A 1245 -14.32 -0.12 6.72
CA TRP A 1245 -13.90 -1.48 6.98
C TRP A 1245 -12.59 -1.78 6.24
N PRO A 1246 -11.51 -2.06 7.00
CA PRO A 1246 -10.21 -2.36 6.41
C PRO A 1246 -10.22 -3.49 5.36
N HIS A 1247 -9.31 -3.39 4.37
CA HIS A 1247 -9.21 -4.36 3.29
C HIS A 1247 -8.72 -5.72 3.76
N TRP A 1248 -7.85 -5.74 4.77
CA TRP A 1248 -7.28 -6.96 5.35
C TRP A 1248 -8.28 -7.68 6.21
N LEU A 1249 -9.11 -6.91 6.93
CA LEU A 1249 -10.15 -7.40 7.84
C LEU A 1249 -11.26 -8.05 7.03
N ARG A 1250 -11.78 -9.16 7.54
CA ARG A 1250 -12.79 -9.96 6.87
C ARG A 1250 -14.18 -9.32 6.83
N GLN A 1251 -14.71 -9.19 5.60
CA GLN A 1251 -15.99 -8.58 5.25
C GLN A 1251 -17.20 -9.32 5.78
N GLN A 1252 -18.35 -8.65 5.72
CA GLN A 1252 -19.65 -9.19 6.04
C GLN A 1252 -20.56 -8.93 4.87
N LYS A 1253 -20.96 -9.99 4.17
CA LYS A 1253 -21.84 -9.93 3.01
C LYS A 1253 -23.26 -9.54 3.45
N GLU A 1254 -23.62 -9.85 4.71
CA GLU A 1254 -24.93 -9.60 5.28
C GLU A 1254 -24.89 -8.34 6.14
N LYS A 1255 -25.59 -7.29 5.69
CA LYS A 1255 -25.64 -5.96 6.29
C LYS A 1255 -25.88 -5.95 7.81
N GLN A 1256 -26.84 -6.75 8.32
CA GLN A 1256 -27.14 -6.80 9.76
C GLN A 1256 -25.87 -7.17 10.55
N ARG A 1257 -25.07 -8.09 9.99
CA ARG A 1257 -23.82 -8.53 10.58
C ARG A 1257 -22.80 -7.40 10.53
N GLU A 1258 -22.78 -6.58 9.44
CA GLU A 1258 -21.90 -5.41 9.30
C GLU A 1258 -22.10 -4.50 10.49
N ILE A 1259 -23.38 -4.11 10.74
CA ILE A 1259 -23.85 -3.24 11.81
C ILE A 1259 -23.31 -3.67 13.16
N TRP A 1260 -23.46 -4.97 13.50
CA TRP A 1260 -22.99 -5.56 14.75
C TRP A 1260 -21.48 -5.38 14.91
N GLY A 1261 -20.74 -5.58 13.81
CA GLY A 1261 -19.29 -5.42 13.73
C GLY A 1261 -18.86 -4.00 14.03
N TYR A 1262 -19.65 -3.02 13.58
CA TYR A 1262 -19.40 -1.60 13.81
C TYR A 1262 -19.47 -1.19 15.28
N LYS A 1263 -20.27 -1.90 16.07
CA LYS A 1263 -20.43 -1.60 17.49
C LYS A 1263 -19.28 -2.13 18.33
N ILE A 1264 -18.58 -3.17 17.86
CA ILE A 1264 -17.55 -3.83 18.65
C ILE A 1264 -16.12 -3.74 18.09
N LEU A 1265 -15.93 -3.88 16.77
CA LEU A 1265 -14.60 -3.94 16.14
C LEU A 1265 -13.80 -2.64 16.09
N PHE A 1266 -14.44 -1.46 15.97
CA PHE A 1266 -13.71 -0.20 15.80
C PHE A 1266 -13.88 0.83 16.90
N LEU A 1267 -14.15 0.41 18.15
CA LEU A 1267 -14.39 1.32 19.29
C LEU A 1267 -13.27 2.30 19.58
N ASP A 1268 -12.02 1.86 19.46
CA ASP A 1268 -10.81 2.66 19.70
C ASP A 1268 -10.52 3.71 18.62
N VAL A 1269 -10.93 3.44 17.37
CA VAL A 1269 -10.65 4.28 16.20
C VAL A 1269 -11.86 5.08 15.66
N LEU A 1270 -13.09 4.70 16.05
CA LEU A 1270 -14.32 5.35 15.60
C LEU A 1270 -14.54 6.73 16.23
N PHE A 1271 -14.06 6.93 17.46
CA PHE A 1271 -14.24 8.17 18.22
C PHE A 1271 -12.94 8.95 18.39
N PRO A 1272 -12.99 10.30 18.35
CA PRO A 1272 -11.76 11.10 18.53
C PRO A 1272 -11.09 10.84 19.86
N LEU A 1273 -9.76 10.94 19.87
CA LEU A 1273 -8.91 10.70 21.04
C LEU A 1273 -9.31 11.51 22.24
N SER A 1274 -9.83 12.73 22.00
CA SER A 1274 -10.26 13.68 23.03
C SER A 1274 -11.41 13.15 23.92
N LEU A 1275 -12.08 12.07 23.48
CA LEU A 1275 -13.18 11.45 24.20
C LEU A 1275 -12.72 10.44 25.23
N ASP A 1276 -12.97 10.74 26.51
CA ASP A 1276 -12.58 9.86 27.60
C ASP A 1276 -13.38 8.56 27.61
N LYS A 1277 -14.70 8.64 27.47
CA LYS A 1277 -15.58 7.48 27.57
C LYS A 1277 -16.84 7.65 26.74
N VAL A 1278 -17.50 6.53 26.39
CA VAL A 1278 -18.76 6.50 25.63
C VAL A 1278 -19.68 5.38 26.15
N ILE A 1279 -21.01 5.52 25.92
CA ILE A 1279 -22.03 4.55 26.32
C ILE A 1279 -22.90 4.13 25.12
N PHE A 1280 -23.07 2.82 24.88
CA PHE A 1280 -23.95 2.35 23.82
C PHE A 1280 -25.33 2.05 24.37
N VAL A 1281 -26.36 2.57 23.72
CA VAL A 1281 -27.76 2.34 24.08
C VAL A 1281 -28.45 1.92 22.77
N ASP A 1282 -29.14 0.77 22.78
CA ASP A 1282 -29.83 0.26 21.59
C ASP A 1282 -31.02 1.16 21.23
N ALA A 1283 -31.33 1.23 19.92
CA ALA A 1283 -32.41 2.06 19.38
C ALA A 1283 -33.78 1.78 19.99
N ASP A 1284 -34.12 0.50 20.19
CA ASP A 1284 -35.41 0.12 20.76
C ASP A 1284 -35.52 0.42 22.26
N GLN A 1285 -34.40 0.77 22.90
CA GLN A 1285 -34.37 1.05 24.33
C GLN A 1285 -35.00 2.35 24.74
N ILE A 1286 -35.31 2.44 26.05
CA ILE A 1286 -35.92 3.58 26.72
C ILE A 1286 -35.26 3.67 28.09
N VAL A 1287 -34.96 4.88 28.55
CA VAL A 1287 -34.27 5.07 29.82
C VAL A 1287 -35.01 6.04 30.73
N ARG A 1288 -35.25 5.61 32.00
CA ARG A 1288 -35.88 6.36 33.08
C ARG A 1288 -34.87 6.94 34.09
N THR A 1289 -33.61 6.49 33.97
CA THR A 1289 -32.46 6.86 34.77
C THR A 1289 -31.77 8.12 34.30
N ASP A 1290 -31.13 8.86 35.23
CA ASP A 1290 -30.21 9.92 34.89
C ASP A 1290 -28.95 9.12 34.53
N MET A 1291 -28.53 9.21 33.27
CA MET A 1291 -27.50 8.36 32.68
C MET A 1291 -26.09 8.51 33.17
N TYR A 1292 -25.79 9.59 33.91
CA TYR A 1292 -24.47 9.85 34.44
C TYR A 1292 -24.05 8.68 35.23
N ASP A 1293 -24.89 8.25 36.15
CA ASP A 1293 -24.63 7.13 37.02
C ASP A 1293 -23.79 6.05 36.38
N LEU A 1294 -24.05 5.73 35.10
CA LEU A 1294 -23.25 4.75 34.37
C LEU A 1294 -21.79 5.17 34.19
N VAL A 1295 -21.54 6.44 34.00
CA VAL A 1295 -20.19 7.00 33.93
C VAL A 1295 -19.48 6.76 35.25
N GLU A 1296 -20.08 7.24 36.37
CA GLU A 1296 -19.52 7.13 37.71
C GLU A 1296 -19.33 5.70 38.20
N HIS A 1297 -20.02 4.73 37.56
CA HIS A 1297 -19.91 3.32 37.94
C HIS A 1297 -18.47 2.84 37.86
N PRO A 1298 -17.95 2.31 38.99
CA PRO A 1298 -16.57 1.81 39.00
C PRO A 1298 -16.44 0.59 38.09
N LEU A 1299 -15.43 0.61 37.22
CA LEU A 1299 -15.23 -0.49 36.29
C LEU A 1299 -14.10 -1.41 36.74
N ASP A 1300 -13.47 -1.06 37.88
CA ASP A 1300 -12.37 -1.81 38.51
C ASP A 1300 -11.29 -2.20 37.50
N GLY A 1301 -10.73 -1.17 36.87
CA GLY A 1301 -9.67 -1.28 35.86
C GLY A 1301 -10.01 -2.08 34.62
N ALA A 1302 -11.32 -2.21 34.28
CA ALA A 1302 -11.75 -2.94 33.09
C ALA A 1302 -12.05 -1.97 31.93
N PRO A 1303 -11.78 -2.36 30.66
CA PRO A 1303 -12.03 -1.43 29.53
C PRO A 1303 -13.48 -1.11 29.24
N TYR A 1304 -14.38 -2.09 29.41
CA TYR A 1304 -15.80 -1.92 29.15
C TYR A 1304 -16.70 -2.72 30.09
N GLY A 1305 -17.90 -2.22 30.32
CA GLY A 1305 -18.87 -2.83 31.24
C GLY A 1305 -20.18 -3.20 30.58
N PHE A 1306 -20.67 -4.43 30.86
CA PHE A 1306 -21.92 -4.97 30.32
C PHE A 1306 -22.85 -5.44 31.43
N ALA A 1307 -24.14 -5.64 31.09
CA ALA A 1307 -25.19 -6.14 31.99
C ALA A 1307 -25.53 -7.60 31.63
N PRO A 1308 -25.72 -8.49 32.63
CA PRO A 1308 -26.02 -9.90 32.30
C PRO A 1308 -27.46 -10.18 31.89
N MET A 1309 -27.71 -11.42 31.44
CA MET A 1309 -29.04 -11.90 31.10
C MET A 1309 -29.83 -12.17 32.37
N CYS A 1310 -31.11 -11.76 32.38
CA CYS A 1310 -32.05 -11.93 33.50
C CYS A 1310 -32.28 -13.38 33.84
N ASP A 1311 -32.25 -13.70 35.12
CA ASP A 1311 -32.48 -15.05 35.60
C ASP A 1311 -33.85 -15.10 36.29
N SER A 1312 -34.33 -13.91 36.69
CA SER A 1312 -35.53 -13.62 37.47
C SER A 1312 -36.82 -14.25 36.95
N ARG A 1313 -37.10 -14.21 35.63
CA ARG A 1313 -38.30 -14.89 35.10
C ARG A 1313 -38.13 -16.37 35.39
N VAL A 1314 -39.15 -16.99 35.98
CA VAL A 1314 -39.12 -18.35 36.53
C VAL A 1314 -39.21 -19.50 35.52
N GLU A 1315 -40.21 -19.47 34.65
CA GLU A 1315 -40.64 -20.49 33.70
C GLU A 1315 -40.12 -20.29 32.28
N MET A 1316 -39.16 -19.40 32.10
CA MET A 1316 -38.66 -19.11 30.77
C MET A 1316 -37.55 -20.02 30.27
N GLU A 1317 -36.91 -20.74 31.20
CA GLU A 1317 -35.71 -21.58 31.06
C GLU A 1317 -35.44 -22.22 29.70
N GLY A 1318 -36.43 -22.87 29.11
CA GLY A 1318 -36.31 -23.57 27.83
C GLY A 1318 -35.52 -22.81 26.77
N TYR A 1319 -35.86 -21.53 26.59
CA TYR A 1319 -35.23 -20.68 25.61
C TYR A 1319 -33.94 -20.00 26.11
N ARG A 1320 -33.43 -20.38 27.30
CA ARG A 1320 -32.17 -19.85 27.82
C ARG A 1320 -31.06 -20.75 27.30
N PHE A 1321 -30.52 -20.43 26.13
CA PHE A 1321 -29.51 -21.24 25.43
C PHE A 1321 -28.09 -21.09 25.97
N TRP A 1322 -27.87 -20.20 26.93
CA TRP A 1322 -26.53 -19.97 27.46
C TRP A 1322 -26.28 -20.77 28.75
N LYS A 1323 -27.04 -21.85 28.91
CA LYS A 1323 -26.91 -22.79 30.01
C LYS A 1323 -26.70 -24.17 29.36
N THR A 1324 -26.49 -24.18 28.04
CA THR A 1324 -26.27 -25.38 27.21
C THR A 1324 -24.80 -25.76 27.25
N GLY A 1325 -24.48 -26.90 26.62
CA GLY A 1325 -23.13 -27.43 26.52
C GLY A 1325 -22.13 -26.41 26.04
N TYR A 1326 -22.24 -25.93 24.79
CA TYR A 1326 -21.25 -24.99 24.28
C TYR A 1326 -21.08 -23.72 25.10
N TRP A 1327 -22.18 -23.02 25.43
CA TRP A 1327 -21.99 -21.78 26.15
C TRP A 1327 -21.61 -22.02 27.62
N ALA A 1328 -22.20 -23.03 28.30
CA ALA A 1328 -21.83 -23.33 29.68
C ALA A 1328 -20.44 -23.96 29.83
N ASN A 1329 -19.97 -24.78 28.84
CA ASN A 1329 -18.62 -25.36 28.91
C ASN A 1329 -17.65 -24.19 28.81
N TYR A 1330 -17.80 -23.36 27.75
CA TYR A 1330 -16.93 -22.22 27.52
C TYR A 1330 -16.97 -21.21 28.67
N LEU A 1331 -18.16 -20.67 28.99
CA LEU A 1331 -18.33 -19.72 30.09
C LEU A 1331 -18.36 -20.56 31.35
N LYS A 1332 -17.18 -20.98 31.83
CA LYS A 1332 -17.05 -21.83 33.00
C LYS A 1332 -17.85 -21.31 34.18
N GLY A 1333 -17.54 -20.09 34.61
CA GLY A 1333 -18.28 -19.43 35.67
C GLY A 1333 -18.77 -18.07 35.26
N LYS A 1334 -18.21 -17.54 34.15
CA LYS A 1334 -18.51 -16.21 33.64
C LYS A 1334 -19.91 -16.05 33.03
N PRO A 1335 -20.48 -14.83 33.16
CA PRO A 1335 -21.86 -14.58 32.69
C PRO A 1335 -22.04 -14.46 31.18
N TYR A 1336 -23.30 -14.65 30.73
CA TYR A 1336 -23.68 -14.45 29.33
C TYR A 1336 -24.32 -13.06 29.27
N HIS A 1337 -23.56 -12.11 28.71
CA HIS A 1337 -23.86 -10.67 28.65
C HIS A 1337 -24.72 -10.19 27.47
N ILE A 1338 -25.34 -9.00 27.64
CA ILE A 1338 -26.23 -8.35 26.67
C ILE A 1338 -25.60 -7.11 26.06
N SER A 1339 -25.57 -7.07 24.71
CA SER A 1339 -25.00 -5.98 23.91
C SER A 1339 -25.97 -4.83 23.60
N ALA A 1340 -27.09 -4.75 24.32
CA ALA A 1340 -28.04 -3.66 24.13
C ALA A 1340 -27.55 -2.38 24.81
N LEU A 1341 -26.85 -2.54 25.95
CA LEU A 1341 -26.29 -1.45 26.74
C LEU A 1341 -24.92 -1.83 27.30
N TYR A 1342 -23.95 -0.91 27.21
CA TYR A 1342 -22.57 -1.07 27.72
C TYR A 1342 -21.79 0.24 27.79
N VAL A 1343 -20.77 0.27 28.67
CA VAL A 1343 -19.86 1.42 28.89
C VAL A 1343 -18.51 1.06 28.32
N VAL A 1344 -17.86 2.00 27.66
CA VAL A 1344 -16.50 1.80 27.17
C VAL A 1344 -15.65 2.92 27.76
N ASP A 1345 -14.71 2.58 28.68
CA ASP A 1345 -13.75 3.54 29.21
C ASP A 1345 -12.72 3.58 28.11
N LEU A 1346 -12.95 4.44 27.12
CA LEU A 1346 -12.15 4.56 25.92
C LEU A 1346 -10.67 4.74 26.16
N GLN A 1347 -10.27 5.63 27.09
CA GLN A 1347 -8.85 5.86 27.41
C GLN A 1347 -8.20 4.54 27.82
N ARG A 1348 -8.86 3.75 28.68
CA ARG A 1348 -8.39 2.45 29.10
C ARG A 1348 -8.45 1.45 27.94
N PHE A 1349 -9.54 1.47 27.16
CA PHE A 1349 -9.73 0.57 26.03
C PHE A 1349 -8.50 0.62 25.11
N ARG A 1350 -8.13 1.82 24.68
CA ARG A 1350 -6.98 2.07 23.81
C ARG A 1350 -5.69 1.67 24.50
N GLU A 1351 -5.55 2.04 25.80
CA GLU A 1351 -4.40 1.74 26.65
C GLU A 1351 -4.18 0.24 26.76
N LEU A 1352 -5.25 -0.53 26.83
CA LEU A 1352 -5.13 -1.97 26.91
C LEU A 1352 -4.95 -2.59 25.52
N ALA A 1353 -5.23 -1.81 24.44
CA ALA A 1353 -5.20 -2.20 23.02
C ALA A 1353 -6.10 -3.39 22.84
N ALA A 1354 -7.33 -3.24 23.35
CA ALA A 1354 -8.37 -4.26 23.33
C ALA A 1354 -8.87 -4.53 21.92
N GLY A 1355 -9.01 -3.46 21.14
CA GLY A 1355 -9.50 -3.48 19.75
C GLY A 1355 -8.79 -4.45 18.84
N ASP A 1356 -7.44 -4.40 18.85
CA ASP A 1356 -6.56 -5.27 18.05
C ASP A 1356 -6.85 -6.73 18.27
N ARG A 1357 -7.10 -7.11 19.53
CA ARG A 1357 -7.41 -8.47 19.95
C ARG A 1357 -8.78 -8.89 19.46
N LEU A 1358 -9.79 -8.00 19.60
CA LEU A 1358 -11.15 -8.23 19.11
C LEU A 1358 -11.10 -8.52 17.61
N ARG A 1359 -10.45 -7.62 16.85
CA ARG A 1359 -10.28 -7.72 15.41
C ARG A 1359 -9.61 -9.01 14.96
N GLN A 1360 -8.45 -9.41 15.56
CA GLN A 1360 -7.77 -10.64 15.12
C GLN A 1360 -8.51 -11.89 15.55
N GLN A 1361 -9.19 -11.89 16.71
CA GLN A 1361 -9.99 -13.06 17.10
C GLN A 1361 -11.17 -13.20 16.16
N TYR A 1362 -11.84 -12.09 15.82
CA TYR A 1362 -12.96 -12.07 14.87
C TYR A 1362 -12.52 -12.63 13.53
N HIS A 1363 -11.40 -12.15 12.97
CA HIS A 1363 -10.88 -12.58 11.68
C HIS A 1363 -10.60 -14.09 11.69
N ALA A 1364 -9.98 -14.58 12.76
CA ALA A 1364 -9.64 -15.99 12.95
C ALA A 1364 -10.88 -16.88 13.08
N LEU A 1365 -11.87 -16.46 13.89
CA LEU A 1365 -13.12 -17.19 14.14
C LEU A 1365 -14.01 -17.22 12.92
N SER A 1366 -14.04 -16.13 12.17
CA SER A 1366 -14.87 -15.87 11.00
C SER A 1366 -14.66 -16.79 9.79
N ALA A 1367 -13.57 -17.58 9.75
CA ALA A 1367 -13.30 -18.53 8.67
C ALA A 1367 -14.43 -19.56 8.62
N ASP A 1368 -14.95 -19.95 9.80
CA ASP A 1368 -16.10 -20.82 9.93
C ASP A 1368 -17.34 -19.93 9.81
N PRO A 1369 -18.23 -20.20 8.86
CA PRO A 1369 -19.43 -19.34 8.71
C PRO A 1369 -20.42 -19.33 9.87
N ASN A 1370 -20.55 -20.44 10.60
CA ASN A 1370 -21.52 -20.59 11.69
C ASN A 1370 -20.96 -20.20 13.07
N SER A 1371 -19.82 -19.51 13.07
CA SER A 1371 -19.02 -19.08 14.22
C SER A 1371 -19.69 -18.13 15.22
N LEU A 1372 -20.25 -17.00 14.76
CA LEU A 1372 -20.86 -16.04 15.68
C LEU A 1372 -22.28 -15.76 15.26
N ALA A 1373 -23.27 -16.27 16.03
CA ALA A 1373 -24.69 -16.07 15.74
C ALA A 1373 -24.97 -14.57 15.75
N ASN A 1374 -24.66 -13.91 16.88
CA ASN A 1374 -24.77 -12.48 17.06
C ASN A 1374 -23.38 -12.11 17.51
N LEU A 1375 -22.54 -11.59 16.61
CA LEU A 1375 -21.15 -11.30 16.96
C LEU A 1375 -21.02 -10.31 18.09
N ASP A 1376 -21.78 -9.21 18.06
CA ASP A 1376 -21.73 -8.17 19.08
C ASP A 1376 -21.80 -8.74 20.48
N GLN A 1377 -22.73 -9.65 20.76
CA GLN A 1377 -22.81 -10.28 22.07
C GLN A 1377 -21.71 -11.30 22.26
N ASP A 1378 -21.53 -12.14 21.24
CA ASP A 1378 -20.59 -13.26 21.30
C ASP A 1378 -19.11 -12.88 21.37
N LEU A 1379 -18.67 -11.79 20.74
CA LEU A 1379 -17.26 -11.43 20.81
C LEU A 1379 -16.85 -11.02 22.23
N PRO A 1380 -17.51 -10.06 22.92
CA PRO A 1380 -17.12 -9.76 24.31
C PRO A 1380 -17.18 -10.97 25.24
N ASN A 1381 -18.15 -11.89 25.03
CA ASN A 1381 -18.28 -13.10 25.85
C ASN A 1381 -17.12 -14.08 25.61
N HIS A 1382 -16.70 -14.27 24.34
CA HIS A 1382 -15.57 -15.14 23.96
C HIS A 1382 -14.23 -14.54 24.42
N MET A 1383 -14.16 -13.22 24.59
CA MET A 1383 -12.95 -12.52 24.99
C MET A 1383 -12.93 -12.11 26.47
N GLN A 1384 -13.90 -12.54 27.30
CA GLN A 1384 -13.88 -12.09 28.69
C GLN A 1384 -12.79 -12.75 29.56
N PHE A 1385 -12.21 -13.87 29.08
CA PHE A 1385 -11.09 -14.55 29.74
C PHE A 1385 -9.87 -13.64 29.57
N THR A 1386 -9.62 -13.27 28.31
CA THR A 1386 -8.53 -12.44 27.79
C THR A 1386 -8.65 -10.96 28.15
N ILE A 1387 -9.85 -10.39 27.93
CA ILE A 1387 -10.18 -8.99 28.17
C ILE A 1387 -11.23 -8.90 29.26
N PRO A 1388 -10.90 -8.24 30.38
CA PRO A 1388 -11.89 -8.12 31.47
C PRO A 1388 -13.18 -7.43 31.05
N ILE A 1389 -14.31 -7.95 31.52
CA ILE A 1389 -15.60 -7.32 31.33
C ILE A 1389 -16.10 -7.03 32.71
N ALA A 1390 -16.34 -5.75 33.00
CA ALA A 1390 -16.94 -5.35 34.26
C ALA A 1390 -18.41 -5.72 34.14
N THR A 1391 -18.97 -6.38 35.18
CA THR A 1391 -20.37 -6.78 35.14
C THR A 1391 -21.19 -5.75 35.90
N LEU A 1392 -22.34 -5.44 35.33
CA LEU A 1392 -23.22 -4.41 35.81
C LEU A 1392 -24.34 -4.86 36.69
N PRO A 1393 -24.81 -3.95 37.59
CA PRO A 1393 -26.03 -4.25 38.36
C PRO A 1393 -27.16 -4.50 37.38
N GLN A 1394 -28.01 -5.48 37.68
CA GLN A 1394 -29.13 -5.77 36.80
C GLN A 1394 -30.28 -4.80 36.96
N GLU A 1395 -30.08 -3.78 37.80
CA GLU A 1395 -31.02 -2.68 37.91
C GLU A 1395 -30.94 -2.05 36.53
N TRP A 1396 -29.82 -2.27 35.80
CA TRP A 1396 -29.52 -1.67 34.50
C TRP A 1396 -30.17 -2.25 33.28
N LEU A 1397 -30.85 -3.39 33.36
CA LEU A 1397 -31.55 -3.89 32.19
C LEU A 1397 -32.78 -4.63 32.53
N TRP A 1398 -33.84 -4.38 31.76
CA TRP A 1398 -35.09 -5.08 31.95
C TRP A 1398 -35.65 -5.50 30.62
N CYS A 1399 -36.16 -6.72 30.58
CA CYS A 1399 -36.75 -7.30 29.40
C CYS A 1399 -37.83 -8.22 29.91
N GLU A 1400 -39.07 -8.00 29.47
CA GLU A 1400 -40.22 -8.80 29.90
C GLU A 1400 -39.98 -10.30 29.75
N THR A 1401 -39.53 -10.71 28.55
CA THR A 1401 -39.23 -12.08 28.16
C THR A 1401 -38.39 -12.85 29.20
N TRP A 1402 -37.36 -12.23 29.80
CA TRP A 1402 -36.47 -12.92 30.73
C TRP A 1402 -36.46 -12.38 32.20
N CYS A 1403 -37.07 -11.19 32.48
CA CYS A 1403 -37.17 -10.60 33.84
C CYS A 1403 -38.62 -10.61 34.34
N SER A 1404 -38.84 -10.85 35.64
CA SER A 1404 -40.18 -10.84 36.25
C SER A 1404 -40.80 -9.43 36.30
N ASP A 1405 -42.14 -9.33 36.38
CA ASP A 1405 -42.85 -8.05 36.44
C ASP A 1405 -42.55 -7.28 37.72
N GLU A 1406 -42.23 -7.99 38.81
CA GLU A 1406 -41.87 -7.42 40.10
C GLU A 1406 -40.57 -6.64 40.00
N THR A 1407 -39.66 -7.11 39.14
CA THR A 1407 -38.34 -6.56 38.88
C THR A 1407 -38.38 -5.12 38.37
N LEU A 1408 -39.27 -4.79 37.41
CA LEU A 1408 -39.33 -3.49 36.72
C LEU A 1408 -39.48 -2.23 37.63
N LYS A 1409 -39.92 -2.37 38.90
CA LYS A 1409 -40.04 -1.21 39.80
C LYS A 1409 -38.68 -0.54 39.98
N ASP A 1410 -37.63 -1.37 40.15
CA ASP A 1410 -36.23 -0.96 40.33
C ASP A 1410 -35.47 -1.00 38.99
N ALA A 1411 -36.18 -1.09 37.86
CA ALA A 1411 -35.50 -1.12 36.55
C ALA A 1411 -35.09 0.26 36.10
N ARG A 1412 -33.88 0.35 35.56
CA ARG A 1412 -33.24 1.57 35.08
C ARG A 1412 -33.55 1.83 33.61
N THR A 1413 -33.39 0.79 32.73
CA THR A 1413 -33.66 0.87 31.29
C THR A 1413 -34.26 -0.44 30.78
N ILE A 1414 -35.02 -0.37 29.67
CA ILE A 1414 -35.72 -1.51 29.08
C ILE A 1414 -35.35 -1.81 27.64
N ASP A 1415 -34.86 -3.03 27.37
CA ASP A 1415 -34.67 -3.45 25.99
C ASP A 1415 -35.95 -4.16 25.61
N LEU A 1416 -36.31 -4.09 24.35
CA LEU A 1416 -37.44 -4.83 23.85
C LEU A 1416 -36.84 -6.08 23.22
N CYS A 1417 -36.50 -7.10 24.03
CA CYS A 1417 -35.94 -8.29 23.39
C CYS A 1417 -37.06 -9.13 22.83
N ASN A 1418 -36.77 -9.89 21.76
CA ASN A 1418 -37.67 -10.73 20.98
C ASN A 1418 -38.53 -11.67 21.83
N ASN A 1419 -39.76 -11.94 21.35
CA ASN A 1419 -40.92 -12.68 21.87
C ASN A 1419 -40.48 -13.85 22.72
N PRO A 1420 -40.06 -15.07 22.33
CA PRO A 1420 -40.23 -15.90 21.13
C PRO A 1420 -41.28 -17.01 21.38
N MET A 1421 -42.00 -16.91 22.52
CA MET A 1421 -43.14 -17.72 22.88
C MET A 1421 -44.43 -16.95 22.49
N THR A 1422 -44.25 -15.84 21.76
CA THR A 1422 -45.32 -15.06 21.14
C THR A 1422 -44.84 -14.72 19.76
N LYS A 1423 -45.69 -13.97 19.05
CA LYS A 1423 -45.39 -13.30 17.81
C LYS A 1423 -45.73 -11.82 17.93
N GLU A 1424 -45.98 -11.30 19.17
CA GLU A 1424 -46.29 -9.87 19.31
C GLU A 1424 -45.12 -9.05 18.82
N PRO A 1425 -45.40 -8.03 17.98
CA PRO A 1425 -44.31 -7.24 17.40
C PRO A 1425 -43.84 -6.09 18.29
N LYS A 1426 -42.68 -5.51 17.95
CA LYS A 1426 -42.02 -4.42 18.67
C LYS A 1426 -42.90 -3.19 18.92
N LEU A 1427 -43.72 -2.77 17.94
CA LEU A 1427 -44.63 -1.63 18.13
C LEU A 1427 -45.62 -1.90 19.26
N ASP A 1428 -46.10 -3.14 19.36
CA ASP A 1428 -47.03 -3.59 20.39
C ASP A 1428 -46.43 -3.62 21.78
N ARG A 1429 -45.21 -4.17 21.93
CA ARG A 1429 -44.54 -4.27 23.23
C ARG A 1429 -44.38 -2.89 23.84
N ALA A 1430 -43.92 -1.92 23.07
CA ALA A 1430 -43.70 -0.56 23.50
C ALA A 1430 -44.90 0.09 24.16
N ARG A 1431 -46.07 0.04 23.50
CA ARG A 1431 -47.29 0.65 24.01
C ARG A 1431 -47.83 -0.05 25.25
N ARG A 1432 -47.78 -1.40 25.26
CA ARG A 1432 -48.22 -2.21 26.39
C ARG A 1432 -47.21 -2.17 27.54
N GLN A 1433 -45.92 -2.40 27.25
CA GLN A 1433 -44.84 -2.47 28.23
C GLN A 1433 -44.57 -1.14 28.91
N VAL A 1434 -44.55 -0.03 28.15
CA VAL A 1434 -44.29 1.31 28.70
C VAL A 1434 -45.45 2.28 28.41
N PRO A 1435 -46.09 2.87 29.45
CA PRO A 1435 -47.19 3.82 29.19
C PRO A 1435 -46.74 5.19 28.67
N GLU A 1436 -45.52 5.64 29.05
CA GLU A 1436 -44.96 6.94 28.67
C GLU A 1436 -44.33 6.97 27.26
N TRP A 1437 -44.30 5.81 26.55
CA TRP A 1437 -43.77 5.66 25.19
C TRP A 1437 -44.55 6.57 24.22
N THR A 1438 -45.89 6.63 24.36
CA THR A 1438 -46.78 7.44 23.55
C THR A 1438 -46.51 8.93 23.75
N LYS A 1439 -46.33 9.37 25.02
CA LYS A 1439 -46.01 10.76 25.39
C LYS A 1439 -44.79 11.25 24.61
N TYR A 1440 -43.74 10.40 24.52
CA TYR A 1440 -42.53 10.71 23.77
C TYR A 1440 -42.82 10.76 22.29
N ASP A 1441 -43.59 9.78 21.77
CA ASP A 1441 -43.96 9.69 20.35
C ASP A 1441 -44.75 10.91 19.88
N GLU A 1442 -45.71 11.40 20.70
CA GLU A 1442 -46.55 12.57 20.43
C GLU A 1442 -45.68 13.82 20.25
N GLU A 1443 -44.71 14.03 21.17
CA GLU A 1443 -43.76 15.14 21.18
C GLU A 1443 -43.01 15.22 19.85
N ILE A 1444 -42.44 14.09 19.40
CA ILE A 1444 -41.72 13.97 18.13
C ILE A 1444 -42.66 14.24 16.95
N ALA A 1445 -43.84 13.58 16.96
CA ALA A 1445 -44.88 13.68 15.92
C ALA A 1445 -45.30 15.12 15.62
N GLU A 1446 -45.64 15.91 16.65
CA GLU A 1446 -46.06 17.29 16.47
C GLU A 1446 -44.92 18.18 15.97
N LEU A 1447 -43.70 17.94 16.46
CA LEU A 1447 -42.50 18.68 16.06
C LEU A 1447 -42.22 18.47 14.58
N ALA A 1448 -42.27 17.20 14.11
CA ALA A 1448 -42.07 16.87 12.71
C ALA A 1448 -43.06 17.67 11.85
N ARG A 1449 -44.33 17.75 12.30
CA ARG A 1449 -45.35 18.52 11.60
C ARG A 1449 -45.10 20.02 11.70
N ARG A 1450 -44.60 20.49 12.87
CA ARG A 1450 -44.24 21.89 13.15
C ARG A 1450 -43.14 22.34 12.18
N VAL A 1451 -42.18 21.45 11.90
CA VAL A 1451 -41.07 21.66 10.98
C VAL A 1451 -41.59 21.72 9.54
N ARG A 1452 -42.44 20.73 9.16
CA ARG A 1452 -43.06 20.61 7.84
C ARG A 1452 -43.94 21.83 7.52
N GLU A 1453 -44.58 22.41 8.57
CA GLU A 1453 -45.41 23.60 8.44
C GLU A 1453 -44.64 24.89 8.77
N GLU A 1454 -43.30 24.79 8.96
CA GLU A 1454 -42.42 25.93 9.24
C GLU A 1454 -41.81 26.47 7.94
#